data_8IW9
#
_entry.id   8IW9
#
loop_
_entity.id
_entity.type
_entity.pdbx_description
1 polymer 'Guanine nucleotide-binding protein G(s) subunit alpha isoforms short'
2 polymer 'Guanine nucleotide-binding protein G(I)/G(S)/G(T) subunit beta-1'
3 polymer 'Guanine nucleotide-binding protein G(I)/G(S)/G(O) subunit gamma-2'
4 polymer 'Trace amine-associated receptor 9'
5 polymer scFv16
6 polymer Nanobody-35
#
loop_
_entity_poly.entity_id
_entity_poly.type
_entity_poly.pdbx_seq_one_letter_code
_entity_poly.pdbx_strand_id
1 'polypeptide(L)'
;MMGCTLSAEDKAAVERSKMIEKQLQKDKQVYRATHRLLLLGADNSGKSTIVKQMRIYHVNGYSEEECKQYKAVVYSNTIQ
SIIAIIRAMGRLKIDFGDSARADDARQLFVLAGAAEEGFMTAELAGVIKRLWKDSGVQACFNRSREYQLNDSAAYYLNDL
DRIAQPNYIPTQQDVLRTRVKTSGIFETKFQVDKVNFHMFDVGAQRDERRKWIQCFNDVTAIIFVVDSSDYNRLQEALND
FKSIWNNRWLRTISVILFLNKQDLLAEKVLAGKSKIEDYFPEFARYTTPEDATPEPGEDPRVTRAKYFIRDEFLRISTAS
GDGRHYCYPHFTCSVDTENARRIFNDCRDIIQRMHLRQYELL
;
A
2 'polypeptide(L)'
;MHHHHHHGSLLQSELDQLRQEAEQLKNQIRDARKACADATLSQITNNIDPVGRIQMRTRRTLRGHLAKIYAMHWGTDSRL
LVSASQDGKLIIWDSYTTNKVHAIPLRSSWVMTCAYAPSGNYVACGGLDNICSIYNLKTREGNVRVSRELAGHTGYLSCC
RFLDDNQIVTSSGDTTCALWDIETGQQTTTFTGHTGDVMSLSLAPDTRLFVSGACDASAKLWDVREGMCRQTFTGHESDI
NAICFFPNGNAFATGSDDATCRLFDLRADQELMTYSHDNIICGITSVSFSKSGRLLLAGYDDFNCNVWDALKADRAGVLA
GHDNRVSCLGVTDDGMAVATGSWDSFLKIWNGSSGGGGSGGGGSSGVSGWRLFKKIS
;
B
3 'polypeptide(L)' NTASIAQARKLVEQLKMEANIDRIKVSKAAADLMAYCEAHAKEDPLLTPVPASENPFRE C
4 'polypeptide(L)'
;MTSDFSPEPPMELCYENVNGSCIKSSYAPWPRAILYGVLGLGALLAVFGNLLVIIAILHFKQLHTPTNFLVASLACADFL
VGVTVMPFSTVRSVESCWYFGESYCKFHTCFDTSFCFASLFHLCCISIDRYIAVTDPLTYPTKFTVSVSGLCIALSWFFS
VTYSFSIFYTGANEEGIEELVVALTCVGGCQAPLNQNWVLLCFLLFFLPTVVMVFLYGRIFLVAKYQARKIEGTANQAQA
SSESYKERVAKRERKAAKTLGIAMAAFLVSWLPYIIDAVIDAYMNFITPAYVYEILVWCVYYNSAMNPLIYAFFYPWFRK
AIKLIVSGKVFRADSSTTNLFSEEAGAG
;
R
5 'polypeptide(L)'
;MLLVNQSHQGFNKEHTSKMVSAIVLYVLLAAAAHSAFAVQLVESGGGLVQPGGSRKLSCSASGFAFSSFGMHWVRQAPEK
GLEWVAYISSGSGTIYYADTVKGRFTISRDDPKNTLFLQMTSLRSEDTAMYYCVRSIYYYGSSPFDFWGQGTTLTVSAGG
GGSGGGGSGGGGSADIVMTQATSSVPVTPGESVSISCRSSKSLLHSNGNTYLYWFLQRPGQSPQLLIYRMSNLASGVPDR
FSGSGSGTAFTLTISRLEAEDVGVYYCMQHLEYPLTFGAGTKLEL
;
S
6 'polypeptide(L)'
;QVQLQESGGGLVQPGGSLRLSCAASGFTFSNYKMNWVRQAPGKGLEWVSDISQSGASISYTGSVKGRFTISRDNAKNTLY
LQMNSLKPEDTAVYYCARCPAPFTRDCFDVTSTTYAYRGQGTQVTVSS
;
N
#
# COMPACT_ATOMS: atom_id res chain seq x y z
N THR A 5 -16.09 24.48 17.35
CA THR A 5 -15.13 23.67 16.61
C THR A 5 -15.84 22.61 15.77
N LEU A 6 -16.28 21.54 16.43
CA LEU A 6 -16.94 20.42 15.77
C LEU A 6 -18.35 20.24 16.34
N SER A 7 -19.30 20.00 15.46
CA SER A 7 -20.68 19.77 15.88
C SER A 7 -20.80 18.40 16.55
N ALA A 8 -22.00 18.14 17.09
CA ALA A 8 -22.23 16.86 17.76
C ALA A 8 -22.11 15.70 16.79
N GLU A 9 -22.65 15.85 15.58
CA GLU A 9 -22.53 14.79 14.58
C GLU A 9 -21.10 14.63 14.09
N ASP A 10 -20.35 15.72 14.00
CA ASP A 10 -18.96 15.63 13.55
C ASP A 10 -18.12 14.81 14.52
N LYS A 11 -18.34 15.00 15.82
CA LYS A 11 -17.57 14.24 16.80
C LYS A 11 -17.85 12.75 16.69
N ALA A 12 -19.12 12.38 16.48
CA ALA A 12 -19.45 10.96 16.34
C ALA A 12 -18.86 10.38 15.07
N ALA A 13 -18.75 11.18 14.01
CA ALA A 13 -18.11 10.70 12.78
C ALA A 13 -16.64 10.38 13.00
N VAL A 14 -15.94 11.23 13.76
CA VAL A 14 -14.54 10.98 14.05
C VAL A 14 -14.38 9.75 14.93
N GLU A 15 -15.30 9.54 15.87
CA GLU A 15 -15.24 8.37 16.72
C GLU A 15 -15.37 7.09 15.91
N ARG A 16 -16.27 7.08 14.92
CA ARG A 16 -16.40 5.92 14.04
C ARG A 16 -15.13 5.70 13.23
N SER A 17 -14.51 6.78 12.76
CA SER A 17 -13.28 6.65 11.98
C SER A 17 -12.16 6.05 12.83
N LYS A 18 -12.03 6.49 14.07
CA LYS A 18 -10.99 5.93 14.94
C LYS A 18 -11.28 4.47 15.29
N MET A 19 -12.55 4.07 15.27
CA MET A 19 -12.87 2.66 15.49
C MET A 19 -12.49 1.81 14.28
N ILE A 20 -12.55 2.38 13.08
CA ILE A 20 -12.12 1.66 11.88
C ILE A 20 -10.61 1.49 11.88
N GLU A 21 -9.88 2.54 12.29
CA GLU A 21 -8.43 2.45 12.37
C GLU A 21 -7.98 1.33 13.29
N LYS A 22 -8.71 1.12 14.39
CA LYS A 22 -8.36 0.04 15.30
C LYS A 22 -8.51 -1.33 14.65
N GLN A 23 -9.55 -1.50 13.82
CA GLN A 23 -9.71 -2.75 13.09
C GLN A 23 -8.58 -2.97 12.10
N LEU A 24 -8.13 -1.90 11.43
CA LEU A 24 -7.06 -2.04 10.46
C LEU A 24 -5.76 -2.49 11.13
N GLN A 25 -5.49 -1.96 12.31
CA GLN A 25 -4.29 -2.36 13.02
C GLN A 25 -4.36 -3.84 13.31
N LYS A 26 -5.50 -4.29 13.82
CA LYS A 26 -5.65 -5.70 14.17
C LYS A 26 -5.40 -6.59 12.95
N ASP A 27 -5.84 -6.15 11.78
CA ASP A 27 -5.61 -6.92 10.56
C ASP A 27 -4.18 -6.85 10.09
N LYS A 28 -3.47 -5.76 10.38
CA LYS A 28 -2.07 -5.65 9.98
C LYS A 28 -1.21 -6.69 10.69
N GLN A 29 -1.54 -7.03 11.93
CA GLN A 29 -0.78 -8.05 12.65
C GLN A 29 -0.85 -9.39 11.93
N VAL A 30 -2.03 -9.77 11.44
CA VAL A 30 -2.16 -11.01 10.70
C VAL A 30 -1.44 -10.91 9.36
N TYR A 31 -1.52 -9.75 8.71
CA TYR A 31 -0.90 -9.58 7.41
C TYR A 31 0.61 -9.69 7.47
N ARG A 32 1.22 -9.25 8.57
CA ARG A 32 2.67 -9.32 8.71
C ARG A 32 3.15 -10.70 9.17
N ALA A 33 2.26 -11.56 9.64
CA ALA A 33 2.64 -12.87 10.15
C ALA A 33 2.48 -13.99 9.13
N THR A 34 2.09 -13.67 7.91
CA THR A 34 1.93 -14.66 6.85
C THR A 34 2.88 -14.35 5.70
N HIS A 35 3.33 -15.40 5.02
CA HIS A 35 4.24 -15.27 3.90
C HIS A 35 3.56 -15.78 2.65
N ARG A 36 3.63 -14.99 1.58
CA ARG A 36 2.97 -15.31 0.32
C ARG A 36 4.00 -15.78 -0.69
N LEU A 37 3.69 -16.87 -1.39
CA LEU A 37 4.59 -17.46 -2.37
C LEU A 37 3.86 -17.61 -3.70
N LEU A 38 4.55 -17.32 -4.79
CA LEU A 38 4.03 -17.51 -6.13
C LEU A 38 4.64 -18.76 -6.75
N LEU A 39 3.78 -19.64 -7.26
CA LEU A 39 4.20 -20.92 -7.82
C LEU A 39 4.04 -20.87 -9.33
N LEU A 40 5.15 -20.86 -10.05
CA LEU A 40 5.17 -20.86 -11.49
C LEU A 40 5.52 -22.25 -12.02
N GLY A 41 5.68 -22.36 -13.34
CA GLY A 41 6.04 -23.63 -13.94
C GLY A 41 5.21 -23.96 -15.16
N ALA A 42 5.74 -24.81 -16.03
CA ALA A 42 5.06 -25.19 -17.26
C ALA A 42 4.07 -26.32 -17.00
N ASP A 43 3.28 -26.63 -18.03
CA ASP A 43 2.27 -27.67 -17.91
C ASP A 43 2.90 -29.05 -17.75
N ASN A 44 3.98 -29.32 -18.48
CA ASN A 44 4.61 -30.64 -18.41
C ASN A 44 5.25 -30.92 -17.06
N SER A 45 5.49 -29.89 -16.25
CA SER A 45 6.08 -30.10 -14.94
C SER A 45 5.06 -30.73 -13.99
N GLY A 46 5.47 -30.95 -12.75
CA GLY A 46 4.60 -31.57 -11.78
C GLY A 46 4.02 -30.60 -10.78
N LYS A 47 3.87 -29.33 -11.18
CA LYS A 47 3.39 -28.32 -10.26
C LYS A 47 2.00 -28.65 -9.74
N SER A 48 1.16 -29.26 -10.58
CA SER A 48 -0.18 -29.64 -10.13
C SER A 48 -0.11 -30.70 -9.04
N THR A 49 0.79 -31.67 -9.19
CA THR A 49 0.92 -32.74 -8.20
C THR A 49 1.50 -32.21 -6.89
N ILE A 50 2.44 -31.26 -6.98
CA ILE A 50 3.08 -30.74 -5.78
C ILE A 50 2.06 -30.05 -4.89
N VAL A 51 1.21 -29.20 -5.48
CA VAL A 51 0.20 -28.52 -4.68
C VAL A 51 -0.86 -29.50 -4.19
N LYS A 52 -1.10 -30.58 -4.93
CA LYS A 52 -2.05 -31.58 -4.49
C LYS A 52 -1.56 -32.30 -3.23
N GLN A 53 -0.28 -32.63 -3.18
CA GLN A 53 0.27 -33.32 -2.02
C GLN A 53 0.23 -32.45 -0.77
N MET A 54 0.60 -31.17 -0.91
CA MET A 54 0.61 -30.28 0.25
C MET A 54 -0.79 -30.06 0.80
N ARG A 55 -1.75 -29.85 -0.09
CA ARG A 55 -3.14 -29.63 0.31
C ARG A 55 -3.71 -30.84 1.05
N ILE A 56 -3.45 -32.03 0.53
CA ILE A 56 -3.95 -33.25 1.14
C ILE A 56 -3.26 -33.51 2.47
N TYR A 57 -1.94 -33.28 2.53
CA TYR A 57 -1.18 -33.55 3.74
C TYR A 57 -1.38 -32.49 4.82
N HIS A 58 -1.57 -31.25 4.40
CA HIS A 58 -1.78 -30.13 5.31
C HIS A 58 -0.71 -30.08 6.40
N VAL A 180 -17.46 -21.55 -9.69
CA VAL A 180 -16.00 -21.56 -9.79
C VAL A 180 -15.60 -22.43 -10.98
N LYS A 181 -15.70 -21.87 -12.18
CA LYS A 181 -15.35 -22.57 -13.40
C LYS A 181 -14.25 -21.89 -14.20
N THR A 182 -14.13 -20.56 -14.13
CA THR A 182 -13.11 -19.81 -14.85
C THR A 182 -12.32 -18.95 -13.88
N SER A 183 -12.05 -19.46 -12.69
CA SER A 183 -11.28 -18.71 -11.70
C SER A 183 -9.85 -18.49 -12.21
N GLY A 184 -9.40 -17.25 -12.10
CA GLY A 184 -8.09 -16.88 -12.61
C GLY A 184 -6.93 -17.13 -11.68
N ILE A 185 -7.19 -17.58 -10.45
CA ILE A 185 -6.11 -17.82 -9.49
C ILE A 185 -6.61 -18.82 -8.46
N PHE A 186 -5.69 -19.64 -7.95
CA PHE A 186 -6.00 -20.64 -6.94
C PHE A 186 -5.12 -20.40 -5.72
N GLU A 187 -5.68 -20.68 -4.55
CA GLU A 187 -4.99 -20.46 -3.29
C GLU A 187 -4.96 -21.75 -2.48
N THR A 188 -3.84 -21.97 -1.79
CA THR A 188 -3.70 -23.09 -0.88
C THR A 188 -2.96 -22.60 0.37
N LYS A 189 -3.39 -23.08 1.53
CA LYS A 189 -2.83 -22.65 2.81
C LYS A 189 -2.28 -23.86 3.53
N PHE A 190 -1.02 -23.77 3.98
CA PHE A 190 -0.40 -24.82 4.77
C PHE A 190 0.40 -24.19 5.89
N GLN A 191 0.57 -24.95 6.97
CA GLN A 191 1.22 -24.47 8.19
C GLN A 191 2.37 -25.40 8.54
N VAL A 192 3.54 -24.82 8.81
CA VAL A 192 4.72 -25.58 9.21
C VAL A 192 5.31 -24.91 10.45
N ASP A 193 5.36 -25.65 11.55
CA ASP A 193 5.95 -25.18 12.80
C ASP A 193 5.32 -23.86 13.25
N LYS A 194 4.00 -23.86 13.34
CA LYS A 194 3.19 -22.76 13.88
C LYS A 194 3.28 -21.49 13.05
N VAL A 195 3.73 -21.59 11.80
CA VAL A 195 3.85 -20.44 10.90
C VAL A 195 3.05 -20.68 9.63
N ASN A 196 2.48 -19.62 9.08
CA ASN A 196 1.58 -19.75 7.93
C ASN A 196 2.09 -19.29 6.59
N PHE A 197 1.63 -19.98 5.55
CA PHE A 197 2.00 -19.64 4.17
C PHE A 197 0.84 -19.68 3.19
N HIS A 198 0.81 -18.73 2.25
CA HIS A 198 -0.18 -18.69 1.19
C HIS A 198 0.53 -18.87 -0.14
N MET A 199 0.05 -19.81 -0.95
CA MET A 199 0.66 -20.13 -2.23
C MET A 199 -0.37 -19.93 -3.34
N PHE A 200 0.00 -19.13 -4.34
CA PHE A 200 -0.88 -18.80 -5.45
C PHE A 200 -0.32 -19.35 -6.75
N ASP A 201 -1.22 -19.81 -7.63
CA ASP A 201 -0.85 -20.21 -8.99
C ASP A 201 -1.99 -19.85 -9.92
N VAL A 202 -1.65 -19.25 -11.07
CA VAL A 202 -2.67 -18.84 -12.02
C VAL A 202 -3.28 -20.07 -12.68
N GLY A 203 -4.58 -19.99 -12.97
CA GLY A 203 -5.29 -21.12 -13.50
C GLY A 203 -6.01 -20.90 -14.81
N ALA A 204 -6.39 -19.65 -15.11
CA ALA A 204 -7.19 -19.39 -16.29
C ALA A 204 -6.73 -18.17 -17.07
N GLN A 205 -5.51 -17.68 -16.83
CA GLN A 205 -5.00 -16.57 -17.60
C GLN A 205 -4.54 -17.04 -18.98
N ARG A 206 -4.32 -16.08 -19.87
CA ARG A 206 -3.81 -16.37 -21.20
C ARG A 206 -2.32 -16.67 -21.14
N ASP A 207 -1.74 -16.99 -22.30
CA ASP A 207 -0.30 -17.25 -22.35
C ASP A 207 0.51 -16.00 -22.03
N GLU A 208 -0.02 -14.83 -22.33
CA GLU A 208 0.68 -13.59 -22.02
C GLU A 208 0.84 -13.43 -20.51
N ARG A 209 2.05 -13.07 -20.08
CA ARG A 209 2.32 -12.83 -18.67
C ARG A 209 3.05 -11.52 -18.44
N ARG A 210 3.10 -10.64 -19.43
CA ARG A 210 3.85 -9.41 -19.32
C ARG A 210 3.23 -8.44 -18.32
N LYS A 211 1.91 -8.46 -18.17
CA LYS A 211 1.20 -7.46 -17.39
C LYS A 211 0.84 -7.92 -15.99
N TRP A 212 0.28 -9.12 -15.83
CA TRP A 212 -0.16 -9.54 -14.52
C TRP A 212 0.97 -10.05 -13.64
N ILE A 213 2.20 -10.09 -14.13
CA ILE A 213 3.32 -10.52 -13.30
C ILE A 213 3.78 -9.43 -12.35
N GLN A 214 3.43 -8.17 -12.61
CA GLN A 214 3.87 -7.09 -11.74
C GLN A 214 3.13 -7.08 -10.41
N CYS A 215 2.01 -7.78 -10.30
CA CYS A 215 1.28 -7.81 -9.04
C CYS A 215 2.08 -8.50 -7.94
N PHE A 216 2.88 -9.50 -8.30
CA PHE A 216 3.65 -10.27 -7.33
C PHE A 216 5.06 -9.70 -7.16
N ASN A 217 5.17 -8.40 -6.86
CA ASN A 217 6.45 -7.77 -6.65
C ASN A 217 6.83 -7.67 -5.18
N ASP A 218 6.00 -8.21 -4.28
CA ASP A 218 6.26 -8.12 -2.85
C ASP A 218 6.17 -9.48 -2.16
N VAL A 219 6.06 -10.57 -2.91
CA VAL A 219 6.01 -11.89 -2.29
C VAL A 219 7.35 -12.23 -1.66
N THR A 220 7.33 -13.19 -0.75
CA THR A 220 8.55 -13.61 -0.08
C THR A 220 9.51 -14.29 -1.06
N ALA A 221 9.00 -15.20 -1.88
CA ALA A 221 9.83 -15.92 -2.83
C ALA A 221 8.96 -16.46 -3.95
N ILE A 222 9.62 -16.82 -5.05
CA ILE A 222 8.98 -17.40 -6.22
C ILE A 222 9.44 -18.84 -6.34
N ILE A 223 8.50 -19.77 -6.43
CA ILE A 223 8.80 -21.19 -6.58
C ILE A 223 8.72 -21.53 -8.06
N PHE A 224 9.83 -21.96 -8.64
CA PHE A 224 9.92 -22.31 -10.05
C PHE A 224 10.10 -23.82 -10.16
N VAL A 225 9.21 -24.47 -10.89
CA VAL A 225 9.22 -25.92 -11.06
C VAL A 225 9.65 -26.23 -12.48
N VAL A 226 10.62 -27.14 -12.63
CA VAL A 226 11.19 -27.50 -13.91
C VAL A 226 11.11 -29.01 -14.08
N ASP A 227 10.65 -29.46 -15.25
CA ASP A 227 10.67 -30.87 -15.60
C ASP A 227 11.99 -31.16 -16.31
N SER A 228 12.97 -31.59 -15.53
CA SER A 228 14.32 -31.86 -16.05
C SER A 228 14.47 -33.28 -16.56
N SER A 229 13.39 -34.06 -16.63
CA SER A 229 13.47 -35.46 -17.00
C SER A 229 13.27 -35.70 -18.49
N ARG A 233 13.10 -29.84 -25.16
CA ARG A 233 12.37 -28.63 -24.78
C ARG A 233 12.75 -28.18 -23.37
N LEU A 234 14.04 -28.14 -23.08
CA LEU A 234 14.49 -27.59 -21.80
C LEU A 234 15.00 -26.17 -21.93
N GLN A 235 15.12 -25.66 -23.16
CA GLN A 235 15.68 -24.33 -23.37
C GLN A 235 14.71 -23.23 -22.99
N GLU A 236 13.42 -23.40 -23.30
CA GLU A 236 12.47 -22.34 -23.00
C GLU A 236 12.28 -22.18 -21.50
N ALA A 237 12.48 -23.26 -20.73
CA ALA A 237 12.49 -23.12 -19.28
C ALA A 237 13.63 -22.21 -18.83
N LEU A 238 14.80 -22.37 -19.44
CA LEU A 238 15.92 -21.47 -19.15
C LEU A 238 15.59 -20.04 -19.56
N ASN A 239 14.92 -19.87 -20.70
CA ASN A 239 14.54 -18.53 -21.13
C ASN A 239 13.55 -17.89 -20.16
N ASP A 240 12.58 -18.67 -19.67
CA ASP A 240 11.63 -18.17 -18.69
C ASP A 240 12.35 -17.77 -17.40
N PHE A 241 13.29 -18.60 -16.94
CA PHE A 241 14.06 -18.26 -15.76
C PHE A 241 14.84 -16.97 -15.96
N LYS A 242 15.47 -16.82 -17.13
CA LYS A 242 16.22 -15.60 -17.41
C LYS A 242 15.33 -14.37 -17.43
N SER A 243 14.15 -14.49 -18.06
CA SER A 243 13.24 -13.35 -18.13
C SER A 243 12.72 -12.97 -16.75
N ILE A 244 12.40 -13.96 -15.92
CA ILE A 244 11.92 -13.67 -14.57
C ILE A 244 13.03 -13.04 -13.74
N TRP A 245 14.25 -13.55 -13.86
CA TRP A 245 15.35 -13.06 -13.03
C TRP A 245 15.65 -11.59 -13.30
N ASN A 246 15.62 -11.18 -14.56
CA ASN A 246 16.07 -9.85 -14.95
C ASN A 246 14.95 -8.83 -15.01
N ASN A 247 13.73 -9.19 -14.61
CA ASN A 247 12.62 -8.24 -14.64
C ASN A 247 12.87 -7.09 -13.67
N ARG A 248 12.48 -5.88 -14.09
CA ARG A 248 12.69 -4.72 -13.24
C ARG A 248 11.85 -4.78 -11.98
N TRP A 249 10.59 -5.19 -12.09
CA TRP A 249 9.71 -5.25 -10.94
C TRP A 249 9.88 -6.53 -10.13
N LEU A 250 10.55 -7.54 -10.68
CA LEU A 250 10.78 -8.79 -9.97
C LEU A 250 12.16 -8.87 -9.35
N ARG A 251 12.90 -7.77 -9.33
CA ARG A 251 14.17 -7.74 -8.62
C ARG A 251 13.93 -7.82 -7.12
N THR A 252 15.00 -8.13 -6.38
CA THR A 252 14.94 -8.30 -4.93
C THR A 252 13.95 -9.38 -4.52
N ILE A 253 13.75 -10.38 -5.40
CA ILE A 253 12.89 -11.52 -5.11
C ILE A 253 13.70 -12.78 -5.33
N SER A 254 13.79 -13.61 -4.29
CA SER A 254 14.54 -14.86 -4.39
C SER A 254 13.69 -15.92 -5.07
N VAL A 255 14.37 -16.87 -5.71
CA VAL A 255 13.72 -17.93 -6.46
C VAL A 255 14.11 -19.27 -5.85
N ILE A 256 13.10 -20.06 -5.48
CA ILE A 256 13.31 -21.43 -5.01
C ILE A 256 13.07 -22.34 -6.20
N LEU A 257 14.12 -22.99 -6.67
CA LEU A 257 14.07 -23.75 -7.92
C LEU A 257 13.93 -25.24 -7.60
N PHE A 258 12.85 -25.84 -8.07
CA PHE A 258 12.58 -27.26 -7.89
C PHE A 258 12.86 -27.98 -9.21
N LEU A 259 13.77 -28.94 -9.19
CA LEU A 259 14.07 -29.76 -10.36
C LEU A 259 13.31 -31.07 -10.18
N ASN A 260 12.07 -31.10 -10.65
CA ASN A 260 11.15 -32.18 -10.36
C ASN A 260 11.42 -33.38 -11.26
N LYS A 261 10.83 -34.51 -10.88
CA LYS A 261 10.86 -35.75 -11.66
C LYS A 261 12.29 -36.21 -11.90
N GLN A 262 12.97 -36.55 -10.79
CA GLN A 262 14.37 -36.96 -10.90
C GLN A 262 14.49 -38.46 -11.16
N ASP A 263 13.53 -39.25 -10.69
CA ASP A 263 13.55 -40.69 -10.97
C ASP A 263 13.43 -40.95 -12.46
N LEU A 264 12.57 -40.18 -13.14
CA LEU A 264 12.43 -40.34 -14.58
C LEU A 264 13.74 -40.03 -15.30
N LEU A 265 14.43 -38.97 -14.88
CA LEU A 265 15.74 -38.67 -15.46
C LEU A 265 16.73 -39.80 -15.20
N ALA A 266 16.71 -40.36 -13.99
CA ALA A 266 17.62 -41.44 -13.66
C ALA A 266 17.38 -42.66 -14.54
N GLU A 267 16.12 -43.00 -14.76
CA GLU A 267 15.77 -44.15 -15.58
C GLU A 267 15.92 -43.88 -17.08
N LYS A 268 15.97 -42.61 -17.46
CA LYS A 268 16.11 -42.26 -18.87
C LYS A 268 17.58 -42.22 -19.29
N VAL A 269 18.43 -41.62 -18.47
CA VAL A 269 19.85 -41.57 -18.82
C VAL A 269 20.47 -42.97 -18.73
N LEU A 270 19.91 -43.82 -17.87
CA LEU A 270 20.44 -45.18 -17.70
C LEU A 270 20.12 -46.08 -18.90
N ALA A 271 18.96 -45.86 -19.51
CA ALA A 271 18.56 -46.65 -20.67
C ALA A 271 19.54 -46.42 -21.81
N GLY A 272 19.93 -45.17 -22.00
CA GLY A 272 20.88 -44.80 -23.04
C GLY A 272 20.27 -44.63 -24.41
N LYS A 273 18.95 -44.70 -24.50
CA LYS A 273 18.25 -44.55 -25.78
C LYS A 273 18.47 -43.18 -26.39
N SER A 274 18.44 -42.15 -25.53
CA SER A 274 18.64 -40.78 -25.98
C SER A 274 19.84 -40.14 -25.31
N LYS A 275 20.65 -39.45 -26.11
CA LYS A 275 21.84 -38.75 -25.63
C LYS A 275 21.59 -37.26 -25.48
N ILE A 276 22.02 -36.71 -24.35
CA ILE A 276 21.87 -35.28 -24.03
C ILE A 276 22.72 -34.32 -24.85
N GLU A 277 23.76 -34.82 -25.52
CA GLU A 277 24.68 -33.95 -26.26
C GLU A 277 24.07 -33.20 -27.46
N ASP A 278 23.14 -33.82 -28.16
CA ASP A 278 22.49 -33.17 -29.30
C ASP A 278 21.97 -31.77 -28.95
N TYR A 279 21.00 -31.73 -28.05
CA TYR A 279 20.44 -30.48 -27.55
C TYR A 279 21.50 -29.62 -26.88
N PHE A 280 22.42 -30.24 -26.15
CA PHE A 280 23.48 -29.53 -25.42
C PHE A 280 24.82 -30.13 -25.82
N PRO A 281 25.49 -29.54 -26.82
CA PRO A 281 26.78 -30.10 -27.26
C PRO A 281 27.88 -30.01 -26.22
N GLU A 282 27.78 -29.09 -25.27
CA GLU A 282 28.86 -28.89 -24.29
C GLU A 282 28.80 -29.87 -23.13
N PHE A 283 27.79 -30.74 -23.08
CA PHE A 283 27.67 -31.66 -21.95
C PHE A 283 28.81 -32.66 -21.91
N ALA A 284 29.29 -33.11 -23.08
CA ALA A 284 30.39 -34.07 -23.10
C ALA A 284 31.64 -33.48 -22.47
N ARG A 285 31.93 -32.22 -22.75
CA ARG A 285 33.09 -31.54 -22.17
C ARG A 285 32.65 -30.89 -20.86
N TYR A 286 32.53 -31.71 -19.83
CA TYR A 286 32.05 -31.28 -18.52
C TYR A 286 32.31 -32.40 -17.52
N THR A 287 32.65 -32.04 -16.29
CA THR A 287 32.95 -33.00 -15.25
C THR A 287 32.12 -32.69 -14.00
N THR A 288 31.90 -33.73 -13.20
CA THR A 288 31.13 -33.58 -11.97
C THR A 288 31.86 -32.66 -11.01
N PRO A 289 31.19 -31.69 -10.40
CA PRO A 289 31.87 -30.80 -9.44
C PRO A 289 32.33 -31.58 -8.22
N GLU A 290 33.43 -31.11 -7.62
CA GLU A 290 34.03 -31.80 -6.49
C GLU A 290 33.12 -31.75 -5.26
N ASP A 291 32.36 -30.68 -5.09
CA ASP A 291 31.49 -30.52 -3.93
C ASP A 291 30.20 -31.33 -4.03
N ALA A 292 29.96 -31.99 -5.16
CA ALA A 292 28.73 -32.75 -5.34
C ALA A 292 28.66 -33.88 -4.31
N THR A 293 27.43 -34.14 -3.82
CA THR A 293 27.17 -35.18 -2.83
C THR A 293 26.16 -36.15 -3.42
N PRO A 294 26.60 -37.07 -4.26
CA PRO A 294 25.66 -38.01 -4.89
C PRO A 294 25.09 -38.99 -3.90
N GLU A 295 23.92 -39.53 -4.25
CA GLU A 295 23.33 -40.58 -3.45
C GLU A 295 24.24 -41.82 -3.47
N PRO A 296 24.33 -42.56 -2.37
CA PRO A 296 25.28 -43.68 -2.32
C PRO A 296 24.93 -44.84 -3.24
N GLY A 297 23.73 -44.88 -3.81
CA GLY A 297 23.35 -45.98 -4.67
C GLY A 297 23.19 -45.60 -6.13
N GLU A 298 23.38 -44.32 -6.44
CA GLU A 298 23.15 -43.82 -7.79
C GLU A 298 24.41 -43.93 -8.64
N ASP A 299 24.19 -44.15 -9.94
CA ASP A 299 25.29 -44.16 -10.90
C ASP A 299 25.88 -42.76 -11.02
N PRO A 300 27.20 -42.65 -11.22
CA PRO A 300 27.78 -41.31 -11.40
C PRO A 300 27.31 -40.60 -12.67
N ARG A 301 26.78 -41.34 -13.64
CA ARG A 301 26.26 -40.70 -14.86
C ARG A 301 25.07 -39.82 -14.54
N VAL A 302 24.14 -40.31 -13.71
CA VAL A 302 22.98 -39.52 -13.34
C VAL A 302 23.42 -38.30 -12.54
N THR A 303 24.46 -38.46 -11.71
CA THR A 303 24.97 -37.33 -10.94
C THR A 303 25.55 -36.27 -11.85
N ARG A 304 26.32 -36.69 -12.85
CA ARG A 304 26.90 -35.74 -13.80
C ARG A 304 25.81 -35.00 -14.56
N ALA A 305 24.79 -35.72 -15.03
CA ALA A 305 23.71 -35.07 -15.76
C ALA A 305 22.95 -34.09 -14.87
N LYS A 306 22.63 -34.52 -13.65
CA LYS A 306 21.88 -33.66 -12.73
C LYS A 306 22.64 -32.39 -12.43
N TYR A 307 23.95 -32.51 -12.14
CA TYR A 307 24.71 -31.33 -11.78
C TYR A 307 24.99 -30.46 -12.99
N PHE A 308 25.06 -31.05 -14.19
CA PHE A 308 25.16 -30.23 -15.40
C PHE A 308 23.92 -29.37 -15.57
N ILE A 309 22.73 -29.96 -15.38
CA ILE A 309 21.50 -29.20 -15.50
C ILE A 309 21.45 -28.11 -14.43
N ARG A 310 21.83 -28.46 -13.20
CA ARG A 310 21.80 -27.48 -12.11
C ARG A 310 22.77 -26.32 -12.38
N ASP A 311 23.96 -26.62 -12.90
CA ASP A 311 24.91 -25.57 -13.21
C ASP A 311 24.43 -24.71 -14.36
N GLU A 312 23.78 -25.32 -15.36
CA GLU A 312 23.21 -24.53 -16.45
C GLU A 312 22.17 -23.56 -15.93
N PHE A 313 21.34 -24.00 -14.99
CA PHE A 313 20.35 -23.09 -14.39
C PHE A 313 21.03 -22.02 -13.56
N LEU A 314 22.05 -22.38 -12.78
CA LEU A 314 22.69 -21.43 -11.87
C LEU A 314 23.56 -20.42 -12.60
N ARG A 315 23.96 -20.71 -13.84
CA ARG A 315 24.77 -19.76 -14.59
C ARG A 315 24.05 -18.44 -14.80
N ILE A 316 22.74 -18.51 -15.10
CA ILE A 316 21.96 -17.28 -15.27
C ILE A 316 21.88 -16.51 -13.96
N SER A 317 21.61 -17.23 -12.86
CA SER A 317 21.41 -16.56 -11.57
C SER A 317 22.70 -15.93 -11.06
N THR A 318 23.85 -16.53 -11.35
CA THR A 318 25.13 -16.02 -10.88
C THR A 318 25.77 -15.01 -11.83
N ALA A 319 24.97 -14.32 -12.62
CA ALA A 319 25.48 -13.33 -13.57
C ALA A 319 24.94 -11.93 -13.34
N SER A 320 24.00 -11.74 -12.42
CA SER A 320 23.41 -10.43 -12.17
C SER A 320 22.84 -10.41 -10.76
N GLY A 321 22.30 -9.27 -10.37
CA GLY A 321 21.74 -9.11 -9.03
C GLY A 321 22.77 -8.66 -8.03
N ASP A 322 23.79 -9.48 -7.82
CA ASP A 322 24.93 -9.15 -6.95
C ASP A 322 24.46 -8.82 -5.54
N GLY A 323 23.89 -9.84 -4.88
CA GLY A 323 23.54 -9.75 -3.48
C GLY A 323 22.11 -9.34 -3.20
N ARG A 324 21.37 -8.86 -4.21
CA ARG A 324 19.98 -8.46 -3.97
C ARG A 324 19.09 -9.68 -3.77
N HIS A 325 19.32 -10.74 -4.54
CA HIS A 325 18.51 -11.95 -4.44
C HIS A 325 19.35 -13.14 -4.89
N TYR A 326 18.96 -14.32 -4.43
CA TYR A 326 19.70 -15.55 -4.68
C TYR A 326 18.73 -16.66 -5.08
N CYS A 327 19.31 -17.76 -5.58
CA CYS A 327 18.56 -18.92 -6.00
C CYS A 327 18.91 -20.11 -5.09
N TYR A 328 17.92 -20.97 -4.86
CA TYR A 328 18.05 -22.11 -3.95
C TYR A 328 17.63 -23.39 -4.68
N PRO A 329 18.54 -23.98 -5.46
CA PRO A 329 18.18 -25.18 -6.20
C PRO A 329 17.93 -26.37 -5.29
N HIS A 330 17.11 -27.30 -5.76
CA HIS A 330 16.81 -28.52 -5.03
C HIS A 330 16.59 -29.66 -6.00
N PHE A 331 16.83 -30.88 -5.53
CA PHE A 331 16.61 -32.10 -6.30
C PHE A 331 15.45 -32.84 -5.64
N THR A 332 14.27 -32.74 -6.23
CA THR A 332 13.06 -33.27 -5.62
C THR A 332 12.26 -34.08 -6.62
N CYS A 333 11.36 -34.91 -6.07
CA CYS A 333 10.40 -35.67 -6.86
C CYS A 333 9.00 -35.23 -6.50
N SER A 334 8.06 -35.47 -7.42
CA SER A 334 6.68 -35.04 -7.20
C SER A 334 6.03 -35.75 -6.02
N VAL A 335 6.46 -36.99 -5.73
CA VAL A 335 5.87 -37.76 -4.65
C VAL A 335 6.54 -37.51 -3.31
N ASP A 336 7.55 -36.64 -3.26
CA ASP A 336 8.27 -36.38 -2.03
C ASP A 336 7.35 -35.74 -0.99
N THR A 337 7.74 -35.88 0.28
CA THR A 337 6.97 -35.34 1.39
C THR A 337 7.70 -34.25 2.17
N GLU A 338 8.96 -33.96 1.86
CA GLU A 338 9.73 -32.96 2.58
C GLU A 338 9.73 -31.60 1.91
N ASN A 339 8.88 -31.40 0.88
CA ASN A 339 8.89 -30.14 0.15
C ASN A 339 8.53 -28.96 1.06
N ALA A 340 7.55 -29.15 1.94
CA ALA A 340 7.15 -28.08 2.84
C ALA A 340 8.31 -27.67 3.74
N ARG A 341 9.06 -28.65 4.25
CA ARG A 341 10.21 -28.34 5.10
C ARG A 341 11.27 -27.57 4.32
N ARG A 342 11.50 -27.95 3.06
CA ARG A 342 12.47 -27.23 2.25
C ARG A 342 12.05 -25.79 2.04
N ILE A 343 10.76 -25.57 1.74
CA ILE A 343 10.27 -24.20 1.55
C ILE A 343 10.41 -23.40 2.84
N PHE A 344 10.10 -24.02 3.98
CA PHE A 344 10.25 -23.35 5.26
C PHE A 344 11.70 -22.94 5.51
N ASN A 345 12.63 -23.87 5.27
CA ASN A 345 14.05 -23.58 5.49
C ASN A 345 14.53 -22.46 4.58
N ASP A 346 14.11 -22.48 3.30
CA ASP A 346 14.56 -21.45 2.38
C ASP A 346 13.97 -20.09 2.74
N CYS A 347 12.70 -20.05 3.16
CA CYS A 347 12.12 -18.78 3.58
C CYS A 347 12.84 -18.24 4.81
N ARG A 348 13.16 -19.13 5.76
CA ARG A 348 13.90 -18.71 6.94
C ARG A 348 15.27 -18.14 6.55
N ASP A 349 15.96 -18.80 5.62
CA ASP A 349 17.24 -18.30 5.17
C ASP A 349 17.10 -16.93 4.50
N ILE A 350 16.07 -16.75 3.68
CA ILE A 350 15.89 -15.48 2.99
C ILE A 350 15.65 -14.35 3.99
N ILE A 351 14.76 -14.58 4.96
CA ILE A 351 14.46 -13.53 5.93
C ILE A 351 15.67 -13.25 6.81
N GLN A 352 16.40 -14.30 7.22
CA GLN A 352 17.59 -14.09 8.03
C GLN A 352 18.64 -13.30 7.28
N ARG A 353 18.85 -13.61 5.99
CA ARG A 353 19.81 -12.86 5.20
C ARG A 353 19.40 -11.40 5.06
N MET A 354 18.11 -11.16 4.84
CA MET A 354 17.63 -9.79 4.75
C MET A 354 17.87 -9.03 6.05
N HIS A 355 17.58 -9.67 7.20
CA HIS A 355 17.80 -9.02 8.49
C HIS A 355 19.28 -8.72 8.71
N LEU A 356 20.17 -9.68 8.38
CA LEU A 356 21.59 -9.45 8.56
C LEU A 356 22.09 -8.32 7.68
N ARG A 357 21.63 -8.27 6.43
CA ARG A 357 22.04 -7.19 5.55
C ARG A 357 21.51 -5.83 6.01
N GLN A 358 20.32 -5.81 6.61
CA GLN A 358 19.74 -4.55 7.05
C GLN A 358 20.57 -3.91 8.16
N TYR A 359 21.01 -4.70 9.13
CA TYR A 359 21.72 -4.19 10.30
C TYR A 359 23.23 -4.05 10.06
N GLU A 360 23.66 -4.00 8.80
CA GLU A 360 25.03 -3.67 8.43
C GLU A 360 26.04 -4.62 9.06
N LEU A 361 25.77 -5.93 8.93
CA LEU A 361 26.75 -6.91 9.38
C LEU A 361 26.87 -8.09 8.40
N LEU A 362 26.41 -7.92 7.17
CA LEU A 362 26.59 -8.96 6.14
C LEU A 362 26.69 -8.31 4.77
N GLU B 14 -6.05 -18.69 -51.13
CA GLU B 14 -6.80 -17.45 -51.17
C GLU B 14 -6.45 -16.55 -50.00
N LEU B 15 -5.60 -17.06 -49.10
CA LEU B 15 -5.20 -16.31 -47.93
C LEU B 15 -4.42 -15.05 -48.31
N ASP B 16 -3.57 -15.16 -49.30
CA ASP B 16 -2.76 -14.03 -49.76
C ASP B 16 -3.61 -13.01 -50.52
N GLN B 17 -4.52 -13.51 -51.34
CA GLN B 17 -5.39 -12.65 -52.13
C GLN B 17 -6.12 -11.64 -51.24
N LEU B 18 -6.56 -12.07 -50.07
CA LEU B 18 -7.18 -11.14 -49.13
C LEU B 18 -6.16 -10.22 -48.50
N ARG B 19 -4.98 -10.75 -48.22
CA ARG B 19 -3.90 -9.96 -47.61
C ARG B 19 -3.57 -8.77 -48.48
N GLN B 20 -3.48 -8.99 -49.79
CA GLN B 20 -3.17 -7.91 -50.72
C GLN B 20 -4.27 -6.86 -50.68
N GLU B 21 -5.52 -7.32 -50.63
CA GLU B 21 -6.67 -6.42 -50.57
C GLU B 21 -6.64 -5.61 -49.28
N ALA B 22 -6.27 -6.27 -48.19
CA ALA B 22 -6.19 -5.64 -46.88
C ALA B 22 -5.08 -4.59 -46.80
N GLU B 23 -4.00 -4.83 -47.53
CA GLU B 23 -2.86 -3.92 -47.55
C GLU B 23 -3.19 -2.73 -48.43
N GLN B 24 -3.72 -3.01 -49.63
CA GLN B 24 -4.09 -1.96 -50.57
C GLN B 24 -5.19 -1.09 -49.98
N LEU B 25 -6.14 -1.74 -49.31
CA LEU B 25 -7.25 -1.05 -48.68
C LEU B 25 -6.74 -0.18 -47.54
N LYS B 26 -5.75 -0.69 -46.82
CA LYS B 26 -5.18 0.05 -45.70
C LYS B 26 -4.54 1.34 -46.20
N ASN B 27 -3.84 1.24 -47.32
CA ASN B 27 -3.18 2.40 -47.92
C ASN B 27 -4.22 3.44 -48.33
N GLN B 28 -5.32 2.96 -48.90
CA GLN B 28 -6.41 3.83 -49.34
C GLN B 28 -6.87 4.68 -48.16
N ILE B 29 -6.65 4.17 -46.96
CA ILE B 29 -7.02 4.87 -45.74
C ILE B 29 -5.92 5.83 -45.30
N ARG B 30 -4.67 5.39 -45.36
CA ARG B 30 -3.56 6.24 -44.94
C ARG B 30 -3.44 7.47 -45.83
N ASP B 31 -3.62 7.29 -47.13
CA ASP B 31 -3.59 8.42 -48.03
C ASP B 31 -4.71 9.37 -47.65
N ALA B 32 -5.92 8.83 -47.50
CA ALA B 32 -7.05 9.67 -47.16
C ALA B 32 -6.77 10.50 -45.91
N ARG B 33 -6.17 9.88 -44.90
CA ARG B 33 -5.81 10.61 -43.68
C ARG B 33 -4.80 11.69 -43.98
N LYS B 34 -3.80 11.37 -44.79
CA LYS B 34 -2.78 12.35 -45.12
C LYS B 34 -3.44 13.54 -45.77
N ALA B 35 -4.21 13.26 -46.82
CA ALA B 35 -4.91 14.33 -47.52
C ALA B 35 -5.68 15.20 -46.56
N CYS B 36 -6.49 14.57 -45.72
CA CYS B 36 -7.33 15.34 -44.80
C CYS B 36 -6.53 16.23 -43.86
N ALA B 37 -5.20 16.08 -43.82
CA ALA B 37 -4.35 16.89 -42.96
C ALA B 37 -3.74 18.02 -43.77
N ASP B 38 -3.88 19.25 -43.28
CA ASP B 38 -3.36 20.42 -43.96
C ASP B 38 -2.45 21.29 -43.09
N ALA B 39 -2.66 21.29 -41.77
CA ALA B 39 -1.84 22.09 -40.87
C ALA B 39 -1.68 21.35 -39.56
N THR B 40 -0.66 21.76 -38.79
CA THR B 40 -0.39 21.16 -37.50
C THR B 40 -1.00 21.99 -36.38
N LEU B 41 -1.43 21.31 -35.31
CA LEU B 41 -2.00 22.02 -34.17
C LEU B 41 -0.97 22.93 -33.50
N SER B 42 0.31 22.59 -33.60
CA SER B 42 1.35 23.44 -33.02
C SER B 42 1.38 24.80 -33.70
N GLN B 43 1.25 24.83 -35.03
CA GLN B 43 1.26 26.10 -35.74
C GLN B 43 0.05 26.95 -35.39
N ILE B 44 -1.11 26.33 -35.22
CA ILE B 44 -2.33 27.09 -34.92
C ILE B 44 -2.22 27.76 -33.56
N THR B 45 -1.64 27.08 -32.58
CA THR B 45 -1.52 27.60 -31.22
C THR B 45 -0.22 28.37 -31.00
N ASN B 46 0.53 28.68 -32.07
CA ASN B 46 1.79 29.38 -31.91
C ASN B 46 1.60 30.82 -31.42
N ASN B 47 0.40 31.38 -31.56
CA ASN B 47 0.17 32.78 -31.22
C ASN B 47 -0.31 32.97 -29.79
N ILE B 48 -1.06 32.01 -29.23
CA ILE B 48 -1.62 32.18 -27.91
C ILE B 48 -0.52 32.20 -26.86
N ASP B 49 -0.75 32.93 -25.78
CA ASP B 49 0.26 33.06 -24.74
C ASP B 49 0.46 31.76 -23.98
N PRO B 50 1.66 31.56 -23.45
CA PRO B 50 1.92 30.35 -22.66
C PRO B 50 1.17 30.38 -21.34
N VAL B 51 0.91 29.18 -20.81
CA VAL B 51 0.13 29.06 -19.59
C VAL B 51 0.92 29.47 -18.36
N GLY B 52 2.25 29.54 -18.46
CA GLY B 52 3.07 29.91 -17.33
C GLY B 52 3.29 28.76 -16.37
N ARG B 53 4.07 29.05 -15.33
CA ARG B 53 4.39 28.04 -14.34
C ARG B 53 3.17 27.71 -13.48
N ILE B 54 3.00 26.44 -13.15
CA ILE B 54 1.91 25.97 -12.32
C ILE B 54 2.51 25.30 -11.08
N GLN B 55 2.12 25.77 -9.90
CA GLN B 55 2.63 25.25 -8.65
C GLN B 55 1.47 24.67 -7.85
N MET B 56 1.63 23.42 -7.41
CA MET B 56 0.65 22.75 -6.59
C MET B 56 1.34 22.16 -5.37
N ARG B 57 0.67 22.23 -4.22
CA ARG B 57 1.20 21.68 -2.98
C ARG B 57 0.20 20.71 -2.39
N THR B 58 0.71 19.61 -1.84
CA THR B 58 -0.16 18.60 -1.25
C THR B 58 -0.93 19.19 -0.09
N ARG B 59 -2.24 18.94 -0.07
CA ARG B 59 -3.11 19.45 0.98
C ARG B 59 -3.56 18.39 1.97
N ARG B 60 -3.65 17.14 1.53
CA ARG B 60 -4.06 16.04 2.40
C ARG B 60 -3.16 14.85 2.15
N THR B 61 -3.08 13.97 3.15
CA THR B 61 -2.35 12.71 3.02
C THR B 61 -3.18 11.64 3.68
N LEU B 62 -3.77 10.76 2.86
CA LEU B 62 -4.71 9.75 3.33
C LEU B 62 -3.94 8.44 3.50
N ARG B 63 -3.78 8.01 4.75
CA ARG B 63 -3.00 6.83 5.06
C ARG B 63 -3.87 5.81 5.79
N GLY B 64 -3.48 4.55 5.68
CA GLY B 64 -4.25 3.47 6.29
C GLY B 64 -4.25 2.20 5.46
N HIS B 65 -3.73 2.27 4.24
CA HIS B 65 -3.65 1.10 3.38
C HIS B 65 -2.40 0.28 3.72
N LEU B 66 -2.59 -1.02 3.92
CA LEU B 66 -1.48 -1.88 4.30
C LEU B 66 -0.47 -2.04 3.17
N ALA B 67 -0.94 -2.18 1.94
CA ALA B 67 -0.06 -2.45 0.81
C ALA B 67 -0.30 -1.45 -0.32
N LYS B 68 0.34 -1.71 -1.47
CA LYS B 68 0.25 -0.79 -2.60
C LYS B 68 -1.18 -0.72 -3.12
N ILE B 69 -1.53 0.44 -3.69
CA ILE B 69 -2.86 0.70 -4.21
C ILE B 69 -2.79 0.79 -5.72
N TYR B 70 -3.80 0.26 -6.40
CA TYR B 70 -3.84 0.20 -7.85
C TYR B 70 -4.80 1.19 -8.49
N ALA B 71 -5.93 1.48 -7.86
CA ALA B 71 -6.94 2.29 -8.51
C ALA B 71 -7.67 3.16 -7.49
N MET B 72 -8.26 4.23 -7.99
CA MET B 72 -9.12 5.10 -7.20
C MET B 72 -10.12 5.77 -8.15
N HIS B 73 -11.19 6.29 -7.57
CA HIS B 73 -12.22 6.95 -8.37
C HIS B 73 -12.95 7.97 -7.50
N TRP B 74 -13.02 9.21 -7.99
CA TRP B 74 -13.72 10.26 -7.28
C TRP B 74 -15.23 10.03 -7.34
N GLY B 75 -15.92 10.53 -6.32
CA GLY B 75 -17.37 10.50 -6.34
C GLY B 75 -17.94 11.58 -7.24
N THR B 76 -19.25 11.51 -7.44
CA THR B 76 -19.92 12.48 -8.30
C THR B 76 -19.97 13.85 -7.65
N ASP B 77 -20.04 13.92 -6.33
CA ASP B 77 -20.11 15.18 -5.61
C ASP B 77 -18.76 15.80 -5.36
N SER B 78 -17.67 15.17 -5.81
CA SER B 78 -16.31 15.65 -5.59
C SER B 78 -15.98 15.77 -4.11
N ARG B 79 -16.60 14.94 -3.28
CA ARG B 79 -16.35 14.93 -1.84
C ARG B 79 -15.84 13.58 -1.37
N LEU B 80 -16.47 12.48 -1.79
CA LEU B 80 -16.06 11.15 -1.41
C LEU B 80 -15.22 10.51 -2.51
N LEU B 81 -14.39 9.56 -2.11
CA LEU B 81 -13.60 8.80 -3.07
C LEU B 81 -13.32 7.42 -2.50
N VAL B 82 -13.03 6.48 -3.39
CA VAL B 82 -12.80 5.08 -3.03
C VAL B 82 -11.46 4.65 -3.62
N SER B 83 -10.74 3.82 -2.88
CA SER B 83 -9.43 3.33 -3.32
C SER B 83 -9.32 1.85 -3.04
N ALA B 84 -8.55 1.16 -3.89
CA ALA B 84 -8.36 -0.28 -3.80
C ALA B 84 -6.88 -0.60 -3.60
N SER B 85 -6.60 -1.56 -2.73
CA SER B 85 -5.22 -1.93 -2.42
C SER B 85 -5.09 -3.44 -2.39
N GLN B 86 -3.86 -3.92 -2.57
CA GLN B 86 -3.59 -5.33 -2.72
C GLN B 86 -3.68 -6.12 -1.42
N ASP B 87 -3.82 -5.46 -0.28
CA ASP B 87 -4.04 -6.20 0.96
C ASP B 87 -5.45 -6.76 1.07
N GLY B 88 -6.33 -6.39 0.15
CA GLY B 88 -7.68 -6.92 0.14
C GLY B 88 -8.68 -6.04 0.86
N LYS B 89 -8.64 -4.73 0.60
CA LYS B 89 -9.50 -3.79 1.29
C LYS B 89 -9.96 -2.69 0.35
N LEU B 90 -11.21 -2.27 0.53
CA LEU B 90 -11.75 -1.09 -0.13
C LEU B 90 -12.09 -0.07 0.94
N ILE B 91 -11.65 1.17 0.77
CA ILE B 91 -11.87 2.22 1.75
C ILE B 91 -12.50 3.41 1.05
N ILE B 92 -13.64 3.87 1.56
CA ILE B 92 -14.27 5.09 1.10
C ILE B 92 -13.87 6.21 2.04
N TRP B 93 -13.24 7.25 1.49
CA TRP B 93 -12.71 8.34 2.28
C TRP B 93 -13.61 9.55 2.20
N ASP B 94 -13.58 10.37 3.25
CA ASP B 94 -14.14 11.72 3.23
C ASP B 94 -12.99 12.67 2.98
N SER B 95 -12.95 13.28 1.79
CA SER B 95 -11.78 14.03 1.37
C SER B 95 -11.54 15.25 2.25
N TYR B 96 -12.60 15.98 2.61
CA TYR B 96 -12.43 17.24 3.33
C TYR B 96 -11.86 17.01 4.72
N THR B 97 -12.45 16.10 5.50
CA THR B 97 -12.09 15.89 6.88
C THR B 97 -11.13 14.71 7.08
N THR B 98 -10.73 14.03 6.01
CA THR B 98 -9.76 12.94 6.06
C THR B 98 -10.30 11.74 6.84
N ASN B 99 -11.59 11.75 7.17
CA ASN B 99 -12.19 10.66 7.93
C ASN B 99 -12.31 9.41 7.07
N LYS B 100 -12.81 8.34 7.67
CA LYS B 100 -13.03 7.07 6.97
C LYS B 100 -14.48 6.68 7.13
N VAL B 101 -15.15 6.46 6.00
CA VAL B 101 -16.58 6.15 6.01
C VAL B 101 -16.82 4.65 6.06
N HIS B 102 -16.15 3.89 5.18
CA HIS B 102 -16.35 2.45 5.12
C HIS B 102 -15.01 1.76 4.88
N ALA B 103 -14.94 0.49 5.30
CA ALA B 103 -13.78 -0.36 5.04
C ALA B 103 -14.31 -1.73 4.67
N ILE B 104 -14.18 -2.10 3.40
CA ILE B 104 -14.80 -3.31 2.86
C ILE B 104 -13.70 -4.34 2.61
N PRO B 105 -13.73 -5.49 3.29
CA PRO B 105 -12.80 -6.57 2.94
C PRO B 105 -13.25 -7.29 1.69
N LEU B 106 -12.28 -7.77 0.91
CA LEU B 106 -12.54 -8.42 -0.37
C LEU B 106 -12.32 -9.93 -0.27
N ARG B 107 -13.05 -10.67 -1.10
CA ARG B 107 -12.87 -12.12 -1.14
C ARG B 107 -11.49 -12.49 -1.67
N SER B 108 -11.03 -11.82 -2.72
CA SER B 108 -9.74 -12.07 -3.32
C SER B 108 -8.86 -10.84 -3.14
N SER B 109 -7.62 -11.05 -2.71
CA SER B 109 -6.73 -9.95 -2.37
C SER B 109 -6.07 -9.33 -3.59
N TRP B 110 -6.25 -9.90 -4.78
CA TRP B 110 -5.63 -9.39 -6.01
C TRP B 110 -6.68 -8.58 -6.76
N VAL B 111 -6.68 -7.27 -6.51
CA VAL B 111 -7.63 -6.34 -7.11
C VAL B 111 -6.87 -5.34 -7.97
N MET B 112 -7.41 -5.04 -9.15
CA MET B 112 -6.74 -4.15 -10.08
C MET B 112 -7.54 -2.93 -10.50
N THR B 113 -8.83 -2.86 -10.16
CA THR B 113 -9.65 -1.75 -10.64
C THR B 113 -10.70 -1.41 -9.59
N CYS B 114 -11.22 -0.19 -9.69
CA CYS B 114 -12.24 0.31 -8.78
C CYS B 114 -13.14 1.28 -9.54
N ALA B 115 -14.39 1.40 -9.09
CA ALA B 115 -15.34 2.28 -9.76
C ALA B 115 -16.41 2.72 -8.77
N TYR B 116 -16.79 4.00 -8.87
CA TYR B 116 -17.84 4.57 -8.04
C TYR B 116 -19.05 4.87 -8.92
N ALA B 117 -20.22 4.41 -8.47
CA ALA B 117 -21.44 4.64 -9.24
C ALA B 117 -21.78 6.13 -9.26
N PRO B 118 -22.33 6.64 -10.37
CA PRO B 118 -22.70 8.06 -10.41
C PRO B 118 -23.73 8.46 -9.36
N SER B 119 -24.63 7.55 -9.01
CA SER B 119 -25.65 7.84 -8.00
C SER B 119 -25.10 7.73 -6.58
N GLY B 120 -23.90 7.20 -6.39
CA GLY B 120 -23.35 7.02 -5.07
C GLY B 120 -23.92 5.86 -4.30
N ASN B 121 -24.64 4.95 -4.96
CA ASN B 121 -25.27 3.83 -4.28
C ASN B 121 -24.46 2.54 -4.33
N TYR B 122 -23.54 2.41 -5.29
CA TYR B 122 -22.83 1.16 -5.49
C TYR B 122 -21.35 1.43 -5.73
N VAL B 123 -20.55 0.41 -5.47
CA VAL B 123 -19.12 0.43 -5.74
C VAL B 123 -18.74 -0.92 -6.32
N ALA B 124 -17.74 -0.92 -7.21
CA ALA B 124 -17.34 -2.13 -7.92
C ALA B 124 -15.83 -2.29 -7.89
N CYS B 125 -15.39 -3.54 -7.93
CA CYS B 125 -13.96 -3.86 -7.94
C CYS B 125 -13.77 -5.24 -8.55
N GLY B 126 -12.54 -5.49 -9.00
CA GLY B 126 -12.21 -6.77 -9.59
C GLY B 126 -10.72 -6.86 -9.85
N GLY B 127 -10.28 -8.05 -10.24
CA GLY B 127 -8.87 -8.29 -10.47
C GLY B 127 -8.56 -9.64 -11.08
N LEU B 128 -7.52 -10.29 -10.55
CA LEU B 128 -7.06 -11.57 -11.07
C LEU B 128 -8.07 -12.70 -10.86
N ASP B 129 -9.10 -12.49 -10.05
CA ASP B 129 -10.07 -13.53 -9.77
C ASP B 129 -11.08 -13.71 -10.91
N ASN B 130 -11.03 -12.85 -11.92
CA ASN B 130 -11.95 -12.94 -13.07
C ASN B 130 -13.40 -12.60 -12.74
N ILE B 131 -13.63 -11.99 -11.58
CA ILE B 131 -15.00 -11.69 -11.15
C ILE B 131 -15.12 -10.19 -10.92
N CYS B 132 -16.20 -9.61 -11.41
CA CYS B 132 -16.53 -8.21 -11.15
C CYS B 132 -17.57 -8.16 -10.04
N SER B 133 -17.15 -7.75 -8.85
CA SER B 133 -18.03 -7.70 -7.69
C SER B 133 -18.66 -6.32 -7.57
N ILE B 134 -19.90 -6.30 -7.08
CA ILE B 134 -20.66 -5.07 -6.90
C ILE B 134 -21.19 -5.04 -5.49
N TYR B 135 -20.96 -3.93 -4.79
CA TYR B 135 -21.31 -3.79 -3.38
C TYR B 135 -22.40 -2.75 -3.20
N ASN B 136 -23.31 -3.03 -2.26
CA ASN B 136 -24.41 -2.13 -1.94
C ASN B 136 -24.02 -1.29 -0.72
N LEU B 137 -24.06 0.03 -0.88
CA LEU B 137 -23.67 0.93 0.21
C LEU B 137 -24.86 1.36 1.06
N LYS B 138 -25.99 1.70 0.44
CA LYS B 138 -27.16 2.19 1.17
C LYS B 138 -28.12 1.05 1.49
N THR B 139 -27.61 0.05 2.20
CA THR B 139 -28.42 -1.11 2.57
C THR B 139 -29.36 -0.81 3.74
N ARG B 140 -30.29 -1.74 4.00
CA ARG B 140 -31.25 -1.58 5.08
C ARG B 140 -30.56 -1.52 6.43
N GLU B 141 -29.55 -2.36 6.61
CA GLU B 141 -28.78 -2.39 7.85
C GLU B 141 -27.55 -1.53 7.68
N GLY B 142 -26.60 -1.63 8.60
CA GLY B 142 -25.39 -0.85 8.49
C GLY B 142 -24.10 -1.42 7.92
N ASN B 143 -24.14 -2.56 7.25
CA ASN B 143 -22.93 -3.20 6.74
C ASN B 143 -23.01 -3.35 5.23
N VAL B 144 -21.91 -3.02 4.54
CA VAL B 144 -21.84 -3.19 3.10
C VAL B 144 -21.76 -4.68 2.78
N ARG B 145 -22.57 -5.12 1.82
CA ARG B 145 -22.63 -6.52 1.44
C ARG B 145 -22.55 -6.66 -0.07
N VAL B 146 -22.12 -7.85 -0.52
CA VAL B 146 -22.02 -8.14 -1.94
C VAL B 146 -23.42 -8.35 -2.51
N SER B 147 -23.71 -7.66 -3.62
CA SER B 147 -25.01 -7.77 -4.26
C SER B 147 -25.00 -8.56 -5.55
N ARG B 148 -23.87 -8.67 -6.24
CA ARG B 148 -23.80 -9.38 -7.50
C ARG B 148 -22.35 -9.72 -7.82
N GLU B 149 -22.16 -10.85 -8.48
CA GLU B 149 -20.84 -11.29 -8.92
C GLU B 149 -20.94 -11.66 -10.40
N LEU B 150 -20.33 -10.85 -11.26
CA LEU B 150 -20.38 -11.05 -12.70
C LEU B 150 -19.21 -11.94 -13.11
N ALA B 151 -19.52 -13.14 -13.62
CA ALA B 151 -18.51 -14.13 -13.98
C ALA B 151 -18.74 -14.59 -15.42
N GLY B 152 -18.12 -13.88 -16.36
CA GLY B 152 -18.19 -14.29 -17.76
C GLY B 152 -16.92 -14.04 -18.54
N HIS B 153 -15.82 -13.80 -17.83
CA HIS B 153 -14.56 -13.45 -18.46
C HIS B 153 -13.55 -14.58 -18.28
N THR B 154 -12.56 -14.61 -19.17
CA THR B 154 -11.54 -15.64 -19.15
C THR B 154 -10.13 -15.07 -19.01
N GLY B 155 -10.00 -13.78 -18.70
CA GLY B 155 -8.70 -13.18 -18.52
C GLY B 155 -8.52 -12.59 -17.13
N TYR B 156 -8.34 -11.27 -17.06
CA TYR B 156 -8.31 -10.57 -15.78
C TYR B 156 -8.89 -9.18 -16.00
N LEU B 157 -9.61 -8.69 -15.00
CA LEU B 157 -10.27 -7.40 -15.11
C LEU B 157 -9.25 -6.27 -15.01
N SER B 158 -9.27 -5.37 -15.97
CA SER B 158 -8.36 -4.23 -16.01
C SER B 158 -9.06 -2.92 -15.65
N CYS B 159 -10.29 -2.73 -16.09
CA CYS B 159 -11.02 -1.51 -15.81
C CYS B 159 -12.52 -1.81 -15.84
N CYS B 160 -13.28 -0.94 -15.19
CA CYS B 160 -14.73 -1.07 -15.17
C CYS B 160 -15.33 0.30 -14.89
N ARG B 161 -16.43 0.62 -15.57
CA ARG B 161 -17.08 1.91 -15.42
C ARG B 161 -18.59 1.70 -15.35
N PHE B 162 -19.25 2.59 -14.62
CA PHE B 162 -20.70 2.54 -14.45
C PHE B 162 -21.37 3.44 -15.46
N LEU B 163 -22.33 2.89 -16.21
CA LEU B 163 -23.20 3.71 -17.04
C LEU B 163 -24.36 4.26 -16.23
N ASP B 164 -25.14 3.37 -15.64
CA ASP B 164 -26.23 3.72 -14.74
C ASP B 164 -26.17 2.80 -13.53
N ASP B 165 -27.23 2.79 -12.72
CA ASP B 165 -27.27 1.89 -11.58
C ASP B 165 -27.46 0.43 -11.99
N ASN B 166 -27.75 0.16 -13.27
CA ASN B 166 -27.99 -1.19 -13.74
C ASN B 166 -27.10 -1.61 -14.89
N GLN B 167 -26.26 -0.73 -15.43
CA GLN B 167 -25.41 -1.05 -16.57
C GLN B 167 -23.97 -0.76 -16.22
N ILE B 168 -23.09 -1.72 -16.50
CA ILE B 168 -21.66 -1.59 -16.25
C ILE B 168 -20.89 -2.21 -17.42
N VAL B 169 -19.79 -1.56 -17.81
CA VAL B 169 -18.96 -2.02 -18.91
C VAL B 169 -17.56 -2.31 -18.37
N THR B 170 -17.02 -3.48 -18.70
CA THR B 170 -15.75 -3.93 -18.18
C THR B 170 -14.81 -4.30 -19.33
N SER B 171 -13.52 -4.24 -19.05
CA SER B 171 -12.47 -4.67 -19.96
C SER B 171 -11.65 -5.76 -19.30
N SER B 172 -11.34 -6.83 -20.03
CA SER B 172 -10.61 -7.95 -19.43
C SER B 172 -9.19 -8.18 -19.92
N GLY B 173 -8.53 -9.16 -19.32
CA GLY B 173 -7.17 -9.53 -19.67
C GLY B 173 -7.12 -10.01 -21.10
N ASP B 174 -8.18 -10.68 -21.52
CA ASP B 174 -8.31 -11.15 -22.89
C ASP B 174 -8.74 -10.00 -23.81
N THR B 175 -8.75 -10.24 -25.12
CA THR B 175 -9.08 -9.18 -26.07
C THR B 175 -10.48 -8.58 -25.94
N THR B 176 -11.47 -9.41 -25.67
CA THR B 176 -12.87 -8.97 -25.57
C THR B 176 -13.26 -8.02 -24.43
N CYS B 177 -14.19 -7.12 -24.75
CA CYS B 177 -14.77 -6.17 -23.80
C CYS B 177 -16.25 -6.52 -23.68
N ALA B 178 -16.91 -6.17 -22.58
CA ALA B 178 -18.32 -6.54 -22.49
C ALA B 178 -19.19 -5.58 -21.68
N LEU B 179 -20.47 -5.57 -22.00
CA LEU B 179 -21.47 -4.75 -21.32
C LEU B 179 -22.41 -5.66 -20.55
N TRP B 180 -22.58 -5.40 -19.27
CA TRP B 180 -23.32 -6.27 -18.37
C TRP B 180 -24.65 -5.63 -17.97
N ASP B 181 -25.55 -6.48 -17.52
CA ASP B 181 -26.82 -6.05 -16.92
C ASP B 181 -26.84 -6.59 -15.49
N ILE B 182 -26.76 -5.67 -14.52
CA ILE B 182 -26.52 -6.08 -13.14
C ILE B 182 -27.70 -6.87 -12.58
N GLU B 183 -28.91 -6.49 -12.95
CA GLU B 183 -30.11 -7.16 -12.42
C GLU B 183 -30.10 -8.64 -12.74
N THR B 184 -29.88 -8.99 -14.01
CA THR B 184 -29.80 -10.38 -14.41
C THR B 184 -28.41 -10.97 -14.18
N GLY B 185 -27.37 -10.15 -14.16
CA GLY B 185 -26.02 -10.69 -14.08
C GLY B 185 -25.61 -11.47 -15.31
N GLN B 186 -25.99 -10.97 -16.50
CA GLN B 186 -25.64 -11.59 -17.76
C GLN B 186 -25.00 -10.55 -18.67
N GLN B 187 -24.44 -11.04 -19.77
CA GLN B 187 -23.82 -10.20 -20.78
C GLN B 187 -24.81 -9.94 -21.90
N THR B 188 -24.96 -8.67 -22.29
CA THR B 188 -25.87 -8.31 -23.36
C THR B 188 -25.15 -7.91 -24.64
N THR B 189 -23.88 -7.50 -24.56
CA THR B 189 -23.12 -7.11 -25.74
C THR B 189 -21.65 -7.41 -25.48
N THR B 190 -20.98 -7.97 -26.49
CA THR B 190 -19.57 -8.28 -26.41
C THR B 190 -18.83 -7.54 -27.52
N PHE B 191 -17.78 -6.82 -27.15
CA PHE B 191 -16.98 -6.06 -28.10
C PHE B 191 -15.69 -6.81 -28.38
N THR B 192 -15.44 -7.11 -29.65
CA THR B 192 -14.28 -7.88 -30.07
C THR B 192 -13.56 -7.16 -31.20
N GLY B 193 -12.27 -7.43 -31.33
CA GLY B 193 -11.48 -6.81 -32.38
C GLY B 193 -10.06 -6.48 -31.95
N HIS B 194 -9.82 -6.47 -30.65
CA HIS B 194 -8.48 -6.21 -30.15
C HIS B 194 -7.60 -7.46 -30.27
N THR B 195 -6.30 -7.24 -30.33
CA THR B 195 -5.32 -8.32 -30.43
C THR B 195 -4.67 -8.64 -29.10
N GLY B 196 -4.25 -7.63 -28.34
CA GLY B 196 -3.69 -7.82 -27.02
C GLY B 196 -4.72 -7.57 -25.93
N ASP B 197 -4.23 -7.67 -24.68
CA ASP B 197 -5.10 -7.46 -23.53
C ASP B 197 -5.47 -6.01 -23.39
N VAL B 198 -6.73 -5.78 -23.07
CA VAL B 198 -7.20 -4.41 -22.88
C VAL B 198 -6.85 -3.95 -21.47
N MET B 199 -6.29 -2.75 -21.36
CA MET B 199 -5.79 -2.25 -20.08
C MET B 199 -6.64 -1.14 -19.48
N SER B 200 -7.13 -0.21 -20.28
CA SER B 200 -7.83 0.95 -19.75
C SER B 200 -9.15 1.15 -20.48
N LEU B 201 -9.93 2.13 -20.01
CA LEU B 201 -11.26 2.40 -20.53
C LEU B 201 -11.61 3.84 -20.21
N SER B 202 -12.56 4.39 -20.97
CA SER B 202 -12.99 5.76 -20.76
C SER B 202 -14.33 5.99 -21.44
N LEU B 203 -15.29 6.49 -20.69
CA LEU B 203 -16.63 6.75 -21.21
C LEU B 203 -16.74 8.18 -21.73
N ALA B 204 -17.57 8.35 -22.74
CA ALA B 204 -17.84 9.68 -23.27
C ALA B 204 -18.78 10.44 -22.34
N PRO B 205 -18.70 11.77 -22.33
CA PRO B 205 -19.64 12.54 -21.50
C PRO B 205 -21.10 12.32 -21.86
N ASP B 206 -21.39 12.06 -23.14
CA ASP B 206 -22.75 11.80 -23.59
C ASP B 206 -23.18 10.36 -23.38
N THR B 207 -22.38 9.56 -22.65
CA THR B 207 -22.63 8.14 -22.37
C THR B 207 -23.21 7.39 -23.56
N ARG B 208 -22.66 7.66 -24.75
CA ARG B 208 -23.04 6.95 -25.96
C ARG B 208 -21.89 6.21 -26.62
N LEU B 209 -20.64 6.59 -26.36
CA LEU B 209 -19.47 5.95 -26.93
C LEU B 209 -18.44 5.77 -25.83
N PHE B 210 -17.44 4.92 -26.11
CA PHE B 210 -16.32 4.76 -25.20
C PHE B 210 -15.12 4.25 -25.97
N VAL B 211 -13.93 4.70 -25.57
CA VAL B 211 -12.70 4.31 -26.22
C VAL B 211 -12.03 3.21 -25.42
N SER B 212 -11.03 2.56 -26.02
CA SER B 212 -10.36 1.43 -25.41
C SER B 212 -8.88 1.48 -25.72
N GLY B 213 -8.08 0.90 -24.83
CA GLY B 213 -6.64 0.83 -25.04
C GLY B 213 -6.08 -0.54 -24.71
N ALA B 214 -5.46 -1.18 -25.69
CA ALA B 214 -4.95 -2.54 -25.54
C ALA B 214 -3.43 -2.55 -25.68
N CYS B 215 -2.85 -3.73 -25.50
CA CYS B 215 -1.41 -3.91 -25.60
C CYS B 215 -1.00 -4.28 -27.02
N ASP B 216 -1.43 -3.48 -27.99
CA ASP B 216 -0.98 -3.63 -29.36
C ASP B 216 -0.80 -2.28 -30.04
N ALA B 217 -0.60 -1.21 -29.27
CA ALA B 217 -0.41 0.14 -29.78
C ALA B 217 -1.58 0.57 -30.67
N SER B 218 -2.80 0.27 -30.23
CA SER B 218 -3.99 0.64 -30.99
C SER B 218 -5.10 1.00 -30.04
N ALA B 219 -5.89 2.00 -30.42
CA ALA B 219 -7.07 2.42 -29.65
C ALA B 219 -8.29 2.37 -30.56
N LYS B 220 -9.40 1.88 -30.02
CA LYS B 220 -10.62 1.68 -30.79
C LYS B 220 -11.78 2.44 -30.17
N LEU B 221 -12.65 2.97 -31.02
CA LEU B 221 -13.84 3.69 -30.58
C LEU B 221 -15.06 2.81 -30.84
N TRP B 222 -15.85 2.56 -29.80
CA TRP B 222 -16.99 1.66 -29.88
C TRP B 222 -18.29 2.43 -29.77
N ASP B 223 -19.36 1.82 -30.26
CA ASP B 223 -20.72 2.34 -30.12
C ASP B 223 -21.48 1.42 -29.18
N VAL B 224 -22.02 1.99 -28.10
CA VAL B 224 -22.65 1.17 -27.06
C VAL B 224 -23.89 0.48 -27.60
N ARG B 225 -24.75 1.22 -28.30
CA ARG B 225 -25.99 0.63 -28.80
C ARG B 225 -25.73 -0.32 -29.97
N GLU B 226 -24.89 0.09 -30.92
CA GLU B 226 -24.62 -0.76 -32.08
C GLU B 226 -23.78 -1.97 -31.71
N GLY B 227 -22.86 -1.82 -30.76
CA GLY B 227 -21.98 -2.91 -30.39
C GLY B 227 -21.01 -3.31 -31.48
N MET B 228 -20.42 -2.33 -32.16
CA MET B 228 -19.48 -2.60 -33.23
C MET B 228 -18.40 -1.52 -33.23
N CYS B 229 -17.18 -1.91 -33.59
CA CYS B 229 -16.09 -0.95 -33.66
C CYS B 229 -16.36 0.08 -34.75
N ARG B 230 -16.08 1.34 -34.43
CA ARG B 230 -16.33 2.44 -35.34
C ARG B 230 -15.07 2.97 -36.01
N GLN B 231 -14.06 3.26 -35.19
CA GLN B 231 -12.80 3.75 -35.72
C GLN B 231 -11.63 3.11 -35.00
N THR B 232 -10.45 3.18 -35.61
CA THR B 232 -9.24 2.64 -35.01
C THR B 232 -8.11 3.64 -35.19
N PHE B 233 -7.35 3.85 -34.12
CA PHE B 233 -6.24 4.81 -34.12
C PHE B 233 -4.96 4.08 -33.77
N THR B 234 -3.91 4.31 -34.55
CA THR B 234 -2.61 3.66 -34.37
C THR B 234 -1.52 4.69 -34.54
N GLY B 235 -0.92 5.13 -33.44
CA GLY B 235 0.18 6.06 -33.51
C GLY B 235 1.27 5.81 -32.49
N HIS B 236 1.11 4.78 -31.66
CA HIS B 236 2.04 4.47 -30.60
C HIS B 236 3.01 3.38 -31.03
N GLU B 237 4.04 3.18 -30.21
CA GLU B 237 5.07 2.20 -30.49
C GLU B 237 5.06 1.01 -29.54
N SER B 238 4.35 1.10 -28.42
CA SER B 238 4.33 0.02 -27.44
C SER B 238 2.93 -0.06 -26.84
N ASP B 239 2.82 -0.78 -25.73
CA ASP B 239 1.52 -0.98 -25.08
C ASP B 239 0.97 0.33 -24.55
N ILE B 240 -0.35 0.44 -24.54
CA ILE B 240 -1.05 1.62 -24.03
C ILE B 240 -1.62 1.28 -22.66
N ASN B 241 -1.31 2.14 -21.68
CA ASN B 241 -1.76 1.92 -20.31
C ASN B 241 -3.09 2.60 -19.97
N ALA B 242 -3.18 3.92 -20.17
CA ALA B 242 -4.40 4.63 -19.85
C ALA B 242 -4.88 5.63 -20.91
N ILE B 243 -6.20 5.81 -21.00
CA ILE B 243 -6.82 6.74 -21.94
C ILE B 243 -7.82 7.62 -21.19
N CYS B 244 -7.64 8.94 -21.25
CA CYS B 244 -8.51 9.84 -20.48
C CYS B 244 -9.53 10.72 -21.23
N PHE B 245 -9.82 10.40 -22.49
CA PHE B 245 -10.78 11.17 -23.29
C PHE B 245 -10.51 12.68 -23.27
N PHE B 246 -11.57 13.47 -23.14
CA PHE B 246 -11.51 14.93 -23.14
C PHE B 246 -12.84 15.47 -22.64
N PRO B 247 -12.85 16.71 -22.12
CA PRO B 247 -14.10 17.28 -21.60
C PRO B 247 -15.11 17.46 -22.72
N ASN B 248 -14.64 17.92 -23.86
CA ASN B 248 -15.47 18.15 -25.04
C ASN B 248 -16.07 16.85 -25.59
N GLY B 249 -15.28 15.79 -25.55
CA GLY B 249 -15.71 14.50 -26.07
C GLY B 249 -15.39 14.29 -27.54
N ASN B 250 -14.73 15.27 -28.15
CA ASN B 250 -14.35 15.18 -29.55
C ASN B 250 -12.90 14.73 -29.74
N ALA B 251 -12.24 14.42 -28.62
CA ALA B 251 -10.84 14.01 -28.65
C ALA B 251 -10.49 13.13 -27.44
N PHE B 252 -9.31 12.52 -27.47
CA PHE B 252 -8.87 11.70 -26.34
C PHE B 252 -7.35 11.59 -26.30
N ALA B 253 -6.80 11.33 -25.12
CA ALA B 253 -5.35 11.22 -24.98
C ALA B 253 -5.01 9.85 -24.43
N THR B 254 -3.81 9.36 -24.80
CA THR B 254 -3.36 8.04 -24.41
C THR B 254 -1.98 8.12 -23.80
N GLY B 255 -1.71 7.22 -22.86
CA GLY B 255 -0.39 7.08 -22.28
C GLY B 255 0.15 5.68 -22.49
N SER B 256 1.39 5.57 -22.99
CA SER B 256 1.93 4.30 -23.40
C SER B 256 3.27 4.05 -22.70
N ASP B 257 3.88 2.92 -23.02
CA ASP B 257 5.13 2.51 -22.38
C ASP B 257 6.37 3.13 -23.01
N ASP B 258 6.24 3.79 -24.16
CA ASP B 258 7.38 4.43 -24.81
C ASP B 258 7.57 5.88 -24.37
N ALA B 259 7.08 6.24 -23.18
CA ALA B 259 7.28 7.57 -22.61
C ALA B 259 6.72 8.67 -23.51
N THR B 260 5.47 8.48 -23.95
CA THR B 260 4.82 9.46 -24.80
C THR B 260 3.34 9.56 -24.44
N CYS B 261 2.79 10.74 -24.68
CA CYS B 261 1.35 10.98 -24.62
C CYS B 261 0.93 11.61 -25.94
N ARG B 262 -0.18 11.14 -26.49
CA ARG B 262 -0.64 11.59 -27.79
C ARG B 262 -2.11 11.99 -27.72
N LEU B 263 -2.46 13.02 -28.49
CA LEU B 263 -3.82 13.54 -28.54
C LEU B 263 -4.42 13.19 -29.89
N PHE B 264 -5.57 12.52 -29.87
CA PHE B 264 -6.27 12.15 -31.09
C PHE B 264 -7.59 12.91 -31.20
N ASP B 265 -8.23 12.83 -32.36
CA ASP B 265 -9.51 13.50 -32.60
C ASP B 265 -10.48 12.56 -33.29
N LEU B 266 -11.75 12.55 -32.86
CA LEU B 266 -12.71 11.65 -33.47
C LEU B 266 -13.08 12.05 -34.89
N ARG B 267 -13.00 13.35 -35.21
CA ARG B 267 -13.47 13.82 -36.51
C ARG B 267 -12.39 13.70 -37.59
N ALA B 268 -11.24 14.34 -37.38
CA ALA B 268 -10.18 14.27 -38.38
C ALA B 268 -9.54 12.89 -38.43
N ASP B 269 -9.76 12.05 -37.41
CA ASP B 269 -9.39 10.64 -37.44
C ASP B 269 -7.88 10.44 -37.62
N GLN B 270 -7.09 11.20 -36.86
CA GLN B 270 -5.65 11.07 -36.91
C GLN B 270 -5.03 11.75 -35.70
N GLU B 271 -3.73 11.54 -35.53
CA GLU B 271 -3.00 12.10 -34.41
C GLU B 271 -2.86 13.61 -34.56
N LEU B 272 -2.83 14.31 -33.42
CA LEU B 272 -2.69 15.75 -33.40
C LEU B 272 -1.33 16.21 -32.87
N MET B 273 -0.98 15.76 -31.67
CA MET B 273 0.28 16.15 -31.07
C MET B 273 0.82 15.12 -30.11
N THR B 274 2.12 15.14 -29.88
CA THR B 274 2.75 14.21 -28.96
C THR B 274 3.46 14.99 -27.85
N TYR B 275 3.34 14.49 -26.63
CA TYR B 275 3.94 15.12 -25.46
C TYR B 275 5.06 14.21 -24.96
N SER B 276 6.30 14.58 -25.25
CA SER B 276 7.45 13.78 -24.84
C SER B 276 8.64 14.67 -24.59
N HIS B 277 9.56 14.18 -23.78
CA HIS B 277 10.79 14.90 -23.45
C HIS B 277 11.95 13.92 -23.49
N ASP B 278 13.15 14.45 -23.77
CA ASP B 278 14.33 13.61 -23.87
C ASP B 278 14.70 12.99 -22.53
N ASN B 279 14.55 13.74 -21.44
CA ASN B 279 14.94 13.26 -20.13
C ASN B 279 14.02 12.17 -19.58
N ILE B 280 12.88 11.92 -20.21
CA ILE B 280 11.91 10.95 -19.73
C ILE B 280 12.12 9.64 -20.46
N ILE B 281 12.29 8.56 -19.70
CA ILE B 281 12.59 7.25 -20.26
C ILE B 281 11.55 6.24 -19.78
N CYS B 282 10.96 6.50 -18.62
CA CYS B 282 10.04 5.56 -18.00
C CYS B 282 8.67 5.61 -18.69
N GLY B 283 7.85 4.61 -18.39
CA GLY B 283 6.52 4.53 -18.96
C GLY B 283 5.54 5.47 -18.31
N ILE B 284 4.30 5.41 -18.78
CA ILE B 284 3.22 6.25 -18.30
C ILE B 284 2.08 5.36 -17.82
N THR B 285 1.55 5.65 -16.63
CA THR B 285 0.58 4.78 -16.00
C THR B 285 -0.80 5.40 -15.82
N SER B 286 -0.94 6.72 -15.96
CA SER B 286 -2.22 7.36 -15.76
C SER B 286 -2.27 8.67 -16.53
N VAL B 287 -3.45 9.00 -17.05
CA VAL B 287 -3.67 10.22 -17.82
C VAL B 287 -5.02 10.79 -17.43
N SER B 288 -5.08 12.11 -17.26
CA SER B 288 -6.34 12.79 -16.96
C SER B 288 -6.27 14.22 -17.45
N PHE B 289 -7.44 14.83 -17.57
CA PHE B 289 -7.59 16.18 -18.10
C PHE B 289 -8.10 17.12 -17.02
N SER B 290 -7.85 18.41 -17.22
CA SER B 290 -8.39 19.43 -16.33
C SER B 290 -9.86 19.69 -16.66
N LYS B 291 -10.50 20.55 -15.87
CA LYS B 291 -11.91 20.84 -16.07
C LYS B 291 -12.15 21.53 -17.41
N SER B 292 -11.30 22.49 -17.76
CA SER B 292 -11.43 23.19 -19.02
C SER B 292 -10.71 22.50 -20.17
N GLY B 293 -9.95 21.45 -19.89
CA GLY B 293 -9.21 20.74 -20.91
C GLY B 293 -7.89 21.39 -21.31
N ARG B 294 -7.51 22.50 -20.69
CA ARG B 294 -6.26 23.16 -21.02
C ARG B 294 -5.05 22.43 -20.46
N LEU B 295 -5.20 21.69 -19.37
CA LEU B 295 -4.09 21.02 -18.72
C LEU B 295 -4.23 19.51 -18.86
N LEU B 296 -3.11 18.84 -19.06
CA LEU B 296 -3.06 17.38 -19.16
C LEU B 296 -2.11 16.86 -18.10
N LEU B 297 -2.61 16.00 -17.22
CA LEU B 297 -1.83 15.45 -16.12
C LEU B 297 -1.53 13.99 -16.39
N ALA B 298 -0.26 13.61 -16.29
CA ALA B 298 0.18 12.25 -16.57
C ALA B 298 1.06 11.75 -15.44
N GLY B 299 0.79 10.54 -14.98
CA GLY B 299 1.67 9.90 -14.02
C GLY B 299 2.77 9.12 -14.71
N TYR B 300 3.88 8.94 -14.01
CA TYR B 300 5.06 8.30 -14.58
C TYR B 300 5.59 7.24 -13.63
N ASP B 301 6.43 6.37 -14.18
CA ASP B 301 7.06 5.31 -13.38
C ASP B 301 8.18 5.82 -12.50
N ASP B 302 8.76 6.98 -12.80
CA ASP B 302 9.86 7.52 -11.98
C ASP B 302 9.33 8.42 -10.87
N PHE B 303 8.33 7.93 -10.15
CA PHE B 303 7.87 8.51 -8.89
C PHE B 303 7.30 9.92 -9.05
N ASN B 304 7.22 10.43 -10.27
CA ASN B 304 6.83 11.81 -10.51
C ASN B 304 5.48 11.87 -11.23
N CYS B 305 5.03 13.10 -11.48
CA CYS B 305 3.77 13.33 -12.19
C CYS B 305 3.86 14.69 -12.85
N ASN B 306 4.10 14.72 -14.15
CA ASN B 306 4.27 15.97 -14.87
C ASN B 306 2.93 16.57 -15.23
N VAL B 307 2.95 17.86 -15.59
CA VAL B 307 1.78 18.60 -16.03
C VAL B 307 2.10 19.21 -17.38
N TRP B 308 1.25 18.93 -18.37
CA TRP B 308 1.49 19.34 -19.74
C TRP B 308 0.47 20.38 -20.18
N ASP B 309 0.93 21.32 -21.01
CA ASP B 309 0.04 22.26 -21.68
C ASP B 309 -0.55 21.55 -22.89
N ALA B 310 -1.86 21.29 -22.85
CA ALA B 310 -2.49 20.47 -23.88
C ALA B 310 -2.50 21.16 -25.25
N LEU B 311 -2.22 22.46 -25.30
CA LEU B 311 -2.24 23.19 -26.56
C LEU B 311 -0.85 23.57 -27.07
N LYS B 312 0.18 23.46 -26.22
CA LYS B 312 1.53 23.86 -26.60
C LYS B 312 2.56 22.76 -26.44
N ALA B 313 2.23 21.66 -25.76
CA ALA B 313 3.17 20.57 -25.49
C ALA B 313 4.43 21.07 -24.77
N ASP B 314 4.20 21.86 -23.72
CA ASP B 314 5.29 22.36 -22.89
C ASP B 314 5.00 22.00 -21.44
N ARG B 315 6.03 21.53 -20.74
CA ARG B 315 5.87 21.19 -19.33
C ARG B 315 5.58 22.46 -18.52
N ALA B 316 4.73 22.32 -17.51
CA ALA B 316 4.34 23.48 -16.71
C ALA B 316 4.33 23.20 -15.22
N GLY B 317 4.88 22.08 -14.77
CA GLY B 317 4.90 21.79 -13.35
C GLY B 317 5.17 20.33 -13.10
N VAL B 318 5.64 20.04 -11.88
CA VAL B 318 5.97 18.69 -11.45
C VAL B 318 5.32 18.44 -10.10
N LEU B 319 4.58 17.34 -10.01
CA LEU B 319 3.91 16.97 -8.77
C LEU B 319 4.74 15.92 -8.02
N ALA B 320 5.91 16.35 -7.57
CA ALA B 320 6.79 15.47 -6.81
C ALA B 320 6.25 15.28 -5.39
N GLY B 321 6.64 14.16 -4.78
CA GLY B 321 6.20 13.89 -3.43
C GLY B 321 5.95 12.42 -3.11
N HIS B 322 6.02 11.56 -4.11
CA HIS B 322 5.80 10.13 -3.91
C HIS B 322 7.14 9.39 -3.90
N ASP B 323 7.19 8.27 -3.21
CA ASP B 323 8.43 7.50 -3.12
C ASP B 323 8.46 6.34 -4.11
N ASN B 324 7.29 5.79 -4.42
CA ASN B 324 7.22 4.68 -5.36
C ASN B 324 6.45 5.16 -6.59
N ARG B 325 6.24 4.24 -7.54
CA ARG B 325 5.63 4.61 -8.80
C ARG B 325 4.17 5.02 -8.60
N VAL B 326 3.72 5.95 -9.43
CA VAL B 326 2.34 6.43 -9.39
C VAL B 326 1.48 5.49 -10.21
N SER B 327 0.41 4.98 -9.60
CA SER B 327 -0.42 3.97 -10.23
C SER B 327 -1.79 4.47 -10.65
N CYS B 328 -2.28 5.56 -10.08
CA CYS B 328 -3.61 6.05 -10.41
C CYS B 328 -3.64 7.56 -10.28
N LEU B 329 -4.64 8.17 -10.91
CA LEU B 329 -4.75 9.62 -10.95
C LEU B 329 -6.19 9.98 -11.29
N GLY B 330 -6.69 11.06 -10.69
CA GLY B 330 -8.06 11.46 -10.94
C GLY B 330 -8.26 12.93 -10.64
N VAL B 331 -9.28 13.50 -11.28
CA VAL B 331 -9.64 14.90 -11.12
C VAL B 331 -11.12 14.98 -10.81
N THR B 332 -11.47 15.84 -9.85
CA THR B 332 -12.86 15.97 -9.42
C THR B 332 -13.72 16.56 -10.54
N ASP B 333 -15.04 16.35 -10.42
CA ASP B 333 -15.96 16.85 -11.42
C ASP B 333 -15.94 18.36 -11.50
N ASP B 334 -15.87 19.04 -10.36
CA ASP B 334 -15.80 20.50 -10.34
C ASP B 334 -14.39 21.02 -10.58
N GLY B 335 -13.41 20.14 -10.72
CA GLY B 335 -12.05 20.55 -11.00
C GLY B 335 -11.39 21.33 -9.89
N MET B 336 -11.69 20.99 -8.64
CA MET B 336 -11.13 21.71 -7.50
C MET B 336 -9.82 21.11 -7.03
N ALA B 337 -9.60 19.81 -7.22
CA ALA B 337 -8.39 19.16 -6.74
C ALA B 337 -8.14 17.92 -7.57
N VAL B 338 -6.90 17.44 -7.50
CA VAL B 338 -6.48 16.22 -8.19
C VAL B 338 -5.86 15.28 -7.17
N ALA B 339 -6.33 14.03 -7.16
CA ALA B 339 -5.84 13.03 -6.23
C ALA B 339 -4.90 12.07 -6.95
N THR B 340 -3.84 11.65 -6.26
CA THR B 340 -2.81 10.79 -6.82
C THR B 340 -2.52 9.64 -5.88
N GLY B 341 -2.52 8.42 -6.43
CA GLY B 341 -2.16 7.25 -5.65
C GLY B 341 -0.84 6.67 -6.10
N SER B 342 -0.23 5.82 -5.27
CA SER B 342 1.09 5.29 -5.59
C SER B 342 1.26 3.92 -4.93
N TRP B 343 2.40 3.30 -5.20
CA TRP B 343 2.70 1.97 -4.68
C TRP B 343 3.24 1.99 -3.26
N ASP B 344 3.41 3.17 -2.66
CA ASP B 344 3.84 3.29 -1.28
C ASP B 344 2.66 3.34 -0.31
N SER B 345 1.45 3.09 -0.79
CA SER B 345 0.24 3.00 0.02
C SER B 345 -0.17 4.35 0.62
N PHE B 346 0.02 5.43 -0.12
CA PHE B 346 -0.39 6.76 0.32
C PHE B 346 -1.17 7.46 -0.78
N LEU B 347 -2.20 8.18 -0.39
CA LEU B 347 -3.00 9.01 -1.29
C LEU B 347 -2.79 10.48 -0.93
N LYS B 348 -2.61 11.31 -1.96
CA LYS B 348 -2.36 12.73 -1.76
C LYS B 348 -3.29 13.54 -2.65
N ILE B 349 -3.64 14.73 -2.16
CA ILE B 349 -4.57 15.62 -2.84
C ILE B 349 -3.89 16.98 -3.00
N TRP B 350 -3.97 17.54 -4.20
CA TRP B 350 -3.22 18.72 -4.57
C TRP B 350 -4.16 19.84 -5.01
N ASN B 351 -3.67 21.07 -4.90
CA ASN B 351 -4.42 22.24 -5.35
C ASN B 351 -3.52 23.23 -6.08
N GLN C 7 -11.54 -15.80 -40.60
CA GLN C 7 -11.16 -14.57 -39.91
C GLN C 7 -10.81 -13.49 -40.92
N ALA C 8 -9.95 -13.83 -41.87
CA ALA C 8 -9.52 -12.84 -42.86
C ALA C 8 -10.71 -12.05 -43.39
N ARG C 9 -11.82 -12.75 -43.67
CA ARG C 9 -13.03 -12.09 -44.14
C ARG C 9 -13.59 -11.14 -43.11
N LYS C 10 -13.62 -11.54 -41.84
CA LYS C 10 -14.08 -10.62 -40.79
C LYS C 10 -13.19 -9.40 -40.69
N LEU C 11 -11.86 -9.61 -40.74
CA LEU C 11 -10.94 -8.48 -40.64
C LEU C 11 -11.14 -7.51 -41.80
N VAL C 12 -11.26 -8.02 -43.02
CA VAL C 12 -11.40 -7.13 -44.17
C VAL C 12 -12.75 -6.42 -44.13
N GLU C 13 -13.82 -7.12 -43.72
CA GLU C 13 -15.12 -6.47 -43.61
C GLU C 13 -15.07 -5.33 -42.62
N GLN C 14 -14.49 -5.59 -41.44
CA GLN C 14 -14.38 -4.54 -40.43
C GLN C 14 -13.55 -3.37 -40.97
N LEU C 15 -12.43 -3.68 -41.59
CA LEU C 15 -11.58 -2.62 -42.11
C LEU C 15 -12.32 -1.84 -43.18
N LYS C 16 -13.02 -2.55 -44.05
CA LYS C 16 -13.72 -1.90 -45.15
C LYS C 16 -14.77 -0.93 -44.61
N MET C 17 -15.38 -1.28 -43.49
CA MET C 17 -16.41 -0.46 -42.87
C MET C 17 -15.84 0.85 -42.32
N GLU C 18 -14.57 0.87 -41.97
CA GLU C 18 -13.97 2.08 -41.43
C GLU C 18 -13.51 3.05 -42.51
N ALA C 19 -13.20 2.57 -43.71
CA ALA C 19 -12.61 3.42 -44.74
C ALA C 19 -13.55 4.54 -45.15
N ASN C 20 -14.84 4.24 -45.33
CA ASN C 20 -15.81 5.20 -45.84
C ASN C 20 -16.44 5.97 -44.68
N ILE C 21 -15.70 6.97 -44.19
CA ILE C 21 -16.17 7.85 -43.13
C ILE C 21 -15.85 9.28 -43.52
N ASP C 22 -16.78 10.19 -43.23
CA ASP C 22 -16.55 11.60 -43.51
C ASP C 22 -15.56 12.19 -42.51
N ARG C 23 -14.60 12.95 -43.01
CA ARG C 23 -13.55 13.54 -42.20
C ARG C 23 -13.43 15.02 -42.50
N ILE C 24 -12.95 15.78 -41.51
CA ILE C 24 -12.82 17.22 -41.63
C ILE C 24 -11.35 17.60 -41.49
N LYS C 25 -11.03 18.81 -41.96
CA LYS C 25 -9.66 19.31 -41.92
C LYS C 25 -9.12 19.41 -40.50
N VAL C 26 -7.82 19.19 -40.35
CA VAL C 26 -7.19 19.24 -39.04
C VAL C 26 -7.27 20.65 -38.46
N SER C 27 -7.18 21.66 -39.33
CA SER C 27 -7.22 23.04 -38.85
C SER C 27 -8.56 23.35 -38.18
N LYS C 28 -9.66 22.84 -38.74
CA LYS C 28 -10.97 23.10 -38.15
C LYS C 28 -11.08 22.47 -36.76
N ALA C 29 -10.60 21.24 -36.61
CA ALA C 29 -10.63 20.59 -35.29
C ALA C 29 -9.74 21.32 -34.30
N ALA C 30 -8.58 21.78 -34.76
CA ALA C 30 -7.70 22.56 -33.89
C ALA C 30 -8.37 23.84 -33.44
N ALA C 31 -9.05 24.54 -34.35
CA ALA C 31 -9.75 25.76 -33.99
C ALA C 31 -10.88 25.48 -33.00
N ASP C 32 -11.61 24.39 -33.20
CA ASP C 32 -12.67 24.03 -32.27
C ASP C 32 -12.12 23.74 -30.88
N LEU C 33 -11.03 22.98 -30.82
CA LEU C 33 -10.42 22.67 -29.54
C LEU C 33 -10.08 23.97 -28.85
N MET C 34 -9.31 24.80 -29.52
CA MET C 34 -8.92 26.08 -28.94
C MET C 34 -10.14 26.80 -28.41
N ALA C 35 -11.13 27.02 -29.27
CA ALA C 35 -12.31 27.77 -28.84
C ALA C 35 -12.89 27.20 -27.56
N TYR C 36 -13.00 25.87 -27.47
CA TYR C 36 -13.51 25.27 -26.25
C TYR C 36 -12.59 25.53 -25.07
N CYS C 37 -11.28 25.45 -25.28
CA CYS C 37 -10.35 25.71 -24.19
C CYS C 37 -10.45 27.14 -23.69
N GLU C 38 -10.58 28.08 -24.62
CA GLU C 38 -10.67 29.49 -24.28
C GLU C 38 -12.01 29.93 -23.71
N ALA C 39 -13.06 29.17 -24.00
CA ALA C 39 -14.39 29.52 -23.52
C ALA C 39 -14.55 29.23 -22.03
N HIS C 40 -14.02 28.10 -21.56
CA HIS C 40 -14.18 27.67 -20.18
C HIS C 40 -12.95 27.93 -19.33
N ALA C 41 -12.02 28.76 -19.80
CA ALA C 41 -10.79 28.99 -19.06
C ALA C 41 -11.02 29.66 -17.71
N LYS C 42 -12.06 30.47 -17.61
CA LYS C 42 -12.35 31.20 -16.36
C LYS C 42 -12.92 30.30 -15.27
N GLU C 43 -13.56 29.20 -15.66
CA GLU C 43 -14.14 28.29 -14.70
C GLU C 43 -13.23 27.11 -14.41
N ASP C 44 -11.93 27.33 -14.41
CA ASP C 44 -10.98 26.26 -14.15
C ASP C 44 -10.14 26.60 -12.92
N PRO C 45 -10.44 26.00 -11.75
CA PRO C 45 -9.65 26.31 -10.56
C PRO C 45 -8.18 25.98 -10.69
N LEU C 46 -7.83 24.90 -11.41
CA LEU C 46 -6.42 24.54 -11.56
C LEU C 46 -5.68 25.57 -12.41
N LEU C 47 -6.31 26.06 -13.47
CA LEU C 47 -5.67 27.08 -14.31
C LEU C 47 -5.48 28.37 -13.53
N THR C 48 -6.55 28.88 -12.93
CA THR C 48 -6.51 30.10 -12.13
C THR C 48 -6.90 29.77 -10.71
N PRO C 49 -5.94 29.60 -9.79
CA PRO C 49 -6.28 29.24 -8.42
C PRO C 49 -7.16 30.30 -7.77
N VAL C 50 -8.17 29.83 -7.03
CA VAL C 50 -9.08 30.72 -6.31
C VAL C 50 -8.37 31.21 -5.06
N PRO C 51 -8.76 32.35 -4.49
CA PRO C 51 -8.16 32.78 -3.22
C PRO C 51 -8.47 31.78 -2.11
N ALA C 52 -7.57 31.72 -1.13
CA ALA C 52 -7.70 30.75 -0.04
C ALA C 52 -8.79 31.20 0.94
N SER C 53 -9.99 31.37 0.40
CA SER C 53 -11.15 31.76 1.20
C SER C 53 -12.40 30.94 0.91
N GLU C 54 -12.52 30.32 -0.26
CA GLU C 54 -13.66 29.48 -0.56
C GLU C 54 -13.31 28.05 -0.96
N ASN C 55 -12.04 27.73 -1.17
CA ASN C 55 -11.69 26.36 -1.50
C ASN C 55 -11.81 25.48 -0.26
N PRO C 56 -12.16 24.21 -0.41
CA PRO C 56 -12.39 23.35 0.76
C PRO C 56 -11.12 22.76 1.36
N PHE C 57 -10.01 22.76 0.63
CA PHE C 57 -8.78 22.12 1.08
C PHE C 57 -7.79 23.12 1.65
N ARG C 58 -8.28 24.13 2.36
CA ARG C 58 -7.40 25.13 2.95
C ARG C 58 -6.52 24.49 4.02
N GLU C 59 -5.30 25.02 4.14
CA GLU C 59 -4.33 24.55 5.12
C GLU C 59 -4.06 23.05 4.98
N CYS D 22 35.32 23.94 53.36
CA CYS D 22 36.26 23.03 54.01
C CYS D 22 37.69 23.34 53.60
N ILE D 23 38.08 22.88 52.42
CA ILE D 23 39.44 23.07 51.91
C ILE D 23 39.57 24.50 51.40
N LYS D 24 40.78 25.05 51.45
CA LYS D 24 41.04 26.44 51.07
C LYS D 24 41.48 26.59 49.62
N SER D 25 42.26 25.64 49.11
CA SER D 25 42.78 25.71 47.74
C SER D 25 42.22 24.64 46.83
N SER D 26 41.58 23.61 47.38
CA SER D 26 40.89 22.57 46.62
C SER D 26 41.82 21.80 45.69
N TYR D 27 43.13 21.94 45.87
CA TYR D 27 44.13 21.21 45.07
C TYR D 27 43.87 21.37 43.58
N ALA D 28 43.98 22.61 43.10
CA ALA D 28 43.67 22.89 41.71
C ALA D 28 44.69 22.23 40.77
N PRO D 29 44.25 21.79 39.60
CA PRO D 29 45.18 21.22 38.62
C PRO D 29 45.89 22.29 37.81
N TRP D 30 46.66 21.86 36.80
CA TRP D 30 47.46 22.79 36.01
C TRP D 30 46.57 23.80 35.29
N PRO D 31 47.08 25.00 35.02
CA PRO D 31 46.23 26.05 34.41
C PRO D 31 45.65 25.65 33.06
N ARG D 32 46.35 24.84 32.27
CA ARG D 32 45.83 24.42 30.98
C ARG D 32 44.51 23.69 31.13
N ALA D 33 43.47 24.21 30.49
CA ALA D 33 42.14 23.64 30.57
C ALA D 33 41.86 22.61 29.49
N ILE D 34 42.88 21.84 29.11
CA ILE D 34 42.70 20.81 28.09
C ILE D 34 41.71 19.76 28.59
N LEU D 35 41.85 19.38 29.86
CA LEU D 35 40.95 18.42 30.49
C LEU D 35 39.54 18.97 30.54
N TYR D 36 39.43 20.27 30.82
CA TYR D 36 38.15 20.94 30.92
C TYR D 36 37.40 20.97 29.60
N GLY D 37 38.14 21.19 28.51
CA GLY D 37 37.55 21.24 27.19
C GLY D 37 36.98 19.94 26.65
N VAL D 38 37.69 18.84 26.84
CA VAL D 38 37.19 17.55 26.35
C VAL D 38 35.92 17.11 27.07
N LEU D 39 35.87 17.35 28.38
CA LEU D 39 34.71 16.97 29.17
C LEU D 39 33.46 17.72 28.72
N GLY D 40 33.63 19.01 28.42
CA GLY D 40 32.52 19.83 27.96
C GLY D 40 31.94 19.34 26.64
N LEU D 41 32.82 18.96 25.73
CA LEU D 41 32.41 18.49 24.41
C LEU D 41 31.50 17.27 24.52
N GLY D 42 31.64 16.53 25.60
CA GLY D 42 30.83 15.34 25.82
C GLY D 42 29.41 15.67 26.22
N ALA D 43 29.25 16.65 27.12
CA ALA D 43 27.90 17.06 27.53
C ALA D 43 27.12 17.64 26.37
N LEU D 44 27.74 18.52 25.59
CA LEU D 44 27.07 19.12 24.45
C LEU D 44 26.65 18.05 23.46
N LEU D 45 27.56 17.13 23.14
CA LEU D 45 27.25 16.06 22.20
C LEU D 45 26.12 15.18 22.71
N ALA D 46 26.17 14.80 23.99
CA ALA D 46 25.13 13.95 24.55
C ALA D 46 23.76 14.62 24.45
N VAL D 47 23.67 15.85 24.95
CA VAL D 47 22.37 16.54 24.96
C VAL D 47 21.84 16.72 23.54
N PHE D 48 22.67 17.25 22.65
CA PHE D 48 22.20 17.56 21.30
C PHE D 48 21.84 16.29 20.53
N GLY D 49 22.71 15.27 20.59
CA GLY D 49 22.43 14.04 19.89
C GLY D 49 21.17 13.34 20.39
N ASN D 50 21.00 13.29 21.72
CA ASN D 50 19.82 12.62 22.25
C ASN D 50 18.55 13.39 21.91
N LEU D 51 18.60 14.73 21.98
CA LEU D 51 17.43 15.52 21.59
C LEU D 51 17.09 15.28 20.12
N LEU D 52 18.10 15.27 19.25
CA LEU D 52 17.85 15.02 17.84
C LEU D 52 17.27 13.64 17.60
N VAL D 53 17.79 12.62 18.29
CA VAL D 53 17.29 11.26 18.12
C VAL D 53 15.83 11.17 18.56
N ILE D 54 15.51 11.77 19.70
CA ILE D 54 14.12 11.73 20.19
C ILE D 54 13.19 12.44 19.22
N ILE D 55 13.61 13.60 18.75
CA ILE D 55 12.78 14.33 17.82
C ILE D 55 12.53 13.48 16.59
N ALA D 56 13.60 12.97 16.00
CA ALA D 56 13.47 12.18 14.78
C ALA D 56 12.56 10.98 14.98
N ILE D 57 12.68 10.30 16.13
CA ILE D 57 11.85 9.12 16.37
C ILE D 57 10.38 9.52 16.49
N LEU D 58 10.10 10.60 17.22
CA LEU D 58 8.70 10.97 17.45
C LEU D 58 8.06 11.54 16.19
N HIS D 59 8.77 12.42 15.46
CA HIS D 59 8.12 13.20 14.42
C HIS D 59 7.81 12.39 13.17
N PHE D 60 8.72 11.52 12.72
CA PHE D 60 8.62 11.00 11.36
C PHE D 60 7.45 10.04 11.20
N LYS D 61 7.08 9.32 12.26
CA LYS D 61 5.91 8.44 12.25
C LYS D 61 6.01 7.39 11.14
N GLN D 62 7.23 7.00 10.84
CA GLN D 62 7.49 5.88 9.93
C GLN D 62 8.35 4.79 10.54
N LEU D 63 9.27 5.11 11.45
CA LEU D 63 10.04 4.14 12.19
C LEU D 63 9.45 3.86 13.58
N HIS D 64 8.13 3.97 13.71
CA HIS D 64 7.43 3.67 14.95
C HIS D 64 7.30 2.16 15.06
N THR D 65 8.27 1.53 15.71
CA THR D 65 8.35 0.07 15.79
C THR D 65 8.74 -0.32 17.20
N PRO D 66 8.41 -1.54 17.65
CA PRO D 66 8.80 -1.96 19.00
C PRO D 66 10.30 -2.21 19.17
N THR D 67 11.10 -1.85 18.17
CA THR D 67 12.54 -1.95 18.33
C THR D 67 13.08 -0.55 18.58
N ASN D 68 12.47 0.45 17.96
CA ASN D 68 12.94 1.82 18.10
C ASN D 68 12.47 2.47 19.40
N PHE D 69 11.46 1.91 20.06
CA PHE D 69 11.01 2.47 21.33
C PHE D 69 12.08 2.31 22.41
N LEU D 70 12.79 1.18 22.39
CA LEU D 70 13.90 0.99 23.32
C LEU D 70 14.99 2.03 23.09
N VAL D 71 15.31 2.30 21.82
CA VAL D 71 16.31 3.31 21.51
C VAL D 71 15.84 4.69 21.96
N ALA D 72 14.56 4.99 21.75
CA ALA D 72 14.03 6.28 22.18
C ALA D 72 14.11 6.44 23.69
N SER D 73 13.74 5.39 24.44
CA SER D 73 13.80 5.45 25.89
C SER D 73 15.24 5.58 26.37
N LEU D 74 16.17 4.87 25.74
CA LEU D 74 17.58 5.00 26.09
C LEU D 74 18.07 6.42 25.83
N ALA D 75 17.68 7.01 24.70
CA ALA D 75 18.08 8.38 24.40
C ALA D 75 17.49 9.37 25.40
N CYS D 76 16.25 9.15 25.79
CA CYS D 76 15.64 10.01 26.78
C CYS D 76 16.47 9.95 28.04
N ALA D 77 16.66 8.74 28.56
CA ALA D 77 17.42 8.57 29.79
C ALA D 77 18.79 9.22 29.68
N ASP D 78 19.42 9.10 28.52
CA ASP D 78 20.74 9.69 28.30
C ASP D 78 20.70 11.20 28.40
N PHE D 79 19.73 11.83 27.75
CA PHE D 79 19.57 13.27 27.84
C PHE D 79 19.26 13.68 29.27
N LEU D 80 18.41 12.91 29.95
CA LEU D 80 18.00 13.25 31.31
C LEU D 80 19.19 13.23 32.26
N VAL D 81 20.05 12.22 32.17
CA VAL D 81 21.25 12.23 33.00
C VAL D 81 22.16 13.38 32.59
N GLY D 82 22.55 13.41 31.31
CA GLY D 82 23.45 14.44 30.81
C GLY D 82 23.15 15.84 31.30
N VAL D 83 21.97 16.36 30.96
CA VAL D 83 21.68 17.78 31.15
C VAL D 83 21.84 18.18 32.60
N THR D 84 21.44 17.31 33.53
CA THR D 84 21.53 17.64 34.95
C THR D 84 22.91 17.34 35.51
N VAL D 85 23.35 16.08 35.43
CA VAL D 85 24.54 15.66 36.15
C VAL D 85 25.80 16.28 35.55
N MET D 86 25.97 16.21 34.24
CA MET D 86 27.30 16.41 33.67
C MET D 86 27.87 17.81 33.87
N PRO D 87 27.11 18.91 33.80
CA PRO D 87 27.72 20.21 34.14
C PRO D 87 28.18 20.31 35.59
N PHE D 88 27.34 19.86 36.53
CA PHE D 88 27.73 19.87 37.94
C PHE D 88 28.95 18.98 38.17
N SER D 89 28.98 17.82 37.53
CA SER D 89 30.14 16.94 37.64
C SER D 89 31.38 17.59 37.05
N THR D 90 31.22 18.33 35.94
CA THR D 90 32.35 19.05 35.38
C THR D 90 32.91 20.05 36.38
N VAL D 91 32.04 20.82 37.02
CA VAL D 91 32.48 21.79 38.01
C VAL D 91 33.19 21.08 39.17
N ARG D 92 32.55 20.05 39.71
CA ARG D 92 33.11 19.33 40.87
C ARG D 92 34.40 18.61 40.53
N SER D 93 34.64 18.28 39.26
CA SER D 93 35.85 17.58 38.87
C SER D 93 37.00 18.54 38.56
N VAL D 94 36.71 19.61 37.85
CA VAL D 94 37.74 20.58 37.50
C VAL D 94 38.15 21.47 38.67
N GLU D 95 37.25 21.63 39.64
CA GLU D 95 37.55 22.46 40.81
C GLU D 95 37.71 21.66 42.09
N SER D 96 37.29 20.40 42.12
CA SER D 96 37.37 19.52 43.29
C SER D 96 36.62 20.07 44.50
N CYS D 97 35.78 21.08 44.31
CA CYS D 97 35.01 21.65 45.41
C CYS D 97 33.76 22.30 44.79
N TRP D 98 32.61 21.65 44.94
CA TRP D 98 31.37 22.18 44.37
C TRP D 98 30.65 23.13 45.33
N TYR D 99 29.96 24.11 44.78
CA TYR D 99 29.25 25.10 45.58
C TYR D 99 27.77 25.16 45.25
N PHE D 100 27.12 24.00 45.17
CA PHE D 100 25.70 23.95 44.86
C PHE D 100 24.88 23.47 46.04
N GLY D 101 25.31 23.80 47.26
CA GLY D 101 24.55 23.48 48.45
C GLY D 101 24.76 22.07 48.93
N GLU D 102 24.19 21.79 50.11
CA GLU D 102 24.27 20.46 50.71
C GLU D 102 22.99 19.65 50.54
N SER D 103 21.84 20.30 50.37
CA SER D 103 20.59 19.59 50.12
C SER D 103 20.50 19.06 48.69
N TYR D 104 21.34 19.56 47.79
CA TYR D 104 21.38 19.06 46.42
C TYR D 104 22.36 17.91 46.24
N CYS D 105 23.21 17.64 47.23
CA CYS D 105 24.14 16.53 47.12
C CYS D 105 23.41 15.20 46.99
N LYS D 106 22.41 14.98 47.85
CA LYS D 106 21.66 13.73 47.82
C LYS D 106 20.91 13.57 46.51
N PHE D 107 20.25 14.65 46.05
CA PHE D 107 19.51 14.57 44.81
C PHE D 107 20.42 14.32 43.62
N HIS D 108 21.57 15.01 43.57
CA HIS D 108 22.51 14.80 42.48
C HIS D 108 23.04 13.38 42.48
N THR D 109 23.38 12.85 43.65
CA THR D 109 23.88 11.47 43.72
C THR D 109 22.82 10.47 43.30
N CYS D 110 21.57 10.66 43.75
CA CYS D 110 20.50 9.76 43.36
C CYS D 110 20.24 9.81 41.87
N PHE D 111 20.27 11.01 41.28
CA PHE D 111 20.11 11.12 39.84
C PHE D 111 21.26 10.43 39.11
N ASP D 112 22.47 10.54 39.64
CA ASP D 112 23.62 9.86 39.03
C ASP D 112 23.42 8.35 39.05
N THR D 113 23.03 7.80 40.19
CA THR D 113 22.95 6.35 40.32
C THR D 113 21.80 5.77 39.49
N SER D 114 20.63 6.43 39.53
CA SER D 114 19.45 5.88 38.86
C SER D 114 19.65 5.78 37.35
N PHE D 115 20.19 6.83 36.74
CA PHE D 115 20.11 6.96 35.28
C PHE D 115 21.12 6.06 34.56
N CYS D 116 22.32 5.89 35.11
CA CYS D 116 23.32 5.07 34.43
C CYS D 116 22.89 3.62 34.35
N PHE D 117 22.38 3.07 35.44
CA PHE D 117 21.93 1.68 35.42
C PHE D 117 20.72 1.51 34.51
N ALA D 118 19.91 2.55 34.34
CA ALA D 118 18.84 2.50 33.35
C ALA D 118 19.42 2.33 31.94
N SER D 119 20.49 3.06 31.64
CA SER D 119 21.16 2.89 30.35
C SER D 119 21.70 1.48 30.18
N LEU D 120 22.32 0.94 31.23
CA LEU D 120 22.86 -0.41 31.16
C LEU D 120 21.76 -1.43 30.89
N PHE D 121 20.66 -1.34 31.63
CA PHE D 121 19.57 -2.29 31.46
C PHE D 121 18.84 -2.10 30.13
N HIS D 122 18.84 -0.89 29.57
CA HIS D 122 18.35 -0.67 28.22
C HIS D 122 19.22 -1.35 27.17
N LEU D 123 20.54 -1.25 27.35
CA LEU D 123 21.48 -2.01 26.52
C LEU D 123 21.21 -3.51 26.59
N CYS D 124 20.87 -4.01 27.77
CA CYS D 124 20.62 -5.43 27.96
C CYS D 124 19.42 -5.96 27.18
N CYS D 125 18.34 -5.17 27.04
CA CYS D 125 17.23 -5.56 26.18
C CYS D 125 17.43 -5.19 24.71
N ILE D 126 18.29 -4.21 24.41
CA ILE D 126 18.61 -3.98 23.00
C ILE D 126 19.36 -5.19 22.43
N SER D 127 20.31 -5.74 23.18
CA SER D 127 21.01 -6.92 22.73
C SER D 127 20.07 -8.11 22.56
N ILE D 128 19.13 -8.27 23.50
CA ILE D 128 18.17 -9.38 23.42
C ILE D 128 17.29 -9.22 22.19
N ASP D 129 16.88 -7.99 21.93
CA ASP D 129 16.06 -7.70 20.77
C ASP D 129 16.78 -8.08 19.49
N ARG D 130 18.05 -7.69 19.39
CA ARG D 130 18.85 -8.00 18.21
C ARG D 130 19.03 -9.49 18.04
N TYR D 131 19.32 -10.20 19.13
CA TYR D 131 19.51 -11.65 19.06
C TYR D 131 18.24 -12.36 18.61
N ILE D 132 17.09 -11.96 19.16
CA ILE D 132 15.83 -12.58 18.76
C ILE D 132 15.55 -12.31 17.28
N ALA D 133 15.82 -11.08 16.83
CA ALA D 133 15.57 -10.75 15.44
C ALA D 133 16.46 -11.57 14.50
N VAL D 134 17.72 -11.77 14.87
CA VAL D 134 18.65 -12.44 13.97
C VAL D 134 18.44 -13.95 13.99
N THR D 135 18.38 -14.56 15.17
CA THR D 135 18.37 -16.00 15.27
C THR D 135 17.00 -16.62 15.03
N ASP D 136 15.93 -15.82 15.02
CA ASP D 136 14.57 -16.34 14.82
C ASP D 136 13.82 -15.37 13.92
N PRO D 137 14.13 -15.36 12.62
CA PRO D 137 13.54 -14.34 11.74
C PRO D 137 12.08 -14.59 11.40
N LEU D 138 11.66 -15.86 11.32
CA LEU D 138 10.28 -16.16 10.97
C LEU D 138 9.24 -15.60 11.94
N THR D 139 9.29 -16.07 13.19
CA THR D 139 8.34 -15.63 14.20
C THR D 139 8.90 -14.47 15.03
N TYR D 140 9.41 -13.46 14.35
CA TYR D 140 9.89 -12.26 15.04
C TYR D 140 8.76 -11.30 15.37
N PRO D 141 7.89 -10.94 14.41
CA PRO D 141 6.82 -9.97 14.74
C PRO D 141 5.85 -10.44 15.80
N THR D 142 5.57 -11.75 15.86
CA THR D 142 4.59 -12.28 16.79
C THR D 142 5.19 -12.63 18.14
N LYS D 143 6.48 -12.35 18.35
CA LYS D 143 7.15 -12.64 19.60
C LYS D 143 7.68 -11.40 20.31
N PHE D 144 7.83 -10.28 19.60
CA PHE D 144 8.38 -9.06 20.18
C PHE D 144 7.44 -7.89 19.98
N THR D 145 6.16 -8.07 20.31
CA THR D 145 5.17 -7.03 20.16
C THR D 145 5.50 -5.84 21.07
N VAL D 146 4.72 -4.77 20.92
CA VAL D 146 4.95 -3.54 21.66
C VAL D 146 4.83 -3.74 23.17
N SER D 147 4.03 -4.72 23.60
CA SER D 147 3.94 -5.01 25.03
C SER D 147 5.28 -5.48 25.59
N VAL D 148 5.94 -6.41 24.90
CA VAL D 148 7.25 -6.87 25.35
C VAL D 148 8.27 -5.74 25.30
N SER D 149 8.17 -4.90 24.27
CA SER D 149 9.07 -3.77 24.17
C SER D 149 8.91 -2.84 25.35
N GLY D 150 7.67 -2.62 25.78
CA GLY D 150 7.42 -1.69 26.85
C GLY D 150 7.68 -2.33 28.21
N LEU D 151 7.79 -3.65 28.22
CA LEU D 151 8.03 -4.36 29.47
C LEU D 151 9.45 -4.17 30.01
N CYS D 152 10.46 -4.03 29.14
CA CYS D 152 11.77 -3.57 29.61
C CYS D 152 11.80 -2.11 30.00
N ILE D 153 11.06 -1.25 29.31
CA ILE D 153 11.06 0.16 29.66
C ILE D 153 10.52 0.40 31.06
N ALA D 154 9.53 -0.38 31.51
CA ALA D 154 9.01 -0.27 32.85
C ALA D 154 9.78 -1.10 33.87
N LEU D 155 10.62 -2.02 33.41
CA LEU D 155 11.39 -2.86 34.34
C LEU D 155 12.75 -2.25 34.67
N SER D 156 13.48 -1.85 33.64
CA SER D 156 14.79 -1.26 33.85
C SER D 156 14.72 0.00 34.70
N TRP D 157 13.79 0.90 34.36
CA TRP D 157 13.61 2.12 35.13
C TRP D 157 13.26 1.80 36.58
N PHE D 158 12.33 0.85 36.77
CA PHE D 158 11.91 0.49 38.13
C PHE D 158 13.07 -0.08 38.93
N PHE D 159 13.85 -0.98 38.33
CA PHE D 159 14.96 -1.58 39.06
C PHE D 159 16.01 -0.54 39.41
N SER D 160 16.36 0.33 38.46
CA SER D 160 17.38 1.34 38.73
C SER D 160 16.93 2.30 39.82
N VAL D 161 15.68 2.78 39.73
CA VAL D 161 15.17 3.71 40.72
C VAL D 161 15.09 3.05 42.08
N THR D 162 14.62 1.80 42.13
CA THR D 162 14.52 1.09 43.40
C THR D 162 15.89 0.93 44.05
N TYR D 163 16.89 0.51 43.27
CA TYR D 163 18.22 0.32 43.83
C TYR D 163 18.79 1.65 44.35
N SER D 164 18.68 2.70 43.54
CA SER D 164 19.24 3.99 43.94
C SER D 164 18.55 4.52 45.20
N PHE D 165 17.22 4.46 45.23
CA PHE D 165 16.49 4.98 46.38
C PHE D 165 16.76 4.15 47.64
N SER D 166 16.82 2.82 47.50
CA SER D 166 16.97 1.95 48.65
C SER D 166 18.41 1.83 49.13
N ILE D 167 19.39 2.33 48.38
CA ILE D 167 20.76 2.25 48.85
C ILE D 167 21.30 3.63 49.19
N PHE D 168 21.12 4.59 48.28
CA PHE D 168 21.78 5.88 48.43
C PHE D 168 20.92 6.92 49.14
N TYR D 169 19.61 6.92 48.89
CA TYR D 169 18.74 7.91 49.52
C TYR D 169 18.74 7.75 51.04
N THR D 170 18.64 6.51 51.49
CA THR D 170 18.65 6.23 52.92
C THR D 170 20.01 6.49 53.53
N GLY D 171 21.04 6.54 52.71
CA GLY D 171 22.39 6.73 53.20
C GLY D 171 23.01 5.48 53.80
N ALA D 172 22.71 4.32 53.23
CA ALA D 172 23.22 3.05 53.75
C ALA D 172 24.63 2.74 53.27
N ASN D 173 25.21 3.58 52.41
CA ASN D 173 26.55 3.38 51.92
C ASN D 173 27.62 3.95 52.83
N GLU D 174 27.22 4.70 53.86
CA GLU D 174 28.16 5.31 54.79
C GLU D 174 28.09 4.71 56.19
N GLU D 175 27.54 3.51 56.32
CA GLU D 175 27.41 2.87 57.63
C GLU D 175 28.79 2.46 58.11
N GLY D 176 29.34 3.24 59.03
CA GLY D 176 30.65 2.96 59.58
C GLY D 176 31.82 3.32 58.68
N ILE D 177 31.56 3.98 57.56
CA ILE D 177 32.63 4.34 56.61
C ILE D 177 32.97 5.80 56.86
N GLU D 178 33.94 6.03 57.75
CA GLU D 178 34.47 7.35 58.03
C GLU D 178 35.94 7.47 57.64
N GLU D 179 36.44 6.54 56.82
CA GLU D 179 37.85 6.57 56.44
C GLU D 179 38.17 7.78 55.58
N LEU D 180 37.37 8.04 54.57
CA LEU D 180 37.58 9.18 53.70
C LEU D 180 37.23 10.49 54.39
N VAL D 181 38.02 11.54 54.14
CA VAL D 181 37.78 12.83 54.75
C VAL D 181 37.08 13.81 53.82
N VAL D 182 37.03 13.52 52.51
CA VAL D 182 36.44 14.45 51.56
C VAL D 182 34.93 14.55 51.76
N ALA D 183 34.28 13.38 51.82
CA ALA D 183 32.82 13.34 51.94
C ALA D 183 32.32 12.63 53.19
N LEU D 184 31.16 13.12 53.64
CA LEU D 184 30.34 12.69 54.80
C LEU D 184 30.83 13.18 56.16
N THR D 185 31.95 13.89 56.15
CA THR D 185 32.51 14.48 57.36
C THR D 185 32.65 15.99 57.19
N CYS D 186 32.55 16.45 55.94
CA CYS D 186 32.70 17.86 55.64
C CYS D 186 31.60 18.39 54.70
N VAL D 187 31.13 19.60 54.99
CA VAL D 187 30.07 20.24 54.20
C VAL D 187 30.40 20.58 52.74
N GLY D 188 31.62 21.08 52.50
CA GLY D 188 32.04 21.49 51.16
C GLY D 188 32.10 20.41 50.09
N GLY D 189 32.73 19.29 50.44
CA GLY D 189 32.91 18.16 49.55
C GLY D 189 31.64 17.36 49.33
N CYS D 190 31.73 16.42 48.39
CA CYS D 190 30.63 15.55 48.04
C CYS D 190 31.15 14.31 47.32
N GLN D 191 30.61 13.16 47.69
CA GLN D 191 30.94 11.88 47.05
C GLN D 191 29.93 10.85 47.54
N ALA D 192 30.09 9.62 47.05
CA ALA D 192 29.22 8.53 47.50
C ALA D 192 29.91 7.18 47.38
N PRO D 193 30.97 6.93 48.15
CA PRO D 193 31.60 5.60 48.13
C PRO D 193 30.72 4.57 48.82
N LEU D 194 30.98 3.31 48.50
CA LEU D 194 30.23 2.20 49.06
C LEU D 194 31.04 1.51 50.17
N ASN D 195 30.38 0.64 50.93
CA ASN D 195 30.97 -0.13 52.00
C ASN D 195 31.23 -1.56 51.52
N GLN D 196 31.64 -2.44 52.44
CA GLN D 196 31.92 -3.84 52.12
C GLN D 196 30.66 -4.68 52.24
N ASN D 197 29.50 -4.08 52.01
CA ASN D 197 28.23 -4.81 52.12
C ASN D 197 27.37 -4.66 50.87
N TRP D 198 27.65 -3.63 50.05
CA TRP D 198 26.84 -3.38 48.86
C TRP D 198 27.64 -3.41 47.56
N VAL D 199 28.97 -3.36 47.62
CA VAL D 199 29.75 -3.46 46.39
C VAL D 199 29.55 -4.82 45.74
N LEU D 200 29.30 -5.86 46.53
CA LEU D 200 28.98 -7.15 45.94
C LEU D 200 27.71 -7.07 45.11
N LEU D 201 26.67 -6.41 45.63
CA LEU D 201 25.43 -6.25 44.88
C LEU D 201 25.66 -5.41 43.63
N CYS D 202 26.43 -4.33 43.75
CA CYS D 202 26.71 -3.49 42.59
C CYS D 202 27.48 -4.27 41.52
N PHE D 203 28.47 -5.06 41.94
CA PHE D 203 29.24 -5.86 41.01
C PHE D 203 28.37 -6.89 40.31
N LEU D 204 27.47 -7.55 41.05
CA LEU D 204 26.57 -8.51 40.44
C LEU D 204 25.65 -7.83 39.43
N LEU D 205 25.11 -6.66 39.80
CA LEU D 205 24.21 -5.93 38.92
C LEU D 205 24.91 -5.49 37.64
N PHE D 206 26.19 -5.14 37.74
CA PHE D 206 26.95 -4.83 36.53
C PHE D 206 27.30 -6.09 35.75
N PHE D 207 27.55 -7.18 36.45
CA PHE D 207 28.11 -8.38 35.81
C PHE D 207 27.07 -9.10 34.96
N LEU D 208 25.86 -9.30 35.50
CA LEU D 208 24.91 -10.16 34.81
C LEU D 208 24.53 -9.64 33.42
N PRO D 209 24.12 -8.38 33.24
CA PRO D 209 23.85 -7.91 31.87
C PRO D 209 25.06 -7.98 30.97
N THR D 210 26.26 -7.73 31.50
CA THR D 210 27.46 -7.82 30.66
C THR D 210 27.66 -9.22 30.11
N VAL D 211 27.49 -10.23 30.97
CA VAL D 211 27.64 -11.61 30.52
C VAL D 211 26.58 -11.94 29.48
N VAL D 212 25.33 -11.54 29.73
CA VAL D 212 24.24 -11.84 28.79
C VAL D 212 24.54 -11.21 27.43
N MET D 213 24.94 -9.94 27.43
CA MET D 213 25.19 -9.22 26.19
C MET D 213 26.37 -9.83 25.43
N VAL D 214 27.44 -10.18 26.14
CA VAL D 214 28.60 -10.78 25.48
C VAL D 214 28.21 -12.10 24.83
N PHE D 215 27.48 -12.94 25.57
CA PHE D 215 27.09 -14.25 25.03
C PHE D 215 26.20 -14.10 23.80
N LEU D 216 25.21 -13.20 23.87
CA LEU D 216 24.30 -13.02 22.74
C LEU D 216 25.03 -12.47 21.52
N TYR D 217 25.92 -11.51 21.70
CA TYR D 217 26.64 -10.97 20.55
C TYR D 217 27.61 -11.99 19.96
N GLY D 218 28.19 -12.85 20.81
CA GLY D 218 29.01 -13.93 20.27
C GLY D 218 28.20 -14.89 19.41
N ARG D 219 27.00 -15.25 19.89
CA ARG D 219 26.15 -16.12 19.09
C ARG D 219 25.76 -15.46 17.76
N ILE D 220 25.45 -14.16 17.80
CA ILE D 220 25.11 -13.45 16.57
C ILE D 220 26.29 -13.47 15.60
N PHE D 221 27.50 -13.25 16.11
CA PHE D 221 28.68 -13.27 15.24
C PHE D 221 28.89 -14.66 14.63
N LEU D 222 28.63 -15.71 15.41
CA LEU D 222 28.74 -17.06 14.88
C LEU D 222 27.74 -17.30 13.75
N VAL D 223 26.51 -16.82 13.94
CA VAL D 223 25.50 -16.96 12.89
C VAL D 223 25.91 -16.21 11.63
N ALA D 224 26.48 -15.02 11.80
CA ALA D 224 26.96 -14.26 10.65
C ALA D 224 28.08 -15.01 9.94
N LYS D 225 28.93 -15.68 10.70
CA LYS D 225 30.01 -16.46 10.11
C LYS D 225 29.44 -17.60 9.28
N TYR D 226 28.41 -18.26 9.80
CA TYR D 226 27.79 -19.38 9.08
C TYR D 226 27.11 -18.90 7.80
N GLN D 227 26.41 -17.77 7.87
CA GLN D 227 25.73 -17.25 6.69
C GLN D 227 26.72 -16.80 5.63
N ALA D 228 27.81 -16.16 6.06
CA ALA D 228 28.82 -15.68 5.14
C ALA D 228 29.49 -16.86 4.45
N ARG D 229 29.52 -18.00 5.16
CA ARG D 229 30.11 -19.20 4.61
C ARG D 229 29.18 -19.73 3.53
N LYS D 230 27.89 -19.79 3.85
CA LYS D 230 26.90 -20.26 2.90
C LYS D 230 26.87 -19.43 1.62
N ILE D 231 26.84 -18.10 1.75
CA ILE D 231 26.68 -17.28 0.55
C ILE D 231 27.92 -17.36 -0.31
N GLU D 232 29.11 -17.37 0.30
CA GLU D 232 30.33 -17.49 -0.48
C GLU D 232 30.51 -18.93 -0.96
N GLY D 233 31.01 -19.05 -2.19
CA GLY D 233 31.23 -20.35 -2.77
C GLY D 233 30.26 -20.69 -3.89
N THR D 234 28.98 -20.34 -3.71
CA THR D 234 27.97 -20.56 -4.73
C THR D 234 27.84 -19.33 -5.64
N ALA D 235 28.93 -19.03 -6.32
CA ALA D 235 28.99 -17.89 -7.22
C ALA D 235 29.87 -18.18 -8.42
N SER D 244 39.90 -15.50 -4.47
CA SER D 244 39.86 -16.91 -4.07
C SER D 244 38.57 -17.22 -3.33
N TYR D 245 38.63 -18.19 -2.43
CA TYR D 245 37.49 -18.50 -1.58
C TYR D 245 37.91 -18.46 -0.12
N LYS D 246 39.13 -18.90 0.18
CA LYS D 246 39.65 -18.84 1.54
C LYS D 246 39.90 -17.42 2.00
N GLU D 247 40.01 -16.48 1.06
CA GLU D 247 40.12 -15.06 1.38
C GLU D 247 38.86 -14.29 1.04
N ARG D 248 38.03 -14.80 0.11
CA ARG D 248 36.78 -14.13 -0.22
C ARG D 248 35.80 -14.11 0.93
N VAL D 249 35.95 -15.00 1.91
CA VAL D 249 35.16 -14.97 3.13
C VAL D 249 35.60 -13.86 4.07
N ALA D 250 36.90 -13.51 4.07
CA ALA D 250 37.46 -12.65 5.10
C ALA D 250 36.88 -11.23 5.11
N LYS D 251 36.71 -10.64 3.95
CA LYS D 251 36.12 -9.31 3.88
C LYS D 251 34.75 -9.33 4.53
N ARG D 252 33.96 -10.35 4.19
CA ARG D 252 32.60 -10.41 4.72
C ARG D 252 32.59 -10.45 6.24
N GLU D 253 33.60 -11.11 6.82
CA GLU D 253 33.69 -11.23 8.27
C GLU D 253 34.36 -10.03 8.94
N ARG D 254 35.05 -9.21 8.16
CA ARG D 254 35.72 -8.04 8.69
C ARG D 254 34.78 -6.90 9.06
N LYS D 255 33.58 -6.89 8.47
CA LYS D 255 32.62 -5.84 8.78
C LYS D 255 31.71 -6.21 9.96
N ALA D 256 31.23 -7.46 10.00
CA ALA D 256 30.44 -7.89 11.15
C ALA D 256 31.28 -7.88 12.42
N ALA D 257 32.51 -8.38 12.33
CA ALA D 257 33.40 -8.38 13.48
C ALA D 257 33.67 -6.95 13.94
N LYS D 258 33.91 -6.03 13.00
CA LYS D 258 34.17 -4.65 13.37
C LYS D 258 32.96 -4.03 14.07
N THR D 259 31.77 -4.25 13.53
CA THR D 259 30.57 -3.65 14.13
C THR D 259 30.35 -4.17 15.54
N LEU D 260 30.32 -5.48 15.71
CA LEU D 260 30.11 -6.04 17.05
C LEU D 260 31.25 -5.68 17.99
N GLY D 261 32.47 -5.62 17.47
CA GLY D 261 33.61 -5.30 18.31
C GLY D 261 33.55 -3.89 18.86
N ILE D 262 33.21 -2.91 18.02
CA ILE D 262 33.12 -1.55 18.53
C ILE D 262 31.95 -1.42 19.50
N ALA D 263 30.82 -2.08 19.17
CA ALA D 263 29.65 -2.01 20.04
C ALA D 263 29.96 -2.56 21.43
N MET D 264 30.69 -3.68 21.49
CA MET D 264 31.07 -4.23 22.79
C MET D 264 32.16 -3.41 23.46
N ALA D 265 33.13 -2.95 22.69
CA ALA D 265 34.34 -2.36 23.24
C ALA D 265 34.07 -1.02 23.88
N ALA D 266 33.19 -0.21 23.29
CA ALA D 266 32.90 1.09 23.92
C ALA D 266 32.41 0.91 25.35
N PHE D 267 31.37 0.09 25.49
CA PHE D 267 30.77 -0.21 26.78
C PHE D 267 31.74 -0.86 27.76
N LEU D 268 32.49 -1.85 27.29
CA LEU D 268 33.44 -2.55 28.15
C LEU D 268 34.56 -1.62 28.63
N VAL D 269 35.10 -0.81 27.72
CA VAL D 269 36.19 0.08 28.07
C VAL D 269 35.72 1.13 29.08
N SER D 270 34.53 1.69 28.87
CA SER D 270 34.08 2.74 29.76
C SER D 270 33.74 2.21 31.14
N TRP D 271 32.95 1.14 31.21
CA TRP D 271 32.36 0.74 32.49
C TRP D 271 33.33 -0.01 33.39
N LEU D 272 34.31 -0.70 32.82
CA LEU D 272 35.16 -1.59 33.63
C LEU D 272 35.96 -0.86 34.70
N PRO D 273 36.69 0.24 34.42
CA PRO D 273 37.56 0.80 35.47
C PRO D 273 36.83 1.17 36.76
N TYR D 274 35.62 1.72 36.65
CA TYR D 274 34.90 2.16 37.84
C TYR D 274 34.59 0.99 38.77
N ILE D 275 34.10 -0.13 38.22
CA ILE D 275 33.72 -1.25 39.06
C ILE D 275 34.94 -1.85 39.75
N ILE D 276 36.02 -2.02 39.00
CA ILE D 276 37.24 -2.60 39.57
C ILE D 276 37.79 -1.69 40.67
N ASP D 277 37.86 -0.39 40.40
CA ASP D 277 38.37 0.53 41.40
C ASP D 277 37.48 0.55 42.64
N ALA D 278 36.16 0.53 42.47
CA ALA D 278 35.25 0.56 43.62
C ALA D 278 35.40 -0.70 44.45
N VAL D 279 35.49 -1.87 43.82
CA VAL D 279 35.61 -3.10 44.59
C VAL D 279 36.96 -3.17 45.28
N ILE D 280 38.01 -2.65 44.65
CA ILE D 280 39.32 -2.61 45.30
C ILE D 280 39.29 -1.68 46.50
N ASP D 281 38.68 -0.50 46.36
CA ASP D 281 38.60 0.43 47.47
C ASP D 281 37.73 -0.10 48.60
N ALA D 282 36.74 -0.93 48.27
CA ALA D 282 35.91 -1.51 49.32
C ALA D 282 36.64 -2.63 50.06
N TYR D 283 37.29 -3.52 49.32
CA TYR D 283 37.90 -4.69 49.93
C TYR D 283 39.02 -4.29 50.89
N MET D 284 39.88 -3.37 50.46
CA MET D 284 40.98 -2.90 51.28
C MET D 284 40.70 -1.46 51.74
N ASN D 285 41.62 -0.91 52.53
CA ASN D 285 41.47 0.46 52.99
C ASN D 285 41.51 1.42 51.80
N PHE D 286 40.73 2.50 51.90
CA PHE D 286 40.59 3.45 50.80
C PHE D 286 41.92 4.14 50.55
N ILE D 287 42.61 3.75 49.48
CA ILE D 287 43.88 4.35 49.11
C ILE D 287 43.81 5.08 47.78
N THR D 288 42.71 4.99 47.05
CA THR D 288 42.60 5.65 45.77
C THR D 288 42.60 7.16 45.95
N PRO D 289 43.44 7.89 45.22
CA PRO D 289 43.41 9.36 45.32
C PRO D 289 42.07 9.91 44.90
N ALA D 290 41.68 11.01 45.55
CA ALA D 290 40.36 11.58 45.30
C ALA D 290 40.21 12.06 43.87
N TYR D 291 41.24 12.70 43.32
CA TYR D 291 41.10 13.34 42.01
C TYR D 291 40.93 12.32 40.89
N VAL D 292 41.52 11.13 41.01
CA VAL D 292 41.42 10.12 39.96
C VAL D 292 40.08 9.40 39.98
N TYR D 293 39.28 9.58 41.03
CA TYR D 293 37.95 8.98 41.08
C TYR D 293 36.98 9.67 40.12
N GLU D 294 37.02 11.00 40.08
CA GLU D 294 36.16 11.74 39.17
C GLU D 294 36.48 11.42 37.71
N ILE D 295 37.73 11.07 37.41
CA ILE D 295 38.08 10.69 36.04
C ILE D 295 37.34 9.41 35.65
N LEU D 296 37.30 8.42 36.55
CA LEU D 296 36.58 7.19 36.26
C LEU D 296 35.08 7.44 36.14
N VAL D 297 34.52 8.26 37.04
CA VAL D 297 33.11 8.59 36.94
C VAL D 297 32.82 9.29 35.61
N TRP D 298 33.76 10.13 35.16
CA TRP D 298 33.56 10.85 33.92
C TRP D 298 33.70 9.95 32.71
N CYS D 299 34.52 8.90 32.80
CA CYS D 299 34.52 7.88 31.76
C CYS D 299 33.17 7.18 31.67
N VAL D 300 32.59 6.86 32.84
CA VAL D 300 31.25 6.27 32.86
C VAL D 300 30.25 7.22 32.20
N TYR D 301 30.37 8.51 32.47
CA TYR D 301 29.50 9.50 31.82
C TYR D 301 29.73 9.55 30.31
N TYR D 302 31.00 9.44 29.93
CA TYR D 302 31.38 9.50 28.53
C TYR D 302 30.71 8.38 27.76
N ASN D 303 30.60 7.20 28.37
CA ASN D 303 29.86 6.10 27.75
C ASN D 303 28.48 6.55 27.32
N SER D 304 27.77 7.20 28.24
CA SER D 304 26.44 7.72 27.93
C SER D 304 26.52 8.78 26.83
N ALA D 305 27.55 9.62 26.88
CA ALA D 305 27.69 10.67 25.86
C ALA D 305 27.89 10.10 24.47
N MET D 306 28.59 8.96 24.35
CA MET D 306 28.89 8.38 23.05
C MET D 306 27.90 7.34 22.59
N ASN D 307 27.03 6.84 23.48
CA ASN D 307 26.10 5.78 23.12
C ASN D 307 25.16 6.19 21.97
N PRO D 308 24.49 7.35 21.99
CA PRO D 308 23.61 7.68 20.86
C PRO D 308 24.34 7.73 19.53
N LEU D 309 25.59 8.21 19.53
CA LEU D 309 26.35 8.25 18.28
C LEU D 309 26.60 6.85 17.75
N ILE D 310 26.64 5.85 18.62
CA ILE D 310 26.90 4.48 18.18
C ILE D 310 25.62 3.70 17.89
N TYR D 311 24.47 4.16 18.36
CA TYR D 311 23.23 3.43 18.14
C TYR D 311 22.25 4.10 17.20
N ALA D 312 22.47 5.36 16.82
CA ALA D 312 21.60 6.02 15.84
C ALA D 312 22.35 6.42 14.59
N PHE D 313 23.43 7.19 14.71
CA PHE D 313 24.12 7.70 13.53
C PHE D 313 24.85 6.62 12.76
N PHE D 314 24.99 5.42 13.32
CA PHE D 314 25.66 4.32 12.65
C PHE D 314 24.83 3.70 11.54
N TYR D 315 23.55 4.05 11.44
CA TYR D 315 22.65 3.44 10.48
C TYR D 315 22.16 4.47 9.47
N PRO D 316 21.84 4.04 8.24
CA PRO D 316 21.51 5.02 7.19
C PRO D 316 20.19 5.74 7.42
N TRP D 317 19.15 5.04 7.87
CA TRP D 317 17.84 5.69 7.99
C TRP D 317 17.84 6.79 9.04
N PHE D 318 18.50 6.56 10.17
CA PHE D 318 18.59 7.61 11.19
C PHE D 318 19.40 8.79 10.68
N ARG D 319 20.45 8.52 9.92
CA ARG D 319 21.24 9.60 9.33
C ARG D 319 20.38 10.43 8.38
N LYS D 320 19.57 9.77 7.55
CA LYS D 320 18.69 10.50 6.64
C LYS D 320 17.67 11.33 7.41
N ALA D 321 17.11 10.77 8.48
CA ALA D 321 16.14 11.52 9.28
C ALA D 321 16.78 12.75 9.90
N ILE D 322 17.99 12.61 10.44
CA ILE D 322 18.68 13.75 11.04
C ILE D 322 18.99 14.80 9.98
N LYS D 323 19.43 14.36 8.79
CA LYS D 323 19.71 15.29 7.71
C LYS D 323 18.46 16.04 7.29
N LEU D 324 17.32 15.37 7.22
CA LEU D 324 16.06 16.03 6.89
C LEU D 324 15.69 17.04 7.98
N ILE D 325 15.87 16.67 9.25
CA ILE D 325 15.50 17.55 10.35
C ILE D 325 16.33 18.82 10.32
N VAL D 326 17.66 18.67 10.17
CA VAL D 326 18.54 19.82 10.19
C VAL D 326 18.28 20.74 9.00
N SER D 327 18.04 20.15 7.82
CA SER D 327 17.81 20.96 6.62
C SER D 327 16.56 21.82 6.77
N GLY D 328 15.50 21.26 7.34
CA GLY D 328 14.25 21.96 7.50
C GLY D 328 13.11 21.45 6.64
N LYS D 329 13.35 20.37 5.89
CA LYS D 329 12.27 19.77 5.11
C LYS D 329 11.32 19.02 6.06
N VAL D 330 11.51 19.22 7.37
CA VAL D 330 10.72 18.61 8.43
C VAL D 330 9.27 19.05 8.42
N PHE D 331 8.99 20.22 7.89
CA PHE D 331 7.61 20.71 7.83
C PHE D 331 6.87 20.27 6.56
N ARG D 332 5.64 20.77 6.42
CA ARG D 332 4.74 20.53 5.30
C ARG D 332 4.35 19.06 5.07
N ALA D 333 3.70 18.47 6.06
CA ALA D 333 3.24 17.10 5.97
C ALA D 333 4.30 16.07 5.61
N ASP D 334 5.47 16.17 6.21
CA ASP D 334 6.54 15.23 5.92
C ASP D 334 6.12 13.81 6.30
N SER D 335 6.39 12.88 5.41
CA SER D 335 6.05 11.47 5.61
C SER D 335 7.03 10.61 4.84
N SER D 336 8.18 11.20 4.51
CA SER D 336 9.25 10.52 3.79
C SER D 336 9.69 9.25 4.48
N THR D 337 9.95 8.22 3.68
CA THR D 337 10.38 6.93 4.20
C THR D 337 11.88 6.77 4.01
N THR D 338 12.53 6.10 4.95
CA THR D 338 13.97 5.89 4.87
C THR D 338 14.37 4.50 5.34
N VAL E 39 -35.40 -5.61 10.58
CA VAL E 39 -35.09 -4.65 11.63
C VAL E 39 -36.25 -4.56 12.61
N GLN E 40 -36.01 -4.91 13.86
CA GLN E 40 -37.04 -4.83 14.88
C GLN E 40 -36.38 -4.72 16.26
N LEU E 41 -36.98 -3.91 17.12
CA LEU E 41 -36.52 -3.72 18.49
C LEU E 41 -37.69 -3.94 19.43
N VAL E 42 -37.47 -4.75 20.46
CA VAL E 42 -38.50 -5.04 21.47
C VAL E 42 -37.94 -4.71 22.84
N GLU E 43 -38.74 -4.03 23.65
CA GLU E 43 -38.35 -3.61 24.98
C GLU E 43 -39.03 -4.49 26.03
N SER E 44 -38.30 -4.81 27.08
CA SER E 44 -38.78 -5.66 28.16
C SER E 44 -38.60 -4.97 29.49
N GLY E 45 -39.50 -5.29 30.43
CA GLY E 45 -39.48 -4.70 31.76
C GLY E 45 -40.81 -4.04 32.07
N GLY E 46 -40.73 -2.86 32.68
CA GLY E 46 -41.93 -2.10 33.00
C GLY E 46 -42.69 -2.69 34.17
N GLY E 47 -43.91 -2.17 34.35
CA GLY E 47 -44.78 -2.59 35.42
C GLY E 47 -45.03 -1.46 36.41
N LEU E 48 -45.27 -1.85 37.66
CA LEU E 48 -45.54 -0.91 38.75
C LEU E 48 -44.44 -1.03 39.79
N VAL E 49 -43.90 0.11 40.22
CA VAL E 49 -42.82 0.14 41.20
C VAL E 49 -43.11 1.23 42.20
N GLN E 50 -42.81 0.95 43.47
CA GLN E 50 -42.96 1.95 44.51
C GLN E 50 -41.92 3.05 44.37
N PRO E 51 -42.21 4.26 44.84
CA PRO E 51 -41.24 5.35 44.72
C PRO E 51 -39.94 5.02 45.43
N GLY E 52 -38.84 5.51 44.87
CA GLY E 52 -37.53 5.20 45.40
C GLY E 52 -37.13 3.75 45.26
N GLY E 53 -37.54 3.10 44.18
CA GLY E 53 -37.18 1.71 43.95
C GLY E 53 -36.12 1.55 42.89
N SER E 54 -36.13 0.42 42.18
CA SER E 54 -35.17 0.18 41.11
C SER E 54 -35.77 -0.80 40.12
N ARG E 55 -35.38 -0.65 38.86
CA ARG E 55 -35.83 -1.54 37.80
C ARG E 55 -34.86 -1.46 36.64
N LYS E 56 -34.86 -2.49 35.80
CA LYS E 56 -33.99 -2.58 34.64
C LYS E 56 -34.82 -2.89 33.41
N LEU E 57 -34.67 -2.08 32.37
CA LEU E 57 -35.36 -2.28 31.09
C LEU E 57 -34.36 -2.74 30.05
N SER E 58 -34.74 -3.73 29.25
CA SER E 58 -33.89 -4.30 28.22
C SER E 58 -34.55 -4.14 26.86
N CYS E 59 -33.77 -3.68 25.88
CA CYS E 59 -34.22 -3.56 24.49
C CYS E 59 -33.30 -4.44 23.65
N SER E 60 -33.84 -5.50 23.07
CA SER E 60 -33.06 -6.48 22.33
C SER E 60 -33.25 -6.28 20.83
N ALA E 61 -32.13 -6.16 20.11
CA ALA E 61 -32.13 -5.91 18.68
C ALA E 61 -31.91 -7.21 17.91
N SER E 62 -32.50 -7.28 16.73
CA SER E 62 -32.34 -8.45 15.87
C SER E 62 -32.69 -8.06 14.44
N GLY E 63 -31.74 -8.18 13.53
CA GLY E 63 -32.01 -7.90 12.13
C GLY E 63 -31.09 -6.88 11.50
N PHE E 64 -30.08 -6.45 12.23
CA PHE E 64 -29.12 -5.48 11.70
C PHE E 64 -27.83 -5.56 12.50
N ALA E 65 -26.81 -4.87 12.01
CA ALA E 65 -25.50 -4.88 12.65
C ALA E 65 -25.52 -4.02 13.90
N PHE E 66 -25.89 -4.63 15.04
CA PHE E 66 -26.09 -3.88 16.27
C PHE E 66 -24.80 -3.20 16.74
N SER E 67 -23.65 -3.85 16.51
CA SER E 67 -22.40 -3.34 17.05
C SER E 67 -21.99 -2.00 16.46
N SER E 68 -22.47 -1.67 15.26
CA SER E 68 -22.04 -0.46 14.57
C SER E 68 -23.02 0.69 14.68
N PHE E 69 -24.02 0.58 15.55
CA PHE E 69 -25.07 1.59 15.67
C PHE E 69 -25.02 2.21 17.07
N GLY E 70 -25.03 3.53 17.12
CA GLY E 70 -25.28 4.21 18.38
C GLY E 70 -26.74 4.09 18.79
N MET E 71 -26.99 4.23 20.08
CA MET E 71 -28.32 4.01 20.63
C MET E 71 -28.72 5.16 21.54
N HIS E 72 -30.03 5.36 21.65
CA HIS E 72 -30.60 6.41 22.48
C HIS E 72 -31.75 5.85 23.30
N TRP E 73 -32.11 6.56 24.35
CA TRP E 73 -33.31 6.27 25.14
C TRP E 73 -34.16 7.53 25.18
N VAL E 74 -35.40 7.43 24.71
CA VAL E 74 -36.32 8.55 24.66
C VAL E 74 -37.62 8.13 25.31
N ARG E 75 -38.12 8.97 26.22
CA ARG E 75 -39.35 8.68 26.95
C ARG E 75 -40.41 9.70 26.61
N GLN E 76 -41.67 9.27 26.70
CA GLN E 76 -42.82 10.14 26.47
C GLN E 76 -43.74 10.06 27.67
N ALA E 77 -44.08 11.22 28.23
CA ALA E 77 -45.00 11.31 29.36
C ALA E 77 -46.37 10.80 28.94
N PRO E 78 -47.28 10.52 29.89
CA PRO E 78 -48.59 9.98 29.50
C PRO E 78 -49.35 10.84 28.51
N GLU E 79 -49.17 12.16 28.56
CA GLU E 79 -49.87 13.05 27.64
C GLU E 79 -49.01 14.17 27.08
N LYS E 80 -47.76 14.25 27.52
CA LYS E 80 -46.86 15.30 27.06
C LYS E 80 -46.08 14.85 25.82
N GLY E 81 -45.06 15.62 25.45
CA GLY E 81 -44.24 15.31 24.30
C GLY E 81 -43.09 14.38 24.64
N LEU E 82 -42.10 14.38 23.76
CA LEU E 82 -40.95 13.51 23.89
C LEU E 82 -39.84 14.17 24.70
N GLU E 83 -38.90 13.36 25.17
CA GLU E 83 -37.78 13.84 25.96
C GLU E 83 -36.62 12.86 25.85
N TRP E 84 -35.42 13.38 25.61
CA TRP E 84 -34.22 12.56 25.50
C TRP E 84 -33.59 12.38 26.87
N VAL E 85 -33.20 11.14 27.18
CA VAL E 85 -32.72 10.82 28.52
C VAL E 85 -31.32 10.22 28.54
N ALA E 86 -30.84 9.59 27.47
CA ALA E 86 -29.55 8.91 27.53
C ALA E 86 -29.02 8.69 26.12
N TYR E 87 -27.75 8.26 26.06
CA TYR E 87 -27.09 7.96 24.80
C TYR E 87 -25.83 7.13 25.03
N ILE E 88 -25.65 6.06 24.27
CA ILE E 88 -24.46 5.24 24.33
C ILE E 88 -23.90 5.10 22.92
N SER E 89 -22.63 5.46 22.75
CA SER E 89 -22.01 5.46 21.43
C SER E 89 -21.62 4.05 21.02
N SER E 90 -21.20 3.89 19.77
CA SER E 90 -20.70 2.62 19.28
C SER E 90 -19.32 2.36 19.87
N GLY E 91 -19.13 1.16 20.41
CA GLY E 91 -17.91 0.85 21.13
C GLY E 91 -17.88 1.32 22.56
N SER E 92 -18.97 1.91 23.06
CA SER E 92 -19.10 2.35 24.45
C SER E 92 -18.04 3.39 24.82
N GLY E 93 -17.59 4.16 23.84
CA GLY E 93 -16.57 5.17 24.09
C GLY E 93 -17.08 6.51 24.56
N THR E 94 -18.40 6.72 24.58
CA THR E 94 -18.96 8.01 24.96
C THR E 94 -20.37 7.80 25.47
N ILE E 95 -20.66 8.33 26.65
CA ILE E 95 -21.98 8.23 27.26
C ILE E 95 -22.41 9.61 27.72
N TYR E 96 -23.65 9.98 27.41
CA TYR E 96 -24.22 11.27 27.80
C TYR E 96 -25.53 11.04 28.52
N TYR E 97 -25.87 11.97 29.42
CA TYR E 97 -27.07 11.89 30.21
C TYR E 97 -27.79 13.23 30.23
N ALA E 98 -29.08 13.18 30.53
CA ALA E 98 -29.83 14.40 30.75
C ALA E 98 -29.67 14.86 32.20
N ASP E 99 -29.82 16.15 32.42
CA ASP E 99 -29.62 16.70 33.76
C ASP E 99 -30.64 16.16 34.75
N THR E 100 -31.81 15.74 34.27
CA THR E 100 -32.84 15.23 35.17
C THR E 100 -32.45 13.89 35.78
N VAL E 101 -31.75 13.05 35.04
CA VAL E 101 -31.48 11.68 35.48
C VAL E 101 -29.97 11.43 35.50
N LYS E 102 -29.19 12.48 35.68
CA LYS E 102 -27.73 12.33 35.62
C LYS E 102 -27.19 11.36 36.66
N GLY E 103 -27.67 11.44 37.89
CA GLY E 103 -27.14 10.60 38.94
C GLY E 103 -27.93 9.35 39.28
N ARG E 104 -29.08 9.13 38.64
CA ARG E 104 -29.93 8.01 39.00
C ARG E 104 -29.96 6.90 37.95
N PHE E 105 -29.69 7.21 36.69
CA PHE E 105 -29.77 6.22 35.62
C PHE E 105 -28.39 5.92 35.08
N THR E 106 -28.16 4.66 34.74
CA THR E 106 -26.95 4.25 34.04
C THR E 106 -27.33 3.28 32.93
N ILE E 107 -26.66 3.40 31.79
CA ILE E 107 -26.98 2.60 30.62
C ILE E 107 -25.73 1.87 30.15
N SER E 108 -25.93 0.72 29.52
CA SER E 108 -24.83 -0.09 29.03
C SER E 108 -25.35 -1.02 27.94
N ARG E 109 -24.42 -1.53 27.14
CA ARG E 109 -24.75 -2.42 26.04
C ARG E 109 -23.86 -3.65 26.09
N ASP E 110 -24.36 -4.74 25.53
CA ASP E 110 -23.65 -6.01 25.49
C ASP E 110 -23.73 -6.46 24.03
N ASP E 111 -22.68 -6.15 23.25
CA ASP E 111 -22.69 -6.43 21.83
C ASP E 111 -22.81 -7.92 21.50
N PRO E 112 -22.06 -8.83 22.13
CA PRO E 112 -22.18 -10.25 21.72
C PRO E 112 -23.59 -10.81 21.82
N LYS E 113 -24.36 -10.39 22.81
CA LYS E 113 -25.73 -10.87 22.93
C LYS E 113 -26.74 -9.97 22.25
N ASN E 114 -26.30 -8.89 21.60
CA ASN E 114 -27.17 -7.98 20.85
C ASN E 114 -28.31 -7.46 21.71
N THR E 115 -27.98 -7.10 22.96
CA THR E 115 -28.98 -6.61 23.90
C THR E 115 -28.46 -5.35 24.57
N LEU E 116 -29.35 -4.38 24.76
CA LEU E 116 -29.04 -3.13 25.44
C LEU E 116 -30.04 -2.90 26.55
N PHE E 117 -29.55 -2.42 27.69
CA PHE E 117 -30.42 -2.18 28.83
C PHE E 117 -29.86 -1.20 29.85
N LEU E 118 -30.73 -0.34 30.36
CA LEU E 118 -30.35 0.66 31.36
C LEU E 118 -30.87 0.30 32.75
N GLN E 119 -30.18 0.81 33.77
CA GLN E 119 -30.51 0.57 35.17
C GLN E 119 -31.05 1.84 35.79
N MET E 120 -32.17 1.73 36.48
CA MET E 120 -32.81 2.86 37.13
C MET E 120 -32.76 2.69 38.64
N THR E 121 -32.42 3.77 39.35
CA THR E 121 -32.33 3.76 40.80
C THR E 121 -33.06 4.96 41.37
N SER E 122 -33.84 4.72 42.44
CA SER E 122 -34.54 5.77 43.17
C SER E 122 -35.46 6.58 42.25
N LEU E 123 -36.47 5.87 41.72
CA LEU E 123 -37.42 6.50 40.80
C LEU E 123 -38.34 7.45 41.54
N ARG E 124 -38.52 8.65 40.99
CA ARG E 124 -39.50 9.58 41.52
C ARG E 124 -40.88 9.26 40.96
N SER E 125 -41.86 10.09 41.30
CA SER E 125 -43.22 9.90 40.82
C SER E 125 -43.42 10.44 39.41
N GLU E 126 -42.50 11.25 38.89
CA GLU E 126 -42.60 11.80 37.55
C GLU E 126 -41.95 10.93 36.49
N ASP E 127 -41.23 9.88 36.88
CA ASP E 127 -40.56 9.00 35.93
C ASP E 127 -41.50 8.08 35.18
N THR E 128 -42.78 8.09 35.54
CA THR E 128 -43.77 7.28 34.81
C THR E 128 -43.88 7.75 33.37
N ALA E 129 -43.62 6.87 32.42
CA ALA E 129 -43.64 7.24 31.01
C ALA E 129 -43.50 5.97 30.18
N MET E 130 -43.47 6.14 28.87
CA MET E 130 -43.19 5.06 27.93
C MET E 130 -41.81 5.28 27.33
N TYR E 131 -40.97 4.26 27.36
CA TYR E 131 -39.57 4.37 26.99
C TYR E 131 -39.32 3.67 25.65
N TYR E 132 -38.67 4.37 24.73
CA TYR E 132 -38.32 3.85 23.42
C TYR E 132 -36.80 3.74 23.29
N CYS E 133 -36.35 2.70 22.60
CA CYS E 133 -34.95 2.57 22.23
C CYS E 133 -34.80 2.92 20.76
N VAL E 134 -33.92 3.87 20.46
CA VAL E 134 -33.76 4.42 19.12
C VAL E 134 -32.32 4.21 18.68
N ARG E 135 -32.15 3.79 17.42
CA ARG E 135 -30.84 3.54 16.85
C ARG E 135 -30.47 4.67 15.89
N SER E 136 -29.17 4.96 15.83
CA SER E 136 -28.68 6.00 14.93
C SER E 136 -27.22 5.75 14.62
N ILE E 137 -26.82 6.04 13.39
CA ILE E 137 -25.46 5.86 12.92
C ILE E 137 -24.98 7.18 12.33
N TYR E 138 -23.73 7.54 12.61
CA TYR E 138 -23.20 8.85 12.27
C TYR E 138 -22.03 8.71 11.31
N TYR E 139 -22.24 9.14 10.07
CA TYR E 139 -21.16 9.35 9.12
C TYR E 139 -21.68 10.31 8.05
N TYR E 140 -20.79 10.73 7.17
CA TYR E 140 -21.15 11.71 6.15
C TYR E 140 -22.30 11.19 5.29
N GLY E 141 -23.42 11.90 5.31
CA GLY E 141 -24.57 11.53 4.52
C GLY E 141 -25.50 10.52 5.16
N SER E 142 -25.29 10.17 6.42
CA SER E 142 -26.15 9.20 7.09
C SER E 142 -27.45 9.86 7.53
N SER E 143 -28.38 9.02 8.00
CA SER E 143 -29.69 9.48 8.48
C SER E 143 -29.92 8.95 9.88
N PRO E 144 -29.52 9.69 10.91
CA PRO E 144 -29.71 9.22 12.28
C PRO E 144 -31.17 9.22 12.69
N PHE E 145 -31.46 8.53 13.79
CA PHE E 145 -32.80 8.45 14.36
C PHE E 145 -33.80 7.88 13.36
N ASP E 146 -33.36 6.88 12.58
CA ASP E 146 -34.17 6.38 11.49
C ASP E 146 -35.10 5.24 11.89
N PHE E 147 -34.98 4.70 13.09
CA PHE E 147 -35.83 3.59 13.50
C PHE E 147 -36.12 3.68 14.99
N TRP E 148 -37.36 3.41 15.36
CA TRP E 148 -37.82 3.48 16.74
C TRP E 148 -38.44 2.16 17.15
N GLY E 149 -38.21 1.75 18.39
CA GLY E 149 -38.79 0.53 18.90
C GLY E 149 -40.25 0.71 19.27
N GLN E 150 -40.87 -0.41 19.67
CA GLN E 150 -42.28 -0.36 20.03
C GLN E 150 -42.50 0.37 21.34
N GLY E 151 -41.59 0.20 22.30
CA GLY E 151 -41.69 0.91 23.55
C GLY E 151 -42.33 0.08 24.65
N THR E 152 -41.95 0.39 25.89
CA THR E 152 -42.51 -0.26 27.06
C THR E 152 -42.95 0.80 28.06
N THR E 153 -43.95 0.46 28.86
CA THR E 153 -44.57 1.39 29.79
C THR E 153 -44.15 1.08 31.22
N LEU E 154 -43.83 2.13 31.97
CA LEU E 154 -43.46 2.02 33.38
C LEU E 154 -44.26 3.02 34.18
N THR E 155 -44.89 2.56 35.26
CA THR E 155 -45.73 3.40 36.10
C THR E 155 -45.20 3.39 37.53
N VAL E 156 -45.09 4.56 38.13
CA VAL E 156 -44.64 4.71 39.51
C VAL E 156 -45.83 5.18 40.34
N SER E 157 -46.20 4.38 41.34
CA SER E 157 -47.35 4.68 42.18
C SER E 157 -47.09 5.90 43.06
N SER E 173 -30.28 26.98 32.93
CA SER E 173 -29.64 26.06 32.01
C SER E 173 -29.67 26.60 30.58
N ALA E 174 -28.49 26.67 29.95
CA ALA E 174 -28.37 27.16 28.58
C ALA E 174 -28.68 26.02 27.62
N ASP E 175 -29.97 25.76 27.46
CA ASP E 175 -30.48 24.72 26.58
C ASP E 175 -31.34 25.34 25.49
N ILE E 176 -31.17 24.88 24.25
CA ILE E 176 -31.96 25.41 23.15
C ILE E 176 -33.42 25.04 23.35
N VAL E 177 -34.30 26.02 23.18
CA VAL E 177 -35.73 25.84 23.36
C VAL E 177 -36.39 25.89 22.00
N MET E 178 -37.10 24.81 21.66
CA MET E 178 -37.84 24.73 20.40
C MET E 178 -39.32 24.90 20.72
N THR E 179 -39.96 25.89 20.11
CA THR E 179 -41.36 26.20 20.37
C THR E 179 -42.18 25.95 19.11
N GLN E 180 -43.25 25.18 19.26
CA GLN E 180 -44.21 24.97 18.19
C GLN E 180 -45.32 26.01 18.34
N ALA E 181 -45.53 26.80 17.29
CA ALA E 181 -46.44 27.95 17.39
C ALA E 181 -47.86 27.52 17.69
N THR E 182 -48.34 26.48 17.01
CA THR E 182 -49.73 26.05 17.13
C THR E 182 -49.80 24.63 17.65
N SER E 183 -50.70 24.40 18.60
CA SER E 183 -50.90 23.08 19.17
C SER E 183 -51.92 22.24 18.40
N SER E 184 -52.70 22.83 17.52
CA SER E 184 -53.72 22.09 16.78
C SER E 184 -54.11 22.91 15.55
N VAL E 185 -54.01 22.31 14.37
CA VAL E 185 -54.39 22.98 13.13
C VAL E 185 -55.51 22.20 12.46
N PRO E 186 -56.73 22.74 12.39
CA PRO E 186 -57.81 22.04 11.69
C PRO E 186 -57.59 22.09 10.19
N VAL E 187 -57.91 20.97 9.52
CA VAL E 187 -57.64 20.84 8.09
C VAL E 187 -58.47 19.69 7.55
N THR E 188 -58.72 19.71 6.25
CA THR E 188 -59.40 18.67 5.50
C THR E 188 -58.43 17.96 4.58
N PRO E 189 -58.83 16.84 3.99
CA PRO E 189 -57.96 16.20 2.99
C PRO E 189 -58.02 16.93 1.66
N GLY E 190 -56.84 17.08 1.05
CA GLY E 190 -56.75 17.60 -0.31
C GLY E 190 -56.33 19.05 -0.44
N GLU E 191 -55.47 19.53 0.46
CA GLU E 191 -54.90 20.87 0.35
C GLU E 191 -53.49 20.83 0.92
N SER E 192 -52.95 22.00 1.25
CA SER E 192 -51.59 22.13 1.76
C SER E 192 -51.61 22.58 3.22
N VAL E 193 -50.58 22.16 3.95
CA VAL E 193 -50.39 22.52 5.35
C VAL E 193 -48.98 23.06 5.52
N SER E 194 -48.82 24.02 6.42
CA SER E 194 -47.58 24.79 6.58
C SER E 194 -47.15 24.84 8.04
N ILE E 195 -47.08 23.68 8.69
CA ILE E 195 -46.60 23.62 10.07
C ILE E 195 -45.24 24.30 10.17
N SER E 196 -45.05 25.08 11.24
CA SER E 196 -43.85 25.86 11.43
C SER E 196 -43.29 25.64 12.83
N CYS E 197 -42.00 25.92 12.98
CA CYS E 197 -41.31 25.75 14.24
C CYS E 197 -40.34 26.91 14.46
N ARG E 198 -39.95 27.09 15.72
CA ARG E 198 -39.03 28.15 16.06
C ARG E 198 -37.92 27.65 16.97
N SER E 199 -36.79 28.32 16.95
CA SER E 199 -35.63 27.95 17.75
C SER E 199 -35.10 29.19 18.47
N SER E 200 -34.57 28.97 19.67
CA SER E 200 -34.00 30.05 20.46
C SER E 200 -32.56 30.34 20.09
N LYS E 201 -31.92 29.49 19.29
CA LYS E 201 -30.54 29.71 18.87
C LYS E 201 -30.41 29.30 17.41
N SER E 202 -29.48 29.94 16.72
CA SER E 202 -29.24 29.66 15.31
C SER E 202 -28.69 28.25 15.16
N LEU E 203 -29.48 27.35 14.57
CA LEU E 203 -29.06 25.96 14.40
C LEU E 203 -28.07 25.77 13.27
N LEU E 204 -27.90 26.77 12.39
CA LEU E 204 -26.94 26.65 11.30
C LEU E 204 -25.52 26.61 11.86
N HIS E 205 -24.73 25.67 11.36
CA HIS E 205 -23.34 25.51 11.78
C HIS E 205 -22.40 26.06 10.73
N SER E 206 -21.14 26.23 11.14
CA SER E 206 -20.14 26.79 10.23
C SER E 206 -19.86 25.87 9.04
N ASN E 207 -20.05 24.56 9.22
CA ASN E 207 -19.74 23.63 8.14
C ASN E 207 -20.79 23.64 7.04
N GLY E 208 -21.99 24.16 7.31
CA GLY E 208 -23.06 24.26 6.33
C GLY E 208 -24.33 23.55 6.73
N ASN E 209 -24.21 22.52 7.56
CA ASN E 209 -25.40 21.79 7.99
C ASN E 209 -26.21 22.60 8.99
N THR E 210 -27.44 22.17 9.22
CA THR E 210 -28.34 22.87 10.14
C THR E 210 -28.80 22.02 11.31
N TYR E 211 -28.92 20.70 11.13
CA TYR E 211 -29.25 19.76 12.21
C TYR E 211 -30.64 20.05 12.78
N LEU E 212 -31.65 19.93 11.93
CA LEU E 212 -33.05 20.00 12.34
C LEU E 212 -33.79 18.79 11.80
N TYR E 213 -34.50 18.10 12.67
CA TYR E 213 -35.18 16.86 12.32
C TYR E 213 -36.68 17.01 12.52
N TRP E 214 -37.46 16.26 11.74
CA TRP E 214 -38.91 16.23 11.84
C TRP E 214 -39.38 14.81 12.07
N PHE E 215 -40.33 14.63 12.98
CA PHE E 215 -40.87 13.33 13.31
C PHE E 215 -42.40 13.36 13.26
N LEU E 216 -42.99 12.24 12.90
CA LEU E 216 -44.43 12.09 12.87
C LEU E 216 -44.82 10.87 13.69
N GLN E 217 -45.82 11.02 14.55
CA GLN E 217 -46.31 9.94 15.39
C GLN E 217 -47.79 9.70 15.09
N ARG E 218 -48.11 8.50 14.61
CA ARG E 218 -49.49 8.14 14.35
C ARG E 218 -50.19 7.85 15.68
N PRO E 219 -51.52 7.93 15.71
CA PRO E 219 -52.25 7.71 16.96
C PRO E 219 -52.22 6.25 17.41
N GLY E 220 -51.13 5.83 18.04
CA GLY E 220 -51.05 4.49 18.58
C GLY E 220 -49.79 3.74 18.17
N GLN E 221 -48.88 4.41 17.47
CA GLN E 221 -47.66 3.80 17.00
C GLN E 221 -46.46 4.64 17.42
N SER E 222 -45.28 4.06 17.26
CA SER E 222 -44.05 4.77 17.59
C SER E 222 -43.75 5.84 16.54
N PRO E 223 -43.01 6.88 16.91
CA PRO E 223 -42.67 7.92 15.95
C PRO E 223 -41.76 7.40 14.84
N GLN E 224 -41.82 8.07 13.69
CA GLN E 224 -40.98 7.71 12.56
C GLN E 224 -40.38 8.98 11.96
N LEU E 225 -39.18 8.83 11.41
CA LEU E 225 -38.46 9.97 10.85
C LEU E 225 -39.09 10.41 9.54
N LEU E 226 -39.15 11.72 9.33
CA LEU E 226 -39.65 12.28 8.07
C LEU E 226 -38.55 13.03 7.32
N ILE E 227 -37.95 14.05 7.94
CA ILE E 227 -36.94 14.87 7.31
C ILE E 227 -35.78 15.03 8.28
N TYR E 228 -34.56 14.88 7.78
CA TYR E 228 -33.36 15.15 8.57
C TYR E 228 -32.56 16.26 7.92
N ARG E 229 -32.07 17.19 8.74
CA ARG E 229 -31.29 18.35 8.30
C ARG E 229 -32.11 19.25 7.37
N MET E 230 -33.42 19.29 7.59
CA MET E 230 -34.36 20.25 7.02
C MET E 230 -34.65 20.02 5.53
N SER E 231 -33.88 19.17 4.87
CA SER E 231 -34.01 19.11 3.42
C SER E 231 -34.02 17.72 2.80
N ASN E 232 -33.92 16.64 3.57
CA ASN E 232 -33.76 15.31 3.01
C ASN E 232 -34.89 14.39 3.49
N LEU E 233 -35.55 13.74 2.54
CA LEU E 233 -36.53 12.71 2.88
C LEU E 233 -35.81 11.50 3.46
N ALA E 234 -36.50 10.76 4.32
CA ALA E 234 -35.78 9.83 5.19
C ALA E 234 -35.41 8.53 4.46
N SER E 235 -36.38 7.68 4.17
CA SER E 235 -36.08 6.48 3.40
C SER E 235 -37.10 6.19 2.32
N GLY E 236 -38.37 6.33 2.65
CA GLY E 236 -39.44 5.93 1.75
C GLY E 236 -40.68 6.80 1.86
N VAL E 237 -40.57 7.90 2.59
CA VAL E 237 -41.69 8.81 2.77
C VAL E 237 -42.04 9.42 1.42
N PRO E 238 -43.31 9.70 1.15
CA PRO E 238 -43.70 10.24 -0.15
C PRO E 238 -43.10 11.62 -0.39
N ASP E 239 -43.00 11.99 -1.66
CA ASP E 239 -42.40 13.25 -2.05
C ASP E 239 -43.24 14.47 -1.66
N ARG E 240 -44.44 14.25 -1.12
CA ARG E 240 -45.28 15.38 -0.72
C ARG E 240 -44.60 16.23 0.34
N PHE E 241 -43.98 15.59 1.34
CA PHE E 241 -43.35 16.33 2.41
C PHE E 241 -42.13 17.08 1.90
N SER E 242 -41.94 18.30 2.41
CA SER E 242 -40.77 19.10 2.08
C SER E 242 -40.46 20.01 3.26
N GLY E 243 -39.20 20.40 3.38
CA GLY E 243 -38.76 21.23 4.49
C GLY E 243 -37.88 22.37 4.04
N SER E 244 -37.96 23.46 4.78
CA SER E 244 -37.16 24.65 4.48
C SER E 244 -37.00 25.45 5.76
N GLY E 245 -36.06 26.39 5.74
CA GLY E 245 -35.81 27.21 6.90
C GLY E 245 -34.69 28.18 6.63
N SER E 246 -34.35 28.96 7.67
CA SER E 246 -33.33 29.99 7.57
C SER E 246 -32.35 29.96 8.74
N GLY E 247 -32.37 28.91 9.56
CA GLY E 247 -31.47 28.80 10.68
C GLY E 247 -32.09 29.15 12.02
N THR E 248 -33.20 29.89 12.03
CA THR E 248 -33.89 30.21 13.27
C THR E 248 -35.37 29.84 13.15
N ALA E 249 -35.94 30.05 11.97
CA ALA E 249 -37.34 29.73 11.69
C ALA E 249 -37.40 28.65 10.62
N PHE E 250 -38.23 27.63 10.86
CA PHE E 250 -38.35 26.49 9.98
C PHE E 250 -39.82 26.16 9.75
N THR E 251 -40.08 25.49 8.64
CA THR E 251 -41.45 25.13 8.29
C THR E 251 -41.46 23.79 7.57
N LEU E 252 -42.59 23.08 7.68
CA LEU E 252 -42.82 21.81 7.02
C LEU E 252 -44.07 21.92 6.16
N THR E 253 -43.98 21.41 4.93
CA THR E 253 -45.05 21.56 3.95
C THR E 253 -45.50 20.18 3.46
N ILE E 254 -46.81 19.97 3.42
CA ILE E 254 -47.42 18.76 2.87
C ILE E 254 -48.30 19.17 1.71
N SER E 255 -48.08 18.54 0.55
CA SER E 255 -48.80 18.95 -0.66
C SER E 255 -50.25 18.51 -0.62
N ARG E 256 -50.52 17.28 -0.19
CA ARG E 256 -51.87 16.75 -0.07
C ARG E 256 -51.94 15.83 1.15
N LEU E 257 -53.11 15.78 1.77
CA LEU E 257 -53.33 14.97 2.96
C LEU E 257 -54.38 13.90 2.70
N GLU E 258 -54.07 12.68 3.11
CA GLU E 258 -55.04 11.59 3.19
C GLU E 258 -55.21 11.20 4.65
N ALA E 259 -55.91 10.09 4.88
CA ALA E 259 -56.27 9.67 6.23
C ALA E 259 -55.06 9.28 7.08
N GLU E 260 -53.89 9.08 6.50
CA GLU E 260 -52.74 8.60 7.26
C GLU E 260 -51.81 9.73 7.72
N ASP E 261 -52.09 10.98 7.37
CA ASP E 261 -51.34 12.12 7.86
C ASP E 261 -51.87 12.63 9.20
N VAL E 262 -52.71 11.85 9.88
CA VAL E 262 -53.30 12.26 11.15
C VAL E 262 -52.34 11.85 12.27
N GLY E 263 -51.90 12.83 13.05
CA GLY E 263 -50.99 12.55 14.14
C GLY E 263 -50.41 13.84 14.68
N VAL E 264 -49.33 13.68 15.45
CA VAL E 264 -48.62 14.79 16.06
C VAL E 264 -47.27 14.92 15.40
N TYR E 265 -46.92 16.14 14.98
CA TYR E 265 -45.67 16.41 14.29
C TYR E 265 -44.70 17.07 15.28
N TYR E 266 -43.57 16.42 15.53
CA TYR E 266 -42.58 16.90 16.48
C TYR E 266 -41.39 17.50 15.76
N CYS E 267 -40.50 18.09 16.54
CA CYS E 267 -39.29 18.72 16.04
C CYS E 267 -38.12 18.27 16.90
N MET E 268 -36.90 18.57 16.44
CA MET E 268 -35.71 18.22 17.19
C MET E 268 -34.54 19.08 16.71
N GLN E 269 -33.51 19.13 17.53
CA GLN E 269 -32.27 19.81 17.21
C GLN E 269 -31.11 18.90 17.56
N HIS E 270 -29.98 19.09 16.87
CA HIS E 270 -28.82 18.24 17.09
C HIS E 270 -27.52 19.04 17.09
N LEU E 271 -27.59 20.33 17.43
CA LEU E 271 -26.38 21.15 17.44
C LEU E 271 -25.58 20.93 18.72
N GLU E 272 -26.16 21.27 19.86
CA GLU E 272 -25.58 20.98 21.16
C GLU E 272 -26.26 19.75 21.74
N TYR E 273 -25.47 18.90 22.39
CA TYR E 273 -25.93 17.53 22.60
C TYR E 273 -27.19 17.39 23.45
N PRO E 274 -27.40 18.12 24.54
CA PRO E 274 -28.71 18.01 25.23
C PRO E 274 -29.84 18.24 24.25
N LEU E 275 -30.60 17.19 23.95
CA LEU E 275 -31.57 17.22 22.87
C LEU E 275 -32.92 17.68 23.39
N THR E 276 -33.52 18.65 22.70
CA THR E 276 -34.82 19.20 23.05
C THR E 276 -35.77 19.00 21.89
N PHE E 277 -36.97 18.50 22.17
CA PHE E 277 -37.91 18.13 21.12
C PHE E 277 -38.89 19.25 20.79
N GLY E 278 -39.70 19.66 21.77
CA GLY E 278 -40.75 20.62 21.52
C GLY E 278 -42.13 20.05 21.80
N ALA E 279 -43.12 20.93 21.98
CA ALA E 279 -44.45 20.47 22.35
C ALA E 279 -45.08 19.62 21.27
N GLY E 280 -44.95 20.02 20.03
CA GLY E 280 -45.54 19.27 18.92
C GLY E 280 -46.85 19.87 18.47
N THR E 281 -47.17 19.66 17.20
CA THR E 281 -48.39 20.14 16.58
C THR E 281 -49.23 18.97 16.12
N LYS E 282 -50.52 18.98 16.44
CA LYS E 282 -51.42 17.88 16.16
C LYS E 282 -52.32 18.23 14.99
N LEU E 283 -52.42 17.30 14.03
CA LEU E 283 -53.32 17.44 12.89
C LEU E 283 -54.44 16.42 13.04
N GLU E 284 -55.67 16.90 12.98
CA GLU E 284 -56.83 16.03 13.14
C GLU E 284 -57.87 16.26 12.04
N GLN F 1 1.90 2.47 -38.20
CA GLN F 1 2.01 1.64 -37.01
C GLN F 1 3.23 0.73 -37.08
N VAL F 2 3.45 -0.04 -36.01
CA VAL F 2 4.59 -0.94 -35.97
C VAL F 2 4.33 -2.13 -36.89
N GLN F 3 5.29 -2.41 -37.76
CA GLN F 3 5.17 -3.53 -38.69
C GLN F 3 6.55 -4.06 -39.02
N LEU F 4 6.63 -5.38 -39.16
CA LEU F 4 7.89 -6.06 -39.47
C LEU F 4 7.67 -6.94 -40.70
N GLN F 5 8.57 -6.83 -41.68
CA GLN F 5 8.45 -7.56 -42.93
C GLN F 5 9.67 -8.45 -43.10
N GLU F 6 9.42 -9.71 -43.47
CA GLU F 6 10.48 -10.69 -43.64
C GLU F 6 10.95 -10.74 -45.08
N SER F 7 12.03 -11.50 -45.31
CA SER F 7 12.60 -11.65 -46.63
C SER F 7 13.65 -12.76 -46.59
N GLY F 8 14.13 -13.15 -47.77
CA GLY F 8 15.23 -14.07 -47.90
C GLY F 8 14.89 -15.55 -47.87
N GLY F 9 13.60 -15.90 -47.83
CA GLY F 9 13.24 -17.30 -47.77
C GLY F 9 13.40 -18.01 -49.10
N GLY F 10 13.61 -19.32 -49.01
CA GLY F 10 13.74 -20.14 -50.21
C GLY F 10 14.12 -21.55 -49.84
N LEU F 11 14.18 -22.39 -50.86
CA LEU F 11 14.57 -23.80 -50.70
C LEU F 11 16.05 -23.94 -50.98
N VAL F 12 16.76 -24.64 -50.10
CA VAL F 12 18.20 -24.82 -50.20
C VAL F 12 18.54 -26.28 -49.97
N GLN F 13 19.50 -26.79 -50.72
CA GLN F 13 19.98 -28.14 -50.52
C GLN F 13 20.72 -28.26 -49.19
N PRO F 14 20.78 -29.46 -48.60
CA PRO F 14 21.49 -29.61 -47.33
C PRO F 14 22.95 -29.20 -47.44
N GLY F 15 23.45 -28.57 -46.38
CA GLY F 15 24.80 -28.03 -46.37
C GLY F 15 24.94 -26.68 -47.01
N GLY F 16 23.86 -26.08 -47.51
CA GLY F 16 23.91 -24.78 -48.15
C GLY F 16 23.87 -23.65 -47.15
N SER F 17 23.71 -22.45 -47.70
CA SER F 17 23.68 -21.23 -46.90
C SER F 17 22.52 -20.34 -47.35
N LEU F 18 22.03 -19.53 -46.43
CA LEU F 18 20.94 -18.60 -46.72
C LEU F 18 21.10 -17.36 -45.86
N ARG F 19 20.49 -16.27 -46.33
CA ARG F 19 20.49 -15.00 -45.61
C ARG F 19 19.06 -14.51 -45.46
N LEU F 20 18.69 -14.11 -44.25
CA LEU F 20 17.36 -13.61 -43.95
C LEU F 20 17.45 -12.16 -43.50
N SER F 21 16.55 -11.33 -44.01
CA SER F 21 16.52 -9.91 -43.68
C SER F 21 15.14 -9.53 -43.16
N CYS F 22 15.10 -8.79 -42.06
CA CYS F 22 13.87 -8.28 -41.48
C CYS F 22 13.89 -6.77 -41.55
N ALA F 23 12.87 -6.18 -42.15
CA ALA F 23 12.76 -4.74 -42.31
C ALA F 23 11.74 -4.19 -41.33
N ALA F 24 12.14 -3.16 -40.58
CA ALA F 24 11.32 -2.60 -39.51
C ALA F 24 10.96 -1.15 -39.82
N SER F 25 9.78 -0.74 -39.36
CA SER F 25 9.32 0.62 -39.52
C SER F 25 8.29 0.93 -38.45
N GLY F 26 8.04 2.22 -38.24
CA GLY F 26 7.05 2.66 -37.29
C GLY F 26 7.53 2.78 -35.86
N PHE F 27 8.80 2.53 -35.58
CA PHE F 27 9.33 2.67 -34.23
C PHE F 27 10.82 2.93 -34.31
N THR F 28 11.37 3.45 -33.21
CA THR F 28 12.79 3.73 -33.12
C THR F 28 13.54 2.42 -32.94
N PHE F 29 14.13 1.93 -34.03
CA PHE F 29 14.77 0.62 -34.03
C PHE F 29 15.96 0.55 -33.07
N SER F 30 16.61 1.68 -32.80
CA SER F 30 17.83 1.66 -31.99
C SER F 30 17.55 1.43 -30.51
N ASN F 31 16.31 1.62 -30.05
CA ASN F 31 15.98 1.52 -28.64
C ASN F 31 15.45 0.15 -28.25
N TYR F 32 15.34 -0.79 -29.18
CA TYR F 32 14.70 -2.07 -28.91
C TYR F 32 15.65 -3.23 -29.16
N LYS F 33 15.37 -4.34 -28.49
CA LYS F 33 16.14 -5.57 -28.61
C LYS F 33 15.39 -6.52 -29.53
N MET F 34 16.09 -7.07 -30.51
CA MET F 34 15.46 -7.87 -31.55
C MET F 34 15.76 -9.36 -31.36
N ASN F 35 14.81 -10.20 -31.78
CA ASN F 35 14.90 -11.64 -31.62
C ASN F 35 14.62 -12.33 -32.94
N TRP F 36 14.98 -13.61 -33.00
CA TRP F 36 14.63 -14.49 -34.11
C TRP F 36 13.97 -15.74 -33.54
N VAL F 37 12.80 -16.10 -34.07
CA VAL F 37 12.08 -17.28 -33.62
C VAL F 37 11.64 -18.07 -34.83
N ARG F 38 11.32 -19.35 -34.59
CA ARG F 38 10.88 -20.24 -35.64
C ARG F 38 9.84 -21.21 -35.09
N GLN F 39 9.04 -21.78 -35.99
CA GLN F 39 7.94 -22.67 -35.63
C GLN F 39 8.01 -23.91 -36.52
N ALA F 40 8.51 -25.01 -35.96
CA ALA F 40 8.62 -26.25 -36.71
C ALA F 40 7.22 -26.80 -37.01
N PRO F 41 7.06 -27.55 -38.09
CA PRO F 41 5.75 -28.14 -38.41
C PRO F 41 5.27 -29.05 -37.27
N GLY F 42 4.02 -28.84 -36.87
CA GLY F 42 3.46 -29.62 -35.78
C GLY F 42 4.08 -29.36 -34.43
N LYS F 43 4.75 -28.22 -34.26
CA LYS F 43 5.42 -27.88 -33.01
C LYS F 43 5.19 -26.41 -32.69
N GLY F 44 5.39 -26.05 -31.43
CA GLY F 44 5.20 -24.70 -30.99
C GLY F 44 6.37 -23.80 -31.33
N LEU F 45 6.22 -22.52 -30.99
CA LEU F 45 7.27 -21.55 -31.25
C LEU F 45 8.51 -21.87 -30.40
N GLU F 46 9.68 -21.61 -30.98
CA GLU F 46 10.94 -21.86 -30.30
C GLU F 46 11.88 -20.69 -30.52
N TRP F 47 12.46 -20.19 -29.43
CA TRP F 47 13.43 -19.11 -29.53
C TRP F 47 14.72 -19.59 -30.18
N VAL F 48 15.32 -18.74 -31.01
CA VAL F 48 16.53 -19.08 -31.75
C VAL F 48 17.71 -18.20 -31.32
N SER F 49 17.59 -16.89 -31.48
CA SER F 49 18.69 -16.00 -31.14
C SER F 49 18.15 -14.59 -30.92
N ASP F 50 18.98 -13.77 -30.29
CA ASP F 50 18.64 -12.37 -30.04
C ASP F 50 19.92 -11.56 -29.96
N ILE F 51 19.78 -10.25 -30.21
CA ILE F 51 20.91 -9.34 -30.18
C ILE F 51 20.47 -8.05 -29.49
N SER F 52 21.33 -7.53 -28.61
CA SER F 52 21.02 -6.31 -27.88
C SER F 52 20.92 -5.12 -28.84
N GLN F 53 20.44 -3.99 -28.30
CA GLN F 53 20.24 -2.81 -29.12
C GLN F 53 21.54 -2.14 -29.54
N SER F 54 22.67 -2.53 -28.96
CA SER F 54 23.96 -1.97 -29.32
C SER F 54 24.84 -2.93 -30.09
N GLY F 55 24.43 -4.20 -30.24
CA GLY F 55 25.25 -5.19 -30.91
C GLY F 55 26.31 -5.82 -30.04
N ALA F 56 26.31 -5.56 -28.74
CA ALA F 56 27.36 -6.10 -27.87
C ALA F 56 27.03 -7.51 -27.39
N SER F 57 25.80 -7.74 -26.95
CA SER F 57 25.41 -9.02 -26.35
C SER F 57 24.66 -9.85 -27.39
N ILE F 58 25.28 -10.96 -27.81
CA ILE F 58 24.68 -11.89 -28.77
C ILE F 58 24.47 -13.21 -28.06
N SER F 59 23.27 -13.78 -28.21
CA SER F 59 22.94 -15.07 -27.63
C SER F 59 22.44 -16.01 -28.71
N TYR F 60 22.71 -17.31 -28.52
CA TYR F 60 22.32 -18.34 -29.46
C TYR F 60 21.73 -19.52 -28.70
N THR F 61 20.87 -20.27 -29.38
CA THR F 61 20.39 -21.53 -28.82
C THR F 61 21.41 -22.63 -29.05
N GLY F 62 21.27 -23.71 -28.29
CA GLY F 62 22.27 -24.77 -28.35
C GLY F 62 22.32 -25.47 -29.70
N SER F 63 21.16 -25.69 -30.32
CA SER F 63 21.11 -26.47 -31.55
C SER F 63 21.86 -25.78 -32.69
N VAL F 64 21.74 -24.46 -32.81
CA VAL F 64 22.30 -23.74 -33.94
C VAL F 64 23.62 -23.05 -33.60
N LYS F 65 24.11 -23.19 -32.37
CA LYS F 65 25.35 -22.53 -31.99
C LYS F 65 26.51 -23.00 -32.86
N GLY F 66 27.33 -22.05 -33.29
CA GLY F 66 28.44 -22.35 -34.18
C GLY F 66 28.08 -22.39 -35.65
N ARG F 67 26.81 -22.22 -36.00
CA ARG F 67 26.38 -22.24 -37.39
C ARG F 67 25.80 -20.90 -37.83
N PHE F 68 24.84 -20.36 -37.08
CA PHE F 68 24.15 -19.15 -37.47
C PHE F 68 24.88 -17.92 -36.95
N THR F 69 24.73 -16.81 -37.68
CA THR F 69 25.30 -15.53 -37.29
C THR F 69 24.21 -14.48 -37.35
N ILE F 70 24.07 -13.70 -36.29
CA ILE F 70 23.05 -12.66 -36.19
C ILE F 70 23.73 -11.30 -36.13
N SER F 71 23.18 -10.33 -36.83
CA SER F 71 23.71 -8.97 -36.82
C SER F 71 22.59 -8.00 -37.13
N ARG F 72 22.77 -6.77 -36.67
CA ARG F 72 21.80 -5.70 -36.91
C ARG F 72 22.53 -4.45 -37.38
N ASP F 73 21.83 -3.63 -38.16
CA ASP F 73 22.37 -2.39 -38.69
C ASP F 73 21.36 -1.30 -38.41
N ASN F 74 21.70 -0.39 -37.50
CA ASN F 74 20.77 0.64 -37.08
C ASN F 74 20.54 1.71 -38.13
N ALA F 75 21.49 1.89 -39.06
CA ALA F 75 21.38 2.94 -40.05
C ALA F 75 20.28 2.65 -41.06
N LYS F 76 20.24 1.43 -41.57
CA LYS F 76 19.31 1.05 -42.63
C LYS F 76 18.06 0.36 -42.11
N ASN F 77 17.88 0.31 -40.79
CA ASN F 77 16.63 -0.15 -40.18
C ASN F 77 16.34 -1.61 -40.53
N THR F 78 17.36 -2.47 -40.41
CA THR F 78 17.25 -3.83 -40.91
C THR F 78 17.97 -4.79 -39.96
N LEU F 79 17.38 -5.98 -39.79
CA LEU F 79 17.95 -7.05 -38.99
C LEU F 79 18.38 -8.20 -39.90
N TYR F 80 19.55 -8.77 -39.62
CA TYR F 80 20.13 -9.81 -40.46
C TYR F 80 20.31 -11.11 -39.67
N LEU F 81 20.22 -12.22 -40.39
CA LEU F 81 20.51 -13.54 -39.83
C LEU F 81 21.11 -14.40 -40.95
N GLN F 82 22.35 -14.82 -40.73
CA GLN F 82 23.02 -15.66 -41.71
C GLN F 82 22.99 -17.10 -41.26
N MET F 83 22.65 -17.99 -42.17
CA MET F 83 22.60 -19.41 -41.88
C MET F 83 23.58 -20.16 -42.77
N ASN F 84 24.36 -21.05 -42.17
CA ASN F 84 25.36 -21.83 -42.88
C ASN F 84 25.21 -23.30 -42.51
N SER F 85 25.46 -24.17 -43.49
CA SER F 85 25.46 -25.62 -43.30
C SER F 85 24.13 -26.11 -42.73
N LEU F 86 23.08 -25.93 -43.52
CA LEU F 86 21.75 -26.32 -43.10
C LEU F 86 21.62 -27.84 -43.05
N LYS F 87 20.69 -28.31 -42.24
CA LYS F 87 20.37 -29.72 -42.07
C LYS F 87 18.89 -29.94 -42.36
N PRO F 88 18.50 -31.20 -42.64
CA PRO F 88 17.08 -31.46 -42.92
C PRO F 88 16.15 -31.15 -41.76
N GLU F 89 16.68 -30.95 -40.54
CA GLU F 89 15.82 -30.75 -39.38
C GLU F 89 15.22 -29.35 -39.36
N ASP F 90 16.05 -28.32 -39.45
CA ASP F 90 15.57 -26.95 -39.27
C ASP F 90 14.95 -26.39 -40.55
N THR F 91 13.71 -26.78 -40.85
CA THR F 91 13.00 -26.27 -42.00
C THR F 91 11.71 -25.59 -41.57
N ALA F 92 11.79 -24.76 -40.53
CA ALA F 92 10.62 -24.14 -39.93
C ALA F 92 10.32 -22.79 -40.59
N VAL F 93 9.20 -22.20 -40.17
CA VAL F 93 8.85 -20.85 -40.58
C VAL F 93 9.48 -19.86 -39.61
N TYR F 94 10.19 -18.87 -40.14
CA TYR F 94 11.00 -17.97 -39.34
C TYR F 94 10.33 -16.61 -39.21
N TYR F 95 10.41 -16.04 -38.01
CA TYR F 95 9.86 -14.74 -37.69
C TYR F 95 10.93 -13.87 -37.06
N CYS F 96 10.82 -12.55 -37.26
CA CYS F 96 11.62 -11.58 -36.54
C CYS F 96 10.72 -10.89 -35.53
N ALA F 97 11.11 -10.90 -34.26
CA ALA F 97 10.28 -10.39 -33.17
C ALA F 97 11.00 -9.25 -32.46
N ARG F 98 10.22 -8.37 -31.85
CA ARG F 98 10.73 -7.23 -31.11
C ARG F 98 10.25 -7.30 -29.66
N CYS F 99 11.17 -7.01 -28.74
CA CYS F 99 10.81 -6.99 -27.34
C CYS F 99 9.86 -5.82 -27.06
N PRO F 100 8.91 -5.99 -26.13
CA PRO F 100 7.86 -4.99 -25.95
C PRO F 100 8.35 -3.60 -25.54
N ALA F 101 9.11 -3.51 -24.46
CA ALA F 101 9.43 -2.18 -24.02
C ALA F 101 10.89 -1.83 -24.34
N PRO F 102 11.17 -0.56 -24.62
CA PRO F 102 12.55 -0.16 -24.90
C PRO F 102 13.36 0.03 -23.62
N PHE F 103 14.68 0.07 -23.80
CA PHE F 103 15.63 0.29 -22.71
C PHE F 103 15.46 -0.75 -21.60
N THR F 104 15.14 -1.98 -21.99
CA THR F 104 14.89 -3.05 -21.03
C THR F 104 15.80 -4.23 -21.36
N ARG F 105 16.46 -4.78 -20.33
CA ARG F 105 17.40 -5.86 -20.55
C ARG F 105 16.71 -7.10 -21.10
N ASP F 106 15.56 -7.47 -20.56
CA ASP F 106 14.85 -8.67 -20.96
C ASP F 106 13.63 -8.32 -21.81
N CYS F 107 12.85 -9.34 -22.14
CA CYS F 107 11.56 -9.14 -22.77
C CYS F 107 10.75 -10.42 -22.67
N PHE F 108 9.48 -10.28 -22.33
CA PHE F 108 8.57 -11.39 -22.13
C PHE F 108 7.80 -11.70 -23.41
N ASP F 109 7.19 -12.88 -23.44
CA ASP F 109 6.11 -13.21 -24.36
C ASP F 109 6.53 -13.14 -25.82
N VAL F 110 7.82 -13.28 -26.12
CA VAL F 110 8.27 -13.22 -27.50
C VAL F 110 7.75 -14.39 -28.30
N THR F 111 7.77 -15.59 -27.71
CA THR F 111 7.31 -16.80 -28.38
C THR F 111 5.90 -17.18 -27.99
N SER F 112 5.05 -16.19 -27.74
CA SER F 112 3.66 -16.45 -27.39
C SER F 112 2.88 -16.96 -28.59
N THR F 113 1.71 -17.52 -28.33
CA THR F 113 0.86 -18.02 -29.40
C THR F 113 0.43 -16.89 -30.32
N THR F 114 0.11 -15.75 -29.72
CA THR F 114 -0.26 -14.56 -30.47
C THR F 114 0.55 -13.40 -29.92
N TYR F 115 1.24 -12.67 -30.78
CA TYR F 115 2.07 -11.55 -30.37
C TYR F 115 1.87 -10.40 -31.33
N ALA F 116 1.77 -9.19 -30.78
CA ALA F 116 1.45 -8.02 -31.59
C ALA F 116 2.64 -7.53 -32.41
N TYR F 117 3.85 -7.67 -31.88
CA TYR F 117 5.05 -7.11 -32.49
C TYR F 117 5.91 -8.18 -33.17
N ARG F 118 5.25 -9.15 -33.80
CA ARG F 118 5.94 -10.21 -34.54
C ARG F 118 5.68 -10.05 -36.04
N GLY F 119 6.61 -10.56 -36.83
CA GLY F 119 6.52 -10.42 -38.27
C GLY F 119 5.53 -11.37 -38.91
N GLN F 120 5.38 -11.22 -40.22
CA GLN F 120 4.46 -12.07 -40.97
C GLN F 120 4.96 -13.50 -41.06
N GLY F 121 6.21 -13.68 -41.43
CA GLY F 121 6.82 -15.00 -41.48
C GLY F 121 7.58 -15.24 -42.77
N THR F 122 8.43 -16.27 -42.74
CA THR F 122 9.21 -16.71 -43.89
C THR F 122 9.28 -18.23 -43.90
N GLN F 123 9.02 -18.83 -45.05
CA GLN F 123 9.07 -20.27 -45.21
C GLN F 123 10.41 -20.66 -45.84
N VAL F 124 11.17 -21.48 -45.12
CA VAL F 124 12.43 -22.03 -45.62
C VAL F 124 12.40 -23.54 -45.42
N THR F 125 12.73 -24.25 -46.49
CA THR F 125 12.73 -25.70 -46.44
C THR F 125 14.02 -26.28 -46.98
N VAL F 126 14.48 -27.36 -46.38
CA VAL F 126 15.70 -28.04 -46.79
C VAL F 126 15.33 -29.46 -47.19
N SER F 127 15.59 -29.81 -48.45
CA SER F 127 15.25 -31.13 -48.95
C SER F 127 16.13 -31.42 -50.17
N SER F 128 16.18 -32.70 -50.53
CA SER F 128 16.98 -33.14 -51.67
C SER F 128 16.06 -33.52 -52.84
#